data_5KM6
# 
_entry.id   5KM6 
# 
_audit_conform.dict_name       mmcif_pdbx.dic 
_audit_conform.dict_version    5.379 
_audit_conform.dict_location   http://mmcif.pdb.org/dictionaries/ascii/mmcif_pdbx.dic 
# 
loop_
_database_2.database_id 
_database_2.database_code 
_database_2.pdbx_database_accession 
_database_2.pdbx_DOI 
PDB   5KM6         pdb_00005km6 10.2210/pdb5km6/pdb 
WWPDB D_1000222216 ?            ?                   
# 
loop_
_pdbx_database_related.db_name 
_pdbx_database_related.details 
_pdbx_database_related.db_id 
_pdbx_database_related.content_type 
PDB . 3TW2 unspecified 
PDB . 5IPB unspecified 
PDB . 5IPC unspecified 
PDB . 5IPD unspecified 
PDB . 5IPE unspecified 
PDB . 5KLY unspecified 
PDB . 5KLZ unspecified 
PDB . 5KM0 unspecified 
PDB . 5KM1 unspecified 
PDB . 5KM2 unspecified 
PDB . 5KM3 unspecified 
PDB . 5KM4 unspecified 
PDB . 5KM5 unspecified 
PDB . 5KM7 unspecified 
PDB . 5KM8 unspecified 
PDB . 5KM9 unspecified 
PDB . 5KMA unspecified 
PDB . 5KMB unspecified 
PDB . 5KMC unspecified 
# 
_pdbx_database_status.status_code                     REL 
_pdbx_database_status.status_code_sf                  REL 
_pdbx_database_status.status_code_mr                  ? 
_pdbx_database_status.entry_id                        5KM6 
_pdbx_database_status.recvd_initial_deposition_date   2016-06-26 
_pdbx_database_status.SG_entry                        N 
_pdbx_database_status.deposit_site                    RCSB 
_pdbx_database_status.process_site                    RCSB 
_pdbx_database_status.status_code_cs                  ? 
_pdbx_database_status.methods_development_category    ? 
_pdbx_database_status.pdb_format_compatible           Y 
_pdbx_database_status.status_code_nmr_data            ? 
# 
loop_
_audit_author.name 
_audit_author.pdbx_ordinal 
'Maize, K.M.'  1 
'Finzel, B.C.' 2 
# 
_citation.abstract                  ? 
_citation.abstract_id_CAS           ? 
_citation.book_id_ISBN              ? 
_citation.book_publisher            ? 
_citation.book_publisher_city       ? 
_citation.book_title                ? 
_citation.coordinate_linkage        ? 
_citation.country                   US 
_citation.database_id_Medline       ? 
_citation.details                   ? 
_citation.id                        primary 
_citation.journal_abbrev            'Mol. Pharm.' 
_citation.journal_id_ASTM           ? 
_citation.journal_id_CSD            ? 
_citation.journal_id_ISSN           1543-8392 
_citation.journal_full              ? 
_citation.journal_issue             ? 
_citation.journal_volume            14 
_citation.language                  ? 
_citation.page_first                3987 
_citation.page_last                 3997 
_citation.title                     
'A Crystal Structure Based Guide to the Design of Human Histidine Triad Nucleotide Binding Protein 1 (hHint1) Activated ProTides.' 
_citation.year                      2017 
_citation.database_id_CSD           ? 
_citation.pdbx_database_id_DOI      10.1021/acs.molpharmaceut.7b00664 
_citation.pdbx_database_id_PubMed   28968488 
_citation.unpublished_flag          ? 
# 
loop_
_citation_author.citation_id 
_citation_author.name 
_citation_author.ordinal 
_citation_author.identifier_ORCID 
primary 'Maize, K.M.'       1 ? 
primary 'Shah, R.'          2 ? 
primary 'Strom, A.'         3 ? 
primary 'Kumarapperuma, S.' 4 ? 
primary 'Zhou, A.'          5 ? 
primary 'Wagner, C.R.'      6 ? 
primary 'Finzel, B.C.'      7 ? 
# 
_cell.angle_alpha                  90.000 
_cell.angle_alpha_esd              ? 
_cell.angle_beta                   90.000 
_cell.angle_beta_esd               ? 
_cell.angle_gamma                  90.000 
_cell.angle_gamma_esd              ? 
_cell.entry_id                     5KM6 
_cell.details                      ? 
_cell.formula_units_Z              ? 
_cell.length_a                     40.163 
_cell.length_a_esd                 ? 
_cell.length_b                     40.163 
_cell.length_b_esd                 ? 
_cell.length_c                     144.239 
_cell.length_c_esd                 ? 
_cell.volume                       ? 
_cell.volume_esd                   ? 
_cell.Z_PDB                        8 
_cell.reciprocal_angle_alpha       ? 
_cell.reciprocal_angle_beta        ? 
_cell.reciprocal_angle_gamma       ? 
_cell.reciprocal_angle_alpha_esd   ? 
_cell.reciprocal_angle_beta_esd    ? 
_cell.reciprocal_angle_gamma_esd   ? 
_cell.reciprocal_length_a          ? 
_cell.reciprocal_length_b          ? 
_cell.reciprocal_length_c          ? 
_cell.reciprocal_length_a_esd      ? 
_cell.reciprocal_length_b_esd      ? 
_cell.reciprocal_length_c_esd      ? 
_cell.pdbx_unique_axis             ? 
# 
_symmetry.entry_id                         5KM6 
_symmetry.cell_setting                     ? 
_symmetry.Int_Tables_number                96 
_symmetry.space_group_name_Hall            ? 
_symmetry.space_group_name_H-M             'P 43 21 2' 
_symmetry.pdbx_full_space_group_name_H-M   ? 
# 
loop_
_entity.id 
_entity.type 
_entity.src_method 
_entity.pdbx_description 
_entity.formula_weight 
_entity.pdbx_number_of_molecules 
_entity.pdbx_ec 
_entity.pdbx_mutation 
_entity.pdbx_fragment 
_entity.details 
1 polymer     man 'Histidine triad nucleotide-binding protein 1' 14072.145 1  3.-.-.- H112N ? ? 
2 non-polymer syn 
;[(2~{R},3~{S},4~{S},5~{R})-5-(6-aminopurin-9-yl)-3,4-bis(oxidanyl)oxolan-2-yl]methoxy-~{N}-[2-(1~{H}-indol-3-yl)ethyl]phosphonamidic acid
;
489.422   1  ?       ?     ? ? 
3 water       nat water 18.015    92 ?       ?     ? ? 
# 
_entity_name_com.entity_id   1 
_entity_name_com.name        
;Adenosine 5'-monophosphoramidase
;
# 
_entity_poly.entity_id                      1 
_entity_poly.type                           'polypeptide(L)' 
_entity_poly.nstd_linkage                   no 
_entity_poly.nstd_monomer                   no 
_entity_poly.pdbx_seq_one_letter_code       
;SNAMADEIAKAQVARPGGDTIFGKIIRKEIPAKIIFEDDRCLAFHDISPQAPTHFLVIPKKHISQISVAEDDDESLLGHL
MIVGKKCAADLGLNKGYRMVVNEGSDGGQSVYHVNLHVLGGRQMHWPPG
;
_entity_poly.pdbx_seq_one_letter_code_can   
;SNAMADEIAKAQVARPGGDTIFGKIIRKEIPAKIIFEDDRCLAFHDISPQAPTHFLVIPKKHISQISVAEDDDESLLGHL
MIVGKKCAADLGLNKGYRMVVNEGSDGGQSVYHVNLHVLGGRQMHWPPG
;
_entity_poly.pdbx_strand_id                 A 
_entity_poly.pdbx_target_identifier         ? 
# 
loop_
_entity_poly_seq.entity_id 
_entity_poly_seq.num 
_entity_poly_seq.mon_id 
_entity_poly_seq.hetero 
1 1   SER n 
1 2   ASN n 
1 3   ALA n 
1 4   MET n 
1 5   ALA n 
1 6   ASP n 
1 7   GLU n 
1 8   ILE n 
1 9   ALA n 
1 10  LYS n 
1 11  ALA n 
1 12  GLN n 
1 13  VAL n 
1 14  ALA n 
1 15  ARG n 
1 16  PRO n 
1 17  GLY n 
1 18  GLY n 
1 19  ASP n 
1 20  THR n 
1 21  ILE n 
1 22  PHE n 
1 23  GLY n 
1 24  LYS n 
1 25  ILE n 
1 26  ILE n 
1 27  ARG n 
1 28  LYS n 
1 29  GLU n 
1 30  ILE n 
1 31  PRO n 
1 32  ALA n 
1 33  LYS n 
1 34  ILE n 
1 35  ILE n 
1 36  PHE n 
1 37  GLU n 
1 38  ASP n 
1 39  ASP n 
1 40  ARG n 
1 41  CYS n 
1 42  LEU n 
1 43  ALA n 
1 44  PHE n 
1 45  HIS n 
1 46  ASP n 
1 47  ILE n 
1 48  SER n 
1 49  PRO n 
1 50  GLN n 
1 51  ALA n 
1 52  PRO n 
1 53  THR n 
1 54  HIS n 
1 55  PHE n 
1 56  LEU n 
1 57  VAL n 
1 58  ILE n 
1 59  PRO n 
1 60  LYS n 
1 61  LYS n 
1 62  HIS n 
1 63  ILE n 
1 64  SER n 
1 65  GLN n 
1 66  ILE n 
1 67  SER n 
1 68  VAL n 
1 69  ALA n 
1 70  GLU n 
1 71  ASP n 
1 72  ASP n 
1 73  ASP n 
1 74  GLU n 
1 75  SER n 
1 76  LEU n 
1 77  LEU n 
1 78  GLY n 
1 79  HIS n 
1 80  LEU n 
1 81  MET n 
1 82  ILE n 
1 83  VAL n 
1 84  GLY n 
1 85  LYS n 
1 86  LYS n 
1 87  CYS n 
1 88  ALA n 
1 89  ALA n 
1 90  ASP n 
1 91  LEU n 
1 92  GLY n 
1 93  LEU n 
1 94  ASN n 
1 95  LYS n 
1 96  GLY n 
1 97  TYR n 
1 98  ARG n 
1 99  MET n 
1 100 VAL n 
1 101 VAL n 
1 102 ASN n 
1 103 GLU n 
1 104 GLY n 
1 105 SER n 
1 106 ASP n 
1 107 GLY n 
1 108 GLY n 
1 109 GLN n 
1 110 SER n 
1 111 VAL n 
1 112 TYR n 
1 113 HIS n 
1 114 VAL n 
1 115 ASN n 
1 116 LEU n 
1 117 HIS n 
1 118 VAL n 
1 119 LEU n 
1 120 GLY n 
1 121 GLY n 
1 122 ARG n 
1 123 GLN n 
1 124 MET n 
1 125 HIS n 
1 126 TRP n 
1 127 PRO n 
1 128 PRO n 
1 129 GLY n 
# 
_entity_src_gen.entity_id                          1 
_entity_src_gen.pdbx_src_id                        1 
_entity_src_gen.pdbx_alt_source_flag               sample 
_entity_src_gen.pdbx_seq_type                      'Biological sequence' 
_entity_src_gen.pdbx_beg_seq_num                   1 
_entity_src_gen.pdbx_end_seq_num                   129 
_entity_src_gen.gene_src_common_name               Human 
_entity_src_gen.gene_src_genus                     ? 
_entity_src_gen.pdbx_gene_src_gene                 'HINT1, HINT' 
_entity_src_gen.gene_src_species                   ? 
_entity_src_gen.gene_src_strain                    ? 
_entity_src_gen.gene_src_tissue                    ? 
_entity_src_gen.gene_src_tissue_fraction           ? 
_entity_src_gen.gene_src_details                   ? 
_entity_src_gen.pdbx_gene_src_fragment             ? 
_entity_src_gen.pdbx_gene_src_scientific_name      'Homo sapiens' 
_entity_src_gen.pdbx_gene_src_ncbi_taxonomy_id     9606 
_entity_src_gen.pdbx_gene_src_variant              ? 
_entity_src_gen.pdbx_gene_src_cell_line            ? 
_entity_src_gen.pdbx_gene_src_atcc                 ? 
_entity_src_gen.pdbx_gene_src_organ                ? 
_entity_src_gen.pdbx_gene_src_organelle            ? 
_entity_src_gen.pdbx_gene_src_cell                 ? 
_entity_src_gen.pdbx_gene_src_cellular_location    ? 
_entity_src_gen.host_org_common_name               ? 
_entity_src_gen.pdbx_host_org_scientific_name      'Escherichia coli' 
_entity_src_gen.pdbx_host_org_ncbi_taxonomy_id     562 
_entity_src_gen.host_org_genus                     ? 
_entity_src_gen.pdbx_host_org_gene                 ? 
_entity_src_gen.pdbx_host_org_organ                ? 
_entity_src_gen.host_org_species                   ? 
_entity_src_gen.pdbx_host_org_tissue               ? 
_entity_src_gen.pdbx_host_org_tissue_fraction      ? 
_entity_src_gen.pdbx_host_org_strain               'Rosetta 2 pLysS' 
_entity_src_gen.pdbx_host_org_variant              ? 
_entity_src_gen.pdbx_host_org_cell_line            ? 
_entity_src_gen.pdbx_host_org_atcc                 ? 
_entity_src_gen.pdbx_host_org_culture_collection   ? 
_entity_src_gen.pdbx_host_org_cell                 ? 
_entity_src_gen.pdbx_host_org_organelle            ? 
_entity_src_gen.pdbx_host_org_cellular_location    ? 
_entity_src_gen.pdbx_host_org_vector_type          plasmid 
_entity_src_gen.pdbx_host_org_vector               ? 
_entity_src_gen.host_org_details                   ? 
_entity_src_gen.expression_system_id               ? 
_entity_src_gen.plasmid_name                       pMCSG7 
_entity_src_gen.plasmid_details                    ? 
_entity_src_gen.pdbx_description                   ? 
# 
_struct_ref.id                         1 
_struct_ref.db_name                    UNP 
_struct_ref.db_code                    HINT1_HUMAN 
_struct_ref.pdbx_db_accession          P49773 
_struct_ref.pdbx_db_isoform            ? 
_struct_ref.entity_id                  1 
_struct_ref.pdbx_seq_one_letter_code   
;MADEIAKAQVARPGGDTIFGKIIRKEIPAKIIFEDDRCLAFHDISPQAPTHFLVIPKKHISQISVAEDDDESLLGHLMIV
GKKCAADLGLNKGYRMVVNEGSDGGQSVYHVHLHVLGGRQMHWPPG
;
_struct_ref.pdbx_align_begin           1 
# 
_struct_ref_seq.align_id                      1 
_struct_ref_seq.ref_id                        1 
_struct_ref_seq.pdbx_PDB_id_code              5KM6 
_struct_ref_seq.pdbx_strand_id                A 
_struct_ref_seq.seq_align_beg                 4 
_struct_ref_seq.pdbx_seq_align_beg_ins_code   ? 
_struct_ref_seq.seq_align_end                 129 
_struct_ref_seq.pdbx_seq_align_end_ins_code   ? 
_struct_ref_seq.pdbx_db_accession             P49773 
_struct_ref_seq.db_align_beg                  1 
_struct_ref_seq.pdbx_db_align_beg_ins_code    ? 
_struct_ref_seq.db_align_end                  126 
_struct_ref_seq.pdbx_db_align_end_ins_code    ? 
_struct_ref_seq.pdbx_auth_seq_align_beg       1 
_struct_ref_seq.pdbx_auth_seq_align_end       126 
# 
loop_
_struct_ref_seq_dif.align_id 
_struct_ref_seq_dif.pdbx_pdb_id_code 
_struct_ref_seq_dif.mon_id 
_struct_ref_seq_dif.pdbx_pdb_strand_id 
_struct_ref_seq_dif.seq_num 
_struct_ref_seq_dif.pdbx_pdb_ins_code 
_struct_ref_seq_dif.pdbx_seq_db_name 
_struct_ref_seq_dif.pdbx_seq_db_accession_code 
_struct_ref_seq_dif.db_mon_id 
_struct_ref_seq_dif.pdbx_seq_db_seq_num 
_struct_ref_seq_dif.details 
_struct_ref_seq_dif.pdbx_auth_seq_num 
_struct_ref_seq_dif.pdbx_ordinal 
1 5KM6 SER A 1   ? UNP P49773 ?   ?   'expression tag'      -2  1 
1 5KM6 ASN A 2   ? UNP P49773 ?   ?   'expression tag'      -1  2 
1 5KM6 ALA A 3   ? UNP P49773 ?   ?   'expression tag'      0   3 
1 5KM6 ASN A 115 ? UNP P49773 HIS 112 'engineered mutation' 112 4 
# 
loop_
_chem_comp.id 
_chem_comp.type 
_chem_comp.mon_nstd_flag 
_chem_comp.name 
_chem_comp.pdbx_synonyms 
_chem_comp.formula 
_chem_comp.formula_weight 
6US non-polymer         . 
;[(2~{R},3~{S},4~{S},5~{R})-5-(6-aminopurin-9-yl)-3,4-bis(oxidanyl)oxolan-2-yl]methoxy-~{N}-[2-(1~{H}-indol-3-yl)ethyl]phosphonamidic acid
;
TpAra-Ad 'C20 H24 N7 O6 P' 489.422 
ALA 'L-peptide linking' y ALANINE ?        'C3 H7 N O2'      89.093  
ARG 'L-peptide linking' y ARGININE ?        'C6 H15 N4 O2 1'  175.209 
ASN 'L-peptide linking' y ASPARAGINE ?        'C4 H8 N2 O3'     132.118 
ASP 'L-peptide linking' y 'ASPARTIC ACID' ?        'C4 H7 N O4'      133.103 
CYS 'L-peptide linking' y CYSTEINE ?        'C3 H7 N O2 S'    121.158 
GLN 'L-peptide linking' y GLUTAMINE ?        'C5 H10 N2 O3'    146.144 
GLU 'L-peptide linking' y 'GLUTAMIC ACID' ?        'C5 H9 N O4'      147.129 
GLY 'peptide linking'   y GLYCINE ?        'C2 H5 N O2'      75.067  
HIS 'L-peptide linking' y HISTIDINE ?        'C6 H10 N3 O2 1'  156.162 
HOH non-polymer         . WATER ?        'H2 O'            18.015  
ILE 'L-peptide linking' y ISOLEUCINE ?        'C6 H13 N O2'     131.173 
LEU 'L-peptide linking' y LEUCINE ?        'C6 H13 N O2'     131.173 
LYS 'L-peptide linking' y LYSINE ?        'C6 H15 N2 O2 1'  147.195 
MET 'L-peptide linking' y METHIONINE ?        'C5 H11 N O2 S'   149.211 
PHE 'L-peptide linking' y PHENYLALANINE ?        'C9 H11 N O2'     165.189 
PRO 'L-peptide linking' y PROLINE ?        'C5 H9 N O2'      115.130 
SER 'L-peptide linking' y SERINE ?        'C3 H7 N O3'      105.093 
THR 'L-peptide linking' y THREONINE ?        'C4 H9 N O3'      119.119 
TRP 'L-peptide linking' y TRYPTOPHAN ?        'C11 H12 N2 O2'   204.225 
TYR 'L-peptide linking' y TYROSINE ?        'C9 H11 N O3'     181.189 
VAL 'L-peptide linking' y VALINE ?        'C5 H11 N O2'     117.146 
# 
_exptl.absorpt_coefficient_mu     ? 
_exptl.absorpt_correction_T_max   ? 
_exptl.absorpt_correction_T_min   ? 
_exptl.absorpt_correction_type    ? 
_exptl.absorpt_process_details    ? 
_exptl.entry_id                   5KM6 
_exptl.crystals_number            1 
_exptl.details                    ? 
_exptl.method                     'X-RAY DIFFRACTION' 
_exptl.method_details             ? 
# 
_exptl_crystal.colour                      ? 
_exptl_crystal.density_diffrn              ? 
_exptl_crystal.density_Matthews            2.06 
_exptl_crystal.density_method              ? 
_exptl_crystal.density_percent_sol         40.38 
_exptl_crystal.description                 ? 
_exptl_crystal.F_000                       ? 
_exptl_crystal.id                          1 
_exptl_crystal.preparation                 ? 
_exptl_crystal.size_max                    ? 
_exptl_crystal.size_mid                    ? 
_exptl_crystal.size_min                    ? 
_exptl_crystal.size_rad                    ? 
_exptl_crystal.colour_lustre               ? 
_exptl_crystal.colour_modifier             ? 
_exptl_crystal.colour_primary              ? 
_exptl_crystal.density_meas                ? 
_exptl_crystal.density_meas_esd            ? 
_exptl_crystal.density_meas_gt             ? 
_exptl_crystal.density_meas_lt             ? 
_exptl_crystal.density_meas_temp           ? 
_exptl_crystal.density_meas_temp_esd       ? 
_exptl_crystal.density_meas_temp_gt        ? 
_exptl_crystal.density_meas_temp_lt        ? 
_exptl_crystal.pdbx_crystal_image_url      ? 
_exptl_crystal.pdbx_crystal_image_format   ? 
_exptl_crystal.pdbx_mosaicity              ? 
_exptl_crystal.pdbx_mosaicity_esd          ? 
# 
_exptl_crystal_grow.apparatus       ? 
_exptl_crystal_grow.atmosphere      ? 
_exptl_crystal_grow.crystal_id      1 
_exptl_crystal_grow.details         ? 
_exptl_crystal_grow.method          'VAPOR DIFFUSION, HANGING DROP' 
_exptl_crystal_grow.method_ref      ? 
_exptl_crystal_grow.pH              6.5 
_exptl_crystal_grow.pressure        ? 
_exptl_crystal_grow.pressure_esd    ? 
_exptl_crystal_grow.seeding         ? 
_exptl_crystal_grow.seeding_ref     ? 
_exptl_crystal_grow.temp            293 
_exptl_crystal_grow.temp_details    ? 
_exptl_crystal_grow.temp_esd        ? 
_exptl_crystal_grow.time            ? 
_exptl_crystal_grow.pdbx_details    '100 mM MES, 32% PEG 8000' 
_exptl_crystal_grow.pdbx_pH_range   ? 
# 
_diffrn.ambient_environment    ? 
_diffrn.ambient_temp           100 
_diffrn.ambient_temp_details   ? 
_diffrn.ambient_temp_esd       ? 
_diffrn.crystal_id             1 
_diffrn.crystal_support        ? 
_diffrn.crystal_treatment      ? 
_diffrn.details                ? 
_diffrn.id                     1 
_diffrn.ambient_pressure       ? 
_diffrn.ambient_pressure_esd   ? 
_diffrn.ambient_pressure_gt    ? 
_diffrn.ambient_pressure_lt    ? 
_diffrn.ambient_temp_gt        ? 
_diffrn.ambient_temp_lt        ? 
# 
_diffrn_detector.details                      ? 
_diffrn_detector.detector                     PIXEL 
_diffrn_detector.diffrn_id                    1 
_diffrn_detector.type                         'DECTRIS PILATUS 6M' 
_diffrn_detector.area_resol_mean              ? 
_diffrn_detector.dtime                        ? 
_diffrn_detector.pdbx_frames_total            ? 
_diffrn_detector.pdbx_collection_time_total   ? 
_diffrn_detector.pdbx_collection_date         2015-04-18 
# 
_diffrn_radiation.collimation                      ? 
_diffrn_radiation.diffrn_id                        1 
_diffrn_radiation.filter_edge                      ? 
_diffrn_radiation.inhomogeneity                    ? 
_diffrn_radiation.monochromator                    ? 
_diffrn_radiation.polarisn_norm                    ? 
_diffrn_radiation.polarisn_ratio                   ? 
_diffrn_radiation.probe                            ? 
_diffrn_radiation.type                             ? 
_diffrn_radiation.xray_symbol                      ? 
_diffrn_radiation.wavelength_id                    1 
_diffrn_radiation.pdbx_monochromatic_or_laue_m_l   M 
_diffrn_radiation.pdbx_wavelength_list             ? 
_diffrn_radiation.pdbx_wavelength                  ? 
_diffrn_radiation.pdbx_diffrn_protocol             'SINGLE WAVELENGTH' 
_diffrn_radiation.pdbx_analyzer                    ? 
_diffrn_radiation.pdbx_scattering_type             x-ray 
# 
_diffrn_radiation_wavelength.id           1 
_diffrn_radiation_wavelength.wavelength   1.000 
_diffrn_radiation_wavelength.wt           1.0 
# 
_diffrn_source.current                     ? 
_diffrn_source.details                     ? 
_diffrn_source.diffrn_id                   1 
_diffrn_source.power                       ? 
_diffrn_source.size                        ? 
_diffrn_source.source                      SYNCHROTRON 
_diffrn_source.target                      ? 
_diffrn_source.type                        'APS BEAMLINE 17-ID' 
_diffrn_source.voltage                     ? 
_diffrn_source.take-off_angle              ? 
_diffrn_source.pdbx_wavelength_list        1.000 
_diffrn_source.pdbx_wavelength             ? 
_diffrn_source.pdbx_synchrotron_beamline   17-ID 
_diffrn_source.pdbx_synchrotron_site       APS 
# 
_reflns.B_iso_Wilson_estimate            14.180 
_reflns.entry_id                         5KM6 
_reflns.data_reduction_details           ? 
_reflns.data_reduction_method            ? 
_reflns.d_resolution_high                1.600 
_reflns.d_resolution_low                 144.239 
_reflns.details                          ? 
_reflns.limit_h_max                      ? 
_reflns.limit_h_min                      ? 
_reflns.limit_k_max                      ? 
_reflns.limit_k_min                      ? 
_reflns.limit_l_max                      ? 
_reflns.limit_l_min                      ? 
_reflns.number_all                       ? 
_reflns.number_obs                       16559 
_reflns.observed_criterion               ? 
_reflns.observed_criterion_F_max         ? 
_reflns.observed_criterion_F_min         ? 
_reflns.observed_criterion_I_max         ? 
_reflns.observed_criterion_I_min         ? 
_reflns.observed_criterion_sigma_F       ? 
_reflns.observed_criterion_sigma_I       ? 
_reflns.percent_possible_obs             100.000 
_reflns.R_free_details                   ? 
_reflns.Rmerge_F_all                     ? 
_reflns.Rmerge_F_obs                     ? 
_reflns.Friedel_coverage                 ? 
_reflns.number_gt                        ? 
_reflns.threshold_expression             ? 
_reflns.pdbx_redundancy                  12.100 
_reflns.pdbx_Rmerge_I_obs                0.062 
_reflns.pdbx_Rmerge_I_all                ? 
_reflns.pdbx_Rsym_value                  ? 
_reflns.pdbx_netI_over_av_sigmaI         ? 
_reflns.pdbx_netI_over_sigmaI            25.900 
_reflns.pdbx_res_netI_over_av_sigmaI_2   ? 
_reflns.pdbx_res_netI_over_sigmaI_2      ? 
_reflns.pdbx_chi_squared                 ? 
_reflns.pdbx_scaling_rejects             ? 
_reflns.pdbx_d_res_high_opt              ? 
_reflns.pdbx_d_res_low_opt               ? 
_reflns.pdbx_d_res_opt_method            ? 
_reflns.phase_calculation_details        ? 
_reflns.pdbx_Rrim_I_all                  0.065 
_reflns.pdbx_Rpim_I_all                  0.019 
_reflns.pdbx_d_opt                       ? 
_reflns.pdbx_number_measured_all         199943 
_reflns.pdbx_diffrn_id                   1 
_reflns.pdbx_ordinal                     1 
_reflns.pdbx_CC_half                     0.999 
_reflns.pdbx_R_split                     ? 
# 
loop_
_reflns_shell.d_res_high 
_reflns_shell.d_res_low 
_reflns_shell.meanI_over_sigI_all 
_reflns_shell.meanI_over_sigI_obs 
_reflns_shell.number_measured_all 
_reflns_shell.number_measured_obs 
_reflns_shell.number_possible 
_reflns_shell.number_unique_all 
_reflns_shell.number_unique_obs 
_reflns_shell.percent_possible_all 
_reflns_shell.percent_possible_obs 
_reflns_shell.Rmerge_F_all 
_reflns_shell.Rmerge_F_obs 
_reflns_shell.Rmerge_I_all 
_reflns_shell.Rmerge_I_obs 
_reflns_shell.meanI_over_sigI_gt 
_reflns_shell.meanI_over_uI_all 
_reflns_shell.meanI_over_uI_gt 
_reflns_shell.number_measured_gt 
_reflns_shell.number_unique_gt 
_reflns_shell.percent_possible_gt 
_reflns_shell.Rmerge_F_gt 
_reflns_shell.Rmerge_I_gt 
_reflns_shell.pdbx_redundancy 
_reflns_shell.pdbx_Rsym_value 
_reflns_shell.pdbx_chi_squared 
_reflns_shell.pdbx_netI_over_sigmaI_all 
_reflns_shell.pdbx_netI_over_sigmaI_obs 
_reflns_shell.pdbx_Rrim_I_all 
_reflns_shell.pdbx_Rpim_I_all 
_reflns_shell.pdbx_rejects 
_reflns_shell.pdbx_ordinal 
_reflns_shell.pdbx_diffrn_id 
_reflns_shell.pdbx_CC_half 
_reflns_shell.pdbx_R_split 
1.600 1.605   ? ? ? ? ? ? ? 100.000 ? ? ? ? 0.336 ? ? ? ? ? ? ? ? 12.700 ? ? ? ? ? ? ? 1 1 ? ? 
7.426 144.239 ? ? ? ? ? ? ? 100.000 ? ? ? ? 0.035 ? ? ? ? ? ? ? ? 8.900  ? ? ? ? ? ? ? 2 1 ? ? 
# 
_refine.aniso_B[1][1]                            ? 
_refine.aniso_B[1][2]                            ? 
_refine.aniso_B[1][3]                            ? 
_refine.aniso_B[2][2]                            ? 
_refine.aniso_B[2][3]                            ? 
_refine.aniso_B[3][3]                            ? 
_refine.B_iso_max                                45.110 
_refine.B_iso_mean                               16.0023 
_refine.B_iso_min                                6.730 
_refine.correlation_coeff_Fo_to_Fc               ? 
_refine.correlation_coeff_Fo_to_Fc_free          ? 
_refine.details                                  ? 
_refine.diff_density_max                         ? 
_refine.diff_density_max_esd                     ? 
_refine.diff_density_min                         ? 
_refine.diff_density_min_esd                     ? 
_refine.diff_density_rms                         ? 
_refine.diff_density_rms_esd                     ? 
_refine.entry_id                                 5KM6 
_refine.pdbx_refine_id                           'X-RAY DIFFRACTION' 
_refine.ls_abs_structure_details                 ? 
_refine.ls_abs_structure_Flack                   ? 
_refine.ls_abs_structure_Flack_esd               ? 
_refine.ls_abs_structure_Rogers                  ? 
_refine.ls_abs_structure_Rogers_esd              ? 
_refine.ls_d_res_high                            1.6000 
_refine.ls_d_res_low                             35.0890 
_refine.ls_extinction_coef                       ? 
_refine.ls_extinction_coef_esd                   ? 
_refine.ls_extinction_expression                 ? 
_refine.ls_extinction_method                     ? 
_refine.ls_goodness_of_fit_all                   ? 
_refine.ls_goodness_of_fit_all_esd               ? 
_refine.ls_goodness_of_fit_obs                   ? 
_refine.ls_goodness_of_fit_obs_esd               ? 
_refine.ls_hydrogen_treatment                    ? 
_refine.ls_matrix_type                           ? 
_refine.ls_number_constraints                    ? 
_refine.ls_number_parameters                     ? 
_refine.ls_number_reflns_all                     ? 
_refine.ls_number_reflns_obs                     16477 
_refine.ls_number_reflns_R_free                  791 
_refine.ls_number_reflns_R_work                  ? 
_refine.ls_number_restraints                     ? 
_refine.ls_percent_reflns_obs                    100.0000 
_refine.ls_percent_reflns_R_free                 4.8000 
_refine.ls_R_factor_all                          ? 
_refine.ls_R_factor_obs                          0.1725 
_refine.ls_R_factor_R_free                       0.1913 
_refine.ls_R_factor_R_free_error                 ? 
_refine.ls_R_factor_R_free_error_details         ? 
_refine.ls_R_factor_R_work                       0.1716 
_refine.ls_R_Fsqd_factor_obs                     ? 
_refine.ls_R_I_factor_obs                        ? 
_refine.ls_redundancy_reflns_all                 ? 
_refine.ls_redundancy_reflns_obs                 ? 
_refine.ls_restrained_S_all                      ? 
_refine.ls_restrained_S_obs                      ? 
_refine.ls_shift_over_esd_max                    ? 
_refine.ls_shift_over_esd_mean                   ? 
_refine.ls_structure_factor_coef                 ? 
_refine.ls_weighting_details                     ? 
_refine.ls_weighting_scheme                      ? 
_refine.ls_wR_factor_all                         ? 
_refine.ls_wR_factor_obs                         ? 
_refine.ls_wR_factor_R_free                      ? 
_refine.ls_wR_factor_R_work                      ? 
_refine.occupancy_max                            ? 
_refine.occupancy_min                            ? 
_refine.solvent_model_details                    ? 
_refine.solvent_model_param_bsol                 ? 
_refine.solvent_model_param_ksol                 ? 
_refine.ls_R_factor_gt                           ? 
_refine.ls_goodness_of_fit_gt                    ? 
_refine.ls_goodness_of_fit_ref                   ? 
_refine.ls_shift_over_su_max                     ? 
_refine.ls_shift_over_su_max_lt                  ? 
_refine.ls_shift_over_su_mean                    ? 
_refine.ls_shift_over_su_mean_lt                 ? 
_refine.pdbx_ls_sigma_I                          ? 
_refine.pdbx_ls_sigma_F                          1.390 
_refine.pdbx_ls_sigma_Fsqd                       ? 
_refine.pdbx_data_cutoff_high_absF               ? 
_refine.pdbx_data_cutoff_high_rms_absF           ? 
_refine.pdbx_data_cutoff_low_absF                ? 
_refine.pdbx_isotropic_thermal_model             ? 
_refine.pdbx_ls_cross_valid_method               'FREE R-VALUE' 
_refine.pdbx_method_to_determine_struct          'MOLECULAR REPLACEMENT' 
_refine.pdbx_starting_model                      1KPF 
_refine.pdbx_stereochemistry_target_values       ? 
_refine.pdbx_R_Free_selection_details            ? 
_refine.pdbx_stereochem_target_val_spec_case     ? 
_refine.pdbx_overall_ESU_R                       ? 
_refine.pdbx_overall_ESU_R_Free                  ? 
_refine.pdbx_solvent_vdw_probe_radii             1.1100 
_refine.pdbx_solvent_ion_probe_radii             ? 
_refine.pdbx_solvent_shrinkage_radii             0.9000 
_refine.pdbx_real_space_R                        ? 
_refine.pdbx_density_correlation                 ? 
_refine.pdbx_pd_number_of_powder_patterns        ? 
_refine.pdbx_pd_number_of_points                 ? 
_refine.pdbx_pd_meas_number_of_points            ? 
_refine.pdbx_pd_proc_ls_prof_R_factor            ? 
_refine.pdbx_pd_proc_ls_prof_wR_factor           ? 
_refine.pdbx_pd_Marquardt_correlation_coeff      ? 
_refine.pdbx_pd_Fsqrd_R_factor                   ? 
_refine.pdbx_pd_ls_matrix_band_width             ? 
_refine.pdbx_overall_phase_error                 16.9600 
_refine.pdbx_overall_SU_R_free_Cruickshank_DPI   ? 
_refine.pdbx_overall_SU_R_free_Blow_DPI          ? 
_refine.pdbx_overall_SU_R_Blow_DPI               ? 
_refine.pdbx_TLS_residual_ADP_flag               ? 
_refine.pdbx_diffrn_id                           1 
_refine.overall_SU_B                             ? 
_refine.overall_SU_ML                            0.1300 
_refine.overall_SU_R_Cruickshank_DPI             ? 
_refine.overall_SU_R_free                        ? 
_refine.overall_FOM_free_R_set                   ? 
_refine.overall_FOM_work_R_set                   ? 
_refine.pdbx_average_fsc_overall                 ? 
_refine.pdbx_average_fsc_work                    ? 
_refine.pdbx_average_fsc_free                    ? 
# 
_refine_hist.cycle_id                         final 
_refine_hist.pdbx_refine_id                   'X-RAY DIFFRACTION' 
_refine_hist.d_res_high                       1.6000 
_refine_hist.d_res_low                        35.0890 
_refine_hist.pdbx_number_atoms_ligand         34 
_refine_hist.number_atoms_solvent             92 
_refine_hist.number_atoms_total               986 
_refine_hist.pdbx_number_residues_total       111 
_refine_hist.pdbx_B_iso_mean_ligand           11.71 
_refine_hist.pdbx_B_iso_mean_solvent          25.04 
_refine_hist.pdbx_number_atoms_protein        860 
_refine_hist.pdbx_number_atoms_nucleic_acid   0 
# 
loop_
_refine_ls_restr.pdbx_refine_id 
_refine_ls_restr.criterion 
_refine_ls_restr.dev_ideal 
_refine_ls_restr.dev_ideal_target 
_refine_ls_restr.number 
_refine_ls_restr.rejects 
_refine_ls_restr.type 
_refine_ls_restr.weight 
_refine_ls_restr.pdbx_restraint_function 
'X-RAY DIFFRACTION' ? 0.007  ? 922  ? f_bond_d           ? ? 
'X-RAY DIFFRACTION' ? 1.376  ? 1252 ? f_angle_d          ? ? 
'X-RAY DIFFRACTION' ? 0.054  ? 135  ? f_chiral_restr     ? ? 
'X-RAY DIFFRACTION' ? 0.006  ? 158  ? f_plane_restr      ? ? 
'X-RAY DIFFRACTION' ? 13.899 ? 342  ? f_dihedral_angle_d ? ? 
# 
loop_
_refine_ls_shell.pdbx_refine_id 
_refine_ls_shell.d_res_high 
_refine_ls_shell.d_res_low 
_refine_ls_shell.number_reflns_all 
_refine_ls_shell.number_reflns_obs 
_refine_ls_shell.number_reflns_R_free 
_refine_ls_shell.number_reflns_R_work 
_refine_ls_shell.percent_reflns_obs 
_refine_ls_shell.percent_reflns_R_free 
_refine_ls_shell.R_factor_all 
_refine_ls_shell.R_factor_obs 
_refine_ls_shell.R_factor_R_free 
_refine_ls_shell.R_factor_R_free_error 
_refine_ls_shell.R_factor_R_work 
_refine_ls_shell.redundancy_reflns_all 
_refine_ls_shell.redundancy_reflns_obs 
_refine_ls_shell.wR_factor_all 
_refine_ls_shell.wR_factor_obs 
_refine_ls_shell.wR_factor_R_free 
_refine_ls_shell.wR_factor_R_work 
_refine_ls_shell.pdbx_total_number_of_bins_used 
_refine_ls_shell.pdbx_phase_error 
_refine_ls_shell.pdbx_fsc_work 
_refine_ls_shell.pdbx_fsc_free 
'X-RAY DIFFRACTION' 1.6000 1.7002  2664 . 141 2523 100.0000 . . . 0.1895 . 0.1687 . . . . . . 6 . . . 
'X-RAY DIFFRACTION' 1.7002 1.8315  2707 . 145 2562 100.0000 . . . 0.2088 . 0.1641 . . . . . . 6 . . . 
'X-RAY DIFFRACTION' 1.8315 2.0158  2675 . 120 2555 100.0000 . . . 0.1787 . 0.1628 . . . . . . 6 . . . 
'X-RAY DIFFRACTION' 2.0158 2.3075  2705 . 120 2585 100.0000 . . . 0.1909 . 0.1664 . . . . . . 6 . . . 
'X-RAY DIFFRACTION' 2.3075 2.9069  2773 . 137 2636 100.0000 . . . 0.2114 . 0.1859 . . . . . . 6 . . . 
'X-RAY DIFFRACTION' 2.9069 35.0972 2953 . 128 2825 100.0000 . . . 0.1798 . 0.1706 . . . . . . 6 . . . 
# 
_struct.entry_id                     5KM6 
_struct.title                        
'Human Histidine Triad Nucleotide Binding Protein 1 (hHint1) H112N mutant Ara-A nucleoside phosphoramidate substrate complex' 
_struct.pdbx_model_details           ? 
_struct.pdbx_formula_weight          ? 
_struct.pdbx_formula_weight_method   ? 
_struct.pdbx_model_type_details      ? 
_struct.pdbx_CASP_flag               N 
# 
_struct_keywords.entry_id        5KM6 
_struct_keywords.text            'HINT, histidine triad, HIT, HYDROLASE' 
_struct_keywords.pdbx_keywords   HYDROLASE 
# 
loop_
_struct_asym.id 
_struct_asym.pdbx_blank_PDB_chainid_flag 
_struct_asym.pdbx_modified 
_struct_asym.entity_id 
_struct_asym.details 
A N N 1 ? 
B N N 2 ? 
C N N 3 ? 
# 
loop_
_struct_conf.conf_type_id 
_struct_conf.id 
_struct_conf.pdbx_PDB_helix_id 
_struct_conf.beg_label_comp_id 
_struct_conf.beg_label_asym_id 
_struct_conf.beg_label_seq_id 
_struct_conf.pdbx_beg_PDB_ins_code 
_struct_conf.end_label_comp_id 
_struct_conf.end_label_asym_id 
_struct_conf.end_label_seq_id 
_struct_conf.pdbx_end_PDB_ins_code 
_struct_conf.beg_auth_comp_id 
_struct_conf.beg_auth_asym_id 
_struct_conf.beg_auth_seq_id 
_struct_conf.end_auth_comp_id 
_struct_conf.end_auth_asym_id 
_struct_conf.end_auth_seq_id 
_struct_conf.pdbx_PDB_helix_class 
_struct_conf.details 
_struct_conf.pdbx_PDB_helix_length 
HELX_P HELX_P1 AA1 THR A 20  ? ARG A 27  ? THR A 17  ARG A 24  1 ? 8  
HELX_P HELX_P2 AA2 GLN A 65  ? ALA A 69  ? GLN A 62  ALA A 66  5 ? 5  
HELX_P HELX_P3 AA3 GLU A 70  ? ASP A 72  ? GLU A 67  ASP A 69  5 ? 3  
HELX_P HELX_P4 AA4 ASP A 73  ? LEU A 91  ? ASP A 70  LEU A 88  1 ? 19 
HELX_P HELX_P5 AA5 GLU A 103 ? GLY A 108 ? GLU A 100 GLY A 105 1 ? 6  
# 
_struct_conf_type.id          HELX_P 
_struct_conf_type.criteria    ? 
_struct_conf_type.reference   ? 
# 
_struct_mon_prot_cis.pdbx_id                1 
_struct_mon_prot_cis.label_comp_id          TRP 
_struct_mon_prot_cis.label_seq_id           126 
_struct_mon_prot_cis.label_asym_id          A 
_struct_mon_prot_cis.label_alt_id           . 
_struct_mon_prot_cis.pdbx_PDB_ins_code      ? 
_struct_mon_prot_cis.auth_comp_id           TRP 
_struct_mon_prot_cis.auth_seq_id            123 
_struct_mon_prot_cis.auth_asym_id           A 
_struct_mon_prot_cis.pdbx_label_comp_id_2   PRO 
_struct_mon_prot_cis.pdbx_label_seq_id_2    127 
_struct_mon_prot_cis.pdbx_label_asym_id_2   A 
_struct_mon_prot_cis.pdbx_PDB_ins_code_2    ? 
_struct_mon_prot_cis.pdbx_auth_comp_id_2    PRO 
_struct_mon_prot_cis.pdbx_auth_seq_id_2     124 
_struct_mon_prot_cis.pdbx_auth_asym_id_2    A 
_struct_mon_prot_cis.pdbx_PDB_model_num     1 
_struct_mon_prot_cis.pdbx_omega_angle       1.92 
# 
_struct_sheet.id               AA1 
_struct_sheet.type             ? 
_struct_sheet.number_strands   5 
_struct_sheet.details          ? 
# 
loop_
_struct_sheet_order.sheet_id 
_struct_sheet_order.range_id_1 
_struct_sheet_order.range_id_2 
_struct_sheet_order.offset 
_struct_sheet_order.sense 
AA1 1 2 ? anti-parallel 
AA1 2 3 ? anti-parallel 
AA1 3 4 ? anti-parallel 
AA1 4 5 ? anti-parallel 
# 
loop_
_struct_sheet_range.sheet_id 
_struct_sheet_range.id 
_struct_sheet_range.beg_label_comp_id 
_struct_sheet_range.beg_label_asym_id 
_struct_sheet_range.beg_label_seq_id 
_struct_sheet_range.pdbx_beg_PDB_ins_code 
_struct_sheet_range.end_label_comp_id 
_struct_sheet_range.end_label_asym_id 
_struct_sheet_range.end_label_seq_id 
_struct_sheet_range.pdbx_end_PDB_ins_code 
_struct_sheet_range.beg_auth_comp_id 
_struct_sheet_range.beg_auth_asym_id 
_struct_sheet_range.beg_auth_seq_id 
_struct_sheet_range.end_auth_comp_id 
_struct_sheet_range.end_auth_asym_id 
_struct_sheet_range.end_auth_seq_id 
AA1 1 ILE A 34  ? GLU A 37  ? ILE A 31  GLU A 34  
AA1 2 CYS A 41  ? HIS A 45  ? CYS A 38  HIS A 42  
AA1 3 THR A 53  ? PRO A 59  ? THR A 50  PRO A 56  
AA1 4 LEU A 116 ? GLY A 120 ? LEU A 113 GLY A 117 
AA1 5 TYR A 97  ? VAL A 101 ? TYR A 94  VAL A 98  
# 
loop_
_pdbx_struct_sheet_hbond.sheet_id 
_pdbx_struct_sheet_hbond.range_id_1 
_pdbx_struct_sheet_hbond.range_id_2 
_pdbx_struct_sheet_hbond.range_1_label_atom_id 
_pdbx_struct_sheet_hbond.range_1_label_comp_id 
_pdbx_struct_sheet_hbond.range_1_label_asym_id 
_pdbx_struct_sheet_hbond.range_1_label_seq_id 
_pdbx_struct_sheet_hbond.range_1_PDB_ins_code 
_pdbx_struct_sheet_hbond.range_1_auth_atom_id 
_pdbx_struct_sheet_hbond.range_1_auth_comp_id 
_pdbx_struct_sheet_hbond.range_1_auth_asym_id 
_pdbx_struct_sheet_hbond.range_1_auth_seq_id 
_pdbx_struct_sheet_hbond.range_2_label_atom_id 
_pdbx_struct_sheet_hbond.range_2_label_comp_id 
_pdbx_struct_sheet_hbond.range_2_label_asym_id 
_pdbx_struct_sheet_hbond.range_2_label_seq_id 
_pdbx_struct_sheet_hbond.range_2_PDB_ins_code 
_pdbx_struct_sheet_hbond.range_2_auth_atom_id 
_pdbx_struct_sheet_hbond.range_2_auth_comp_id 
_pdbx_struct_sheet_hbond.range_2_auth_asym_id 
_pdbx_struct_sheet_hbond.range_2_auth_seq_id 
AA1 1 2 N ILE A 35  ? N ILE A 32  O ALA A 43  ? O ALA A 40  
AA1 2 3 N PHE A 44  ? N PHE A 41  O LEU A 56  ? O LEU A 53  
AA1 3 4 N VAL A 57  ? N VAL A 54  O LEU A 116 ? O LEU A 113 
AA1 4 5 O HIS A 117 ? O HIS A 114 N VAL A 100 ? N VAL A 97  
# 
_struct_site.id                   AC1 
_struct_site.pdbx_evidence_code   Software 
_struct_site.pdbx_auth_asym_id    A 
_struct_site.pdbx_auth_comp_id    6US 
_struct_site.pdbx_auth_seq_id     201 
_struct_site.pdbx_auth_ins_code   ? 
_struct_site.pdbx_num_residues    23 
_struct_site.details              'binding site for residue 6US A 201' 
# 
loop_
_struct_site_gen.id 
_struct_site_gen.site_id 
_struct_site_gen.pdbx_num_res 
_struct_site_gen.label_comp_id 
_struct_site_gen.label_asym_id 
_struct_site_gen.label_seq_id 
_struct_site_gen.pdbx_auth_ins_code 
_struct_site_gen.auth_comp_id 
_struct_site_gen.auth_asym_id 
_struct_site_gen.auth_seq_id 
_struct_site_gen.label_atom_id 
_struct_site_gen.label_alt_id 
_struct_site_gen.symmetry 
_struct_site_gen.details 
1  AC1 23 PHE A 22  ? PHE A 19  . ? 1_555 ? 
2  AC1 23 LYS A 28  ? LYS A 25  . ? 6_555 ? 
3  AC1 23 GLU A 37  ? GLU A 34  . ? 6_555 ? 
4  AC1 23 PHE A 44  ? PHE A 41  . ? 1_555 ? 
5  AC1 23 HIS A 45  ? HIS A 42  . ? 1_555 ? 
6  AC1 23 ASP A 46  ? ASP A 43  . ? 1_555 ? 
7  AC1 23 ILE A 47  ? ILE A 44  . ? 1_555 ? 
8  AC1 23 ASN A 102 ? ASN A 99  . ? 1_555 ? 
9  AC1 23 GLY A 108 ? GLY A 105 . ? 1_555 ? 
10 AC1 23 GLN A 109 ? GLN A 106 . ? 1_555 ? 
11 AC1 23 SER A 110 ? SER A 107 . ? 1_555 ? 
12 AC1 23 VAL A 111 ? VAL A 108 . ? 1_555 ? 
13 AC1 23 ASN A 115 ? ASN A 112 . ? 1_555 ? 
14 AC1 23 HIS A 117 ? HIS A 114 . ? 1_555 ? 
15 AC1 23 MET A 124 ? MET A 121 . ? 7_555 ? 
16 AC1 23 TRP A 126 ? TRP A 123 . ? 7_555 ? 
17 AC1 23 HOH C .   ? HOH A 307 . ? 1_555 ? 
18 AC1 23 HOH C .   ? HOH A 314 . ? 1_555 ? 
19 AC1 23 HOH C .   ? HOH A 317 . ? 6_555 ? 
20 AC1 23 HOH C .   ? HOH A 322 . ? 1_555 ? 
21 AC1 23 HOH C .   ? HOH A 324 . ? 6_555 ? 
22 AC1 23 HOH C .   ? HOH A 334 . ? 1_555 ? 
23 AC1 23 HOH C .   ? HOH A 337 . ? 1_555 ? 
# 
_atom_sites.entry_id                    5KM6 
_atom_sites.fract_transf_matrix[1][1]   -0.00627949 
_atom_sites.fract_transf_matrix[1][2]   0.00744825 
_atom_sites.fract_transf_matrix[1][3]   -0.02291401 
_atom_sites.fract_transf_matrix[2][1]   -0.00422088 
_atom_sites.fract_transf_matrix[2][2]   -0.02365332 
_atom_sites.fract_transf_matrix[2][3]   -0.00653185 
_atom_sites.fract_transf_matrix[3][1]   -0.00660515 
_atom_sites.fract_transf_matrix[3][2]   0.00062290 
_atom_sites.fract_transf_matrix[3][3]   0.00201259 
_atom_sites.fract_transf_vector[1]      0.119130 
_atom_sites.fract_transf_vector[2]      0.211479 
_atom_sites.fract_transf_vector[3]      0.059081 
# 
loop_
_atom_type.symbol 
C 
N 
O 
P 
S 
# 
loop_
_atom_site.group_PDB 
_atom_site.id 
_atom_site.type_symbol 
_atom_site.label_atom_id 
_atom_site.label_alt_id 
_atom_site.label_comp_id 
_atom_site.label_asym_id 
_atom_site.label_entity_id 
_atom_site.label_seq_id 
_atom_site.pdbx_PDB_ins_code 
_atom_site.Cartn_x 
_atom_site.Cartn_y 
_atom_site.Cartn_z 
_atom_site.occupancy 
_atom_site.B_iso_or_equiv 
_atom_site.pdbx_formal_charge 
_atom_site.auth_seq_id 
_atom_site.auth_comp_id 
_atom_site.auth_asym_id 
_atom_site.auth_atom_id 
_atom_site.pdbx_PDB_model_num 
ATOM   1   N N     . ASP A 1 19  ? -14.387 12.401  0.658   1.00 30.37 ? 16  ASP A N     1 
ATOM   2   C CA    . ASP A 1 19  ? -13.005 11.939  0.660   1.00 23.22 ? 16  ASP A CA    1 
ATOM   3   C C     . ASP A 1 19  ? -12.860 10.699  -0.215  1.00 25.20 ? 16  ASP A C     1 
ATOM   4   O O     . ASP A 1 19  ? -13.814 10.270  -0.875  1.00 26.79 ? 16  ASP A O     1 
ATOM   5   C CB    . ASP A 1 19  ? -12.528 11.641  2.089   1.00 25.13 ? 16  ASP A CB    1 
ATOM   6   C CG    . ASP A 1 19  ? -13.464 10.706  2.846   1.00 29.63 ? 16  ASP A CG    1 
ATOM   7   O OD1   . ASP A 1 19  ? -13.087 10.264  3.962   1.00 32.06 ? 16  ASP A OD1   1 
ATOM   8   O OD2   . ASP A 1 19  ? -14.571 10.409  2.341   1.00 27.56 ? 16  ASP A OD2   1 
ATOM   9   N N     . THR A 1 20  ? -11.664 10.121  -0.206  1.00 14.30 ? 17  THR A N     1 
ATOM   10  C CA    . THR A 1 20  ? -11.370 8.946   -1.013  1.00 13.96 ? 17  THR A CA    1 
ATOM   11  C C     . THR A 1 20  ? -11.823 7.668   -0.338  1.00 12.17 ? 17  THR A C     1 
ATOM   12  O O     . THR A 1 20  ? -12.167 7.664   0.830   1.00 11.63 ? 17  THR A O     1 
ATOM   13  C CB    . THR A 1 20  ? -9.871  8.810   -1.293  1.00 16.35 ? 17  THR A CB    1 
ATOM   14  O OG1   . THR A 1 20  ? -9.184  8.526   -0.066  1.00 14.67 ? 17  THR A OG1   1 
ATOM   15  C CG2   . THR A 1 20  ? -9.321  10.086  -1.908  1.00 16.81 ? 17  THR A CG2   1 
ATOM   16  N N     . ILE A 1 21  ? -11.792 6.576   -1.089  1.00 12.30 ? 18  ILE A N     1 
ATOM   17  C CA    . ILE A 1 21  ? -12.117 5.269   -0.534  1.00 11.36 ? 18  ILE A CA    1 
ATOM   18  C C     . ILE A 1 21  ? -11.244 4.961   0.673   1.00 12.03 ? 18  ILE A C     1 
ATOM   19  O O     . ILE A 1 21  ? -11.724 4.466   1.692   1.00 11.71 ? 18  ILE A O     1 
ATOM   20  C CB    . ILE A 1 21  ? -11.944 4.174   -1.590  1.00 10.50 ? 18  ILE A CB    1 
ATOM   21  C CG1   . ILE A 1 21  ? -13.013 4.324   -2.664  1.00 13.36 ? 18  ILE A CG1   1 
ATOM   22  C CG2   . ILE A 1 21  ? -12.048 2.792   -0.958  1.00 13.88 ? 18  ILE A CG2   1 
ATOM   23  C CD1   . ILE A 1 21  ? -12.786 3.408   -3.849  1.00 13.06 ? 18  ILE A CD1   1 
ATOM   24  N N     . PHE A 1 22  ? -9.959  5.274   0.568   1.00 10.87 ? 19  PHE A N     1 
ATOM   25  C CA    . PHE A 1 22  ? -9.039  4.945   1.642   1.00 9.85  ? 19  PHE A CA    1 
ATOM   26  C C     . PHE A 1 22  ? -9.239  5.883   2.824   1.00 11.28 ? 19  PHE A C     1 
ATOM   27  O O     . PHE A 1 22  ? -9.054  5.482   3.967   1.00 11.73 ? 19  PHE A O     1 
ATOM   28  C CB    . PHE A 1 22  ? -7.591  4.970   1.143   1.00 11.24 ? 19  PHE A CB    1 
ATOM   29  C CG    . PHE A 1 22  ? -7.281  3.876   0.149   1.00 12.53 ? 19  PHE A CG    1 
ATOM   30  C CD1   . PHE A 1 22  ? -8.166  2.813   -0.035  1.00 12.38 ? 19  PHE A CD1   1 
ATOM   31  C CD2   . PHE A 1 22  ? -6.119  3.911   -0.605  1.00 14.25 ? 19  PHE A CD2   1 
ATOM   32  C CE1   . PHE A 1 22  ? -7.887  1.805   -0.944  1.00 13.15 ? 19  PHE A CE1   1 
ATOM   33  C CE2   . PHE A 1 22  ? -5.840  2.906   -1.521  1.00 15.12 ? 19  PHE A CE2   1 
ATOM   34  C CZ    . PHE A 1 22  ? -6.723  1.855   -1.688  1.00 14.39 ? 19  PHE A CZ    1 
ATOM   35  N N     . GLY A 1 23  ? -9.640  7.120   2.557   1.00 11.87 ? 20  GLY A N     1 
ATOM   36  C CA    . GLY A 1 23  ? -10.024 8.013   3.631   1.00 16.89 ? 20  GLY A CA    1 
ATOM   37  C C     . GLY A 1 23  ? -11.174 7.406   4.418   1.00 13.32 ? 20  GLY A C     1 
ATOM   38  O O     . GLY A 1 23  ? -11.186 7.422   5.650   1.00 12.09 ? 20  GLY A O     1 
ATOM   39  N N     . LYS A 1 24  ? -12.143 6.851   3.703   1.00 12.01 ? 21  LYS A N     1 
ATOM   40  C CA    . LYS A 1 24  ? -13.274 6.206   4.360   1.00 11.99 ? 21  LYS A CA    1 
ATOM   41  C C     . LYS A 1 24  ? -12.870 4.962   5.153   1.00 13.58 ? 21  LYS A C     1 
ATOM   42  O O     . LYS A 1 24  ? -13.444 4.681   6.200   1.00 13.24 ? 21  LYS A O     1 
ATOM   43  C CB    . LYS A 1 24  ? -14.334 5.832   3.337   1.00 15.13 ? 21  LYS A CB    1 
ATOM   44  C CG    . LYS A 1 24  ? -15.025 7.024   2.701   1.00 13.75 ? 21  LYS A CG    1 
ATOM   45  C CD    . LYS A 1 24  ? -15.961 6.529   1.610   1.00 19.42 ? 21  LYS A CD    1 
ATOM   46  C CE    . LYS A 1 24  ? -16.752 7.657   0.991   1.00 24.75 ? 21  LYS A CE    1 
ATOM   47  N NZ    . LYS A 1 24  ? -15.888 8.705   0.384   1.00 25.67 ? 21  LYS A NZ    1 
ATOM   48  N N     . ILE A 1 25  ? -11.891 4.210   4.665   1.00 11.08 ? 22  ILE A N     1 
ATOM   49  C CA    . ILE A 1 25  ? -11.428 3.044   5.420   1.00 9.87  ? 22  ILE A CA    1 
ATOM   50  C C     . ILE A 1 25  ? -10.745 3.497   6.720   1.00 11.01 ? 22  ILE A C     1 
ATOM   51  O O     . ILE A 1 25  ? -10.994 2.945   7.796   1.00 10.82 ? 22  ILE A O     1 
ATOM   52  C CB    . ILE A 1 25  ? -10.476 2.171   4.569   1.00 10.27 ? 22  ILE A CB    1 
ATOM   53  C CG1   . ILE A 1 25  ? -11.256 1.481   3.443   1.00 10.98 ? 22  ILE A CG1   1 
ATOM   54  C CG2   . ILE A 1 25  ? -9.733  1.140   5.419   1.00 11.55 ? 22  ILE A CG2   1 
ATOM   55  C CD1   . ILE A 1 25  ? -10.384 0.668   2.502   1.00 12.48 ? 22  ILE A CD1   1 
ATOM   56  N N     . ILE A 1 26  ? -9.905  4.517   6.622   1.00 10.77 ? 23  ILE A N     1 
ATOM   57  C CA    . ILE A 1 26  ? -9.203  5.072   7.787   1.00 12.28 ? 23  ILE A CA    1 
ATOM   58  C C     . ILE A 1 26  ? -10.162 5.601   8.855   1.00 11.52 ? 23  ILE A C     1 
ATOM   59  O O     . ILE A 1 26  ? -9.959  5.362   10.058  1.00 14.60 ? 23  ILE A O     1 
ATOM   60  C CB    . ILE A 1 26  ? -8.244  6.193   7.344   1.00 12.89 ? 23  ILE A CB    1 
ATOM   61  C CG1   . ILE A 1 26  ? -7.100  5.594   6.539   1.00 12.49 ? 23  ILE A CG1   1 
ATOM   62  C CG2   . ILE A 1 26  ? -7.676  6.949   8.549   1.00 14.12 ? 23  ILE A CG2   1 
ATOM   63  C CD1   . ILE A 1 26  ? -6.393  6.569   5.639   1.00 12.68 ? 23  ILE A CD1   1 
ATOM   64  N N     . ARG A 1 27  ? -11.223 6.282   8.421   1.00 12.39 ? 24  ARG A N     1 
ATOM   65  C CA    . ARG A 1 27  ? -12.211 6.836   9.347   1.00 14.44 ? 24  ARG A CA    1 
ATOM   66  C C     . ARG A 1 27  ? -13.217 5.791   9.792   1.00 17.08 ? 24  ARG A C     1 
ATOM   67  O O     . ARG A 1 27  ? -14.160 6.112   10.527  1.00 17.35 ? 24  ARG A O     1 
ATOM   68  C CB    . ARG A 1 27  ? -12.980 8.006   8.717   1.00 16.56 ? 24  ARG A CB    1 
ATOM   69  C CG    . ARG A 1 27  ? -12.183 9.251   8.369   1.00 23.15 ? 24  ARG A CG    1 
ATOM   70  C CD    . ARG A 1 27  ? -13.124 10.333  7.782   1.00 24.37 ? 24  ARG A CD    1 
ATOM   71  N NE    . ARG A 1 27  ? -13.902 9.877   6.621   1.00 32.48 ? 24  ARG A NE    1 
ATOM   72  C CZ    . ARG A 1 27  ? -15.175 9.478   6.660   1.00 34.80 ? 24  ARG A CZ    1 
ATOM   73  N NH1   . ARG A 1 27  ? -15.843 9.458   7.807   1.00 39.57 ? 24  ARG A NH1   1 
ATOM   74  N NH2   . ARG A 1 27  ? -15.785 9.092   5.549   1.00 38.22 ? 24  ARG A NH2   1 
ATOM   75  N N     . LYS A 1 28  ? -13.031 4.557   9.321   1.00 12.17 ? 25  LYS A N     1 
ATOM   76  C CA    . LYS A 1 28  ? -13.913 3.438   9.637   1.00 16.69 ? 25  LYS A CA    1 
ATOM   77  C C     . LYS A 1 28  ? -15.349 3.775   9.224   1.00 18.95 ? 25  LYS A C     1 
ATOM   78  O O     . LYS A 1 28  ? -16.297 3.591   9.989   1.00 20.06 ? 25  LYS A O     1 
ATOM   79  C CB    . LYS A 1 28  ? -13.793 3.080   11.125  1.00 16.74 ? 25  LYS A CB    1 
ATOM   80  C CG    . LYS A 1 28  ? -12.389 2.614   11.496  1.00 13.69 ? 25  LYS A CG    1 
ATOM   81  C CD    . LYS A 1 28  ? -12.223 2.339   13.002  1.00 16.21 ? 25  LYS A CD    1 
ATOM   82  C CE    . LYS A 1 28  ? -10.891 1.671   13.334  1.00 16.82 ? 25  LYS A CE    1 
ATOM   83  N NZ    . LYS A 1 28  ? -9.676  2.462   12.949  1.00 20.04 ? 25  LYS A NZ    1 
ATOM   84  N N     . GLU A 1 29  ? -15.481 4.273   7.993   1.00 19.16 ? 26  GLU A N     1 
ATOM   85  C CA    . GLU A 1 29  ? -16.770 4.563   7.367   1.00 19.58 ? 26  GLU A CA    1 
ATOM   86  C C     . GLU A 1 29  ? -17.171 3.426   6.438   1.00 22.65 ? 26  GLU A C     1 
ATOM   87  O O     . GLU A 1 29  ? -18.350 3.114   6.287   1.00 27.09 ? 26  GLU A O     1 
ATOM   88  C CB    . GLU A 1 29  ? -16.714 5.874   6.581   1.00 22.38 ? 26  GLU A CB    1 
ATOM   89  N N     . ILE A 1 30  ? -16.168 2.833   5.800   1.00 19.32 ? 27  ILE A N     1 
ATOM   90  C CA    . ILE A 1 30  ? -16.336 1.686   4.913   1.00 19.78 ? 27  ILE A CA    1 
ATOM   91  C C     . ILE A 1 30  ? -15.654 0.511   5.584   1.00 17.42 ? 27  ILE A C     1 
ATOM   92  O O     . ILE A 1 30  ? -14.568 0.668   6.129   1.00 18.35 ? 27  ILE A O     1 
ATOM   93  C CB    . ILE A 1 30  ? -15.704 1.940   3.508   1.00 22.12 ? 27  ILE A CB    1 
ATOM   94  C CG1   . ILE A 1 30  ? -16.758 2.444   2.519   1.00 30.62 ? 27  ILE A CG1   1 
ATOM   95  C CG2   . ILE A 1 30  ? -15.048 0.686   2.953   1.00 27.67 ? 27  ILE A CG2   1 
ATOM   96  C CD1   . ILE A 1 30  ? -17.609 3.563   3.033   1.00 28.75 ? 27  ILE A CD1   1 
ATOM   97  N N     . PRO A 1 31  ? -16.278 -0.674  5.569   1.00 20.66 ? 28  PRO A N     1 
ATOM   98  C CA    . PRO A 1 31  ? -15.563 -1.759  6.250   1.00 16.84 ? 28  PRO A CA    1 
ATOM   99  C C     . PRO A 1 31  ? -14.390 -2.326  5.444   1.00 16.43 ? 28  PRO A C     1 
ATOM   100 O O     . PRO A 1 31  ? -14.380 -2.281  4.207   1.00 18.79 ? 28  PRO A O     1 
ATOM   101 C CB    . PRO A 1 31  ? -16.656 -2.818  6.453   1.00 19.85 ? 28  PRO A CB    1 
ATOM   102 C CG    . PRO A 1 31  ? -17.631 -2.561  5.348   1.00 23.10 ? 28  PRO A CG    1 
ATOM   103 C CD    . PRO A 1 31  ? -17.637 -1.064  5.156   1.00 18.51 ? 28  PRO A CD    1 
ATOM   104 N N     . ALA A 1 32  ? -13.390 -2.835  6.156   1.00 16.38 ? 29  ALA A N     1 
ATOM   105 C CA    . ALA A 1 32  ? -12.252 -3.492  5.532   1.00 15.13 ? 29  ALA A CA    1 
ATOM   106 C C     . ALA A 1 32  ? -11.622 -4.493  6.486   1.00 17.79 ? 29  ALA A C     1 
ATOM   107 O O     . ALA A 1 32  ? -11.523 -4.238  7.689   1.00 17.59 ? 29  ALA A O     1 
ATOM   108 C CB    . ALA A 1 32  ? -11.209 -2.468  5.089   1.00 17.93 ? 29  ALA A CB    1 
ATOM   109 N N     . LYS A 1 33  ? -11.202 -5.630  5.945   1.00 17.96 ? 30  LYS A N     1 
ATOM   110 C CA    . LYS A 1 33  ? -10.487 -6.627  6.733   1.00 15.29 ? 30  LYS A CA    1 
ATOM   111 C C     . LYS A 1 33  ? -9.005  -6.262  6.800   1.00 16.18 ? 30  LYS A C     1 
ATOM   112 O O     . LYS A 1 33  ? -8.287  -6.321  5.795   1.00 20.48 ? 30  LYS A O     1 
ATOM   113 C CB    . LYS A 1 33  ? -10.679 -8.017  6.131   1.00 18.39 ? 30  LYS A CB    1 
ATOM   114 C CG    . LYS A 1 33  ? -9.995  -9.134  6.906   1.00 22.47 ? 30  LYS A CG    1 
ATOM   115 C CD    . LYS A 1 33  ? -10.418 -10.506 6.397   1.00 30.33 ? 30  LYS A CD    1 
ATOM   116 C CE    . LYS A 1 33  ? -9.994  -10.715 4.951   1.00 35.02 ? 30  LYS A CE    1 
ATOM   117 N NZ    . LYS A 1 33  ? -8.520  -10.567 4.780   1.00 34.81 ? 30  LYS A NZ    1 
ATOM   118 N N     . ILE A 1 34  ? -8.542  -5.885  7.984   1.00 12.92 ? 31  ILE A N     1 
ATOM   119 C CA    . ILE A 1 34  ? -7.176  -5.390  8.109   1.00 11.60 ? 31  ILE A CA    1 
ATOM   120 C C     . ILE A 1 34  ? -6.238  -6.501  8.526   1.00 13.80 ? 31  ILE A C     1 
ATOM   121 O O     . ILE A 1 34  ? -6.624  -7.414  9.250   1.00 16.41 ? 31  ILE A O     1 
ATOM   122 C CB    . ILE A 1 34  ? -7.073  -4.226  9.112   1.00 13.18 ? 31  ILE A CB    1 
ATOM   123 C CG1   . ILE A 1 34  ? -7.659  -4.623  10.470  1.00 16.21 ? 31  ILE A CG1   1 
ATOM   124 C CG2   . ILE A 1 34  ? -7.785  -3.007  8.541   1.00 16.86 ? 31  ILE A CG2   1 
ATOM   125 C CD1   . ILE A 1 34  ? -7.294  -3.655  11.623  1.00 15.61 ? 31  ILE A CD1   1 
ATOM   126 N N     . ILE A 1 35  ? -5.004  -6.424  8.058   1.00 11.06 ? 32  ILE A N     1 
ATOM   127 C CA    . ILE A 1 35  ? -4.008  -7.396  8.472   1.00 12.98 ? 32  ILE A CA    1 
ATOM   128 C C     . ILE A 1 35  ? -2.918  -6.749  9.341   1.00 13.16 ? 32  ILE A C     1 
ATOM   129 O O     . ILE A 1 35  ? -2.123  -7.454  9.969   1.00 17.15 ? 32  ILE A O     1 
ATOM   130 C CB    . ILE A 1 35  ? -3.395  -8.101  7.259   1.00 16.06 ? 32  ILE A CB    1 
ATOM   131 C CG1   . ILE A 1 35  ? -2.645  -7.103  6.384   1.00 13.62 ? 32  ILE A CG1   1 
ATOM   132 C CG2   . ILE A 1 35  ? -4.498  -8.807  6.442   1.00 18.32 ? 32  ILE A CG2   1 
ATOM   133 C CD1   . ILE A 1 35  ? -2.180  -7.701  5.047   1.00 18.80 ? 32  ILE A CD1   1 
ATOM   134 N N     . PHE A 1 36  ? -2.889  -5.418  9.399   1.00 12.66 ? 33  PHE A N     1 
ATOM   135 C CA    . PHE A 1 36  ? -1.951  -4.691  10.250  1.00 15.27 ? 33  PHE A CA    1 
ATOM   136 C C     . PHE A 1 36  ? -2.488  -3.293  10.546  1.00 14.05 ? 33  PHE A C     1 
ATOM   137 O O     . PHE A 1 36  ? -3.029  -2.649  9.655   1.00 13.90 ? 33  PHE A O     1 
ATOM   138 C CB    . PHE A 1 36  ? -0.574  -4.590  9.581   1.00 16.18 ? 33  PHE A CB    1 
ATOM   139 C CG    . PHE A 1 36  ? 0.440   -3.821  10.384  1.00 17.15 ? 33  PHE A CG    1 
ATOM   140 C CD1   . PHE A 1 36  ? 0.526   -2.439  10.289  1.00 18.92 ? 33  PHE A CD1   1 
ATOM   141 C CD2   . PHE A 1 36  ? 1.304   -4.481  11.240  1.00 22.95 ? 33  PHE A CD2   1 
ATOM   142 C CE1   . PHE A 1 36  ? 1.446   -1.732  11.028  1.00 21.01 ? 33  PHE A CE1   1 
ATOM   143 C CE2   . PHE A 1 36  ? 2.237   -3.776  11.985  1.00 29.05 ? 33  PHE A CE2   1 
ATOM   144 C CZ    . PHE A 1 36  ? 2.307   -2.398  11.879  1.00 24.94 ? 33  PHE A CZ    1 
ATOM   145 N N     . GLU A 1 37  ? -2.339  -2.816  11.782  1.00 12.56 ? 34  GLU A N     1 
ATOM   146 C CA    . GLU A 1 37  ? -2.683  -1.435  12.107  1.00 13.20 ? 34  GLU A CA    1 
ATOM   147 C C     . GLU A 1 37  ? -1.767  -0.902  13.193  1.00 14.17 ? 34  GLU A C     1 
ATOM   148 O O     . GLU A 1 37  ? -1.528  -1.585  14.191  1.00 15.70 ? 34  GLU A O     1 
ATOM   149 C CB    . GLU A 1 37  ? -4.146  -1.303  12.572  1.00 11.37 ? 34  GLU A CB    1 
ATOM   150 C CG    . GLU A 1 37  ? -4.530  0.147   12.940  1.00 15.58 ? 34  GLU A CG    1 
ATOM   151 C CD    . GLU A 1 37  ? -5.968  0.296   13.405  1.00 20.93 ? 34  GLU A CD    1 
ATOM   152 O OE1   . GLU A 1 37  ? -6.550  -0.711  13.871  1.00 24.33 ? 34  GLU A OE1   1 
ATOM   153 O OE2   . GLU A 1 37  ? -6.510  1.423   13.324  1.00 23.99 ? 34  GLU A OE2   1 
ATOM   154 N N     . ASP A 1 38  ? -1.260  0.310   12.996  1.00 15.61 ? 35  ASP A N     1 
ATOM   155 C CA    . ASP A 1 38  ? -0.666  1.047   14.114  1.00 18.17 ? 35  ASP A CA    1 
ATOM   156 C C     . ASP A 1 38  ? -1.078  2.512   14.047  1.00 18.12 ? 35  ASP A C     1 
ATOM   157 O O     . ASP A 1 38  ? -2.000  2.877   13.322  1.00 18.31 ? 35  ASP A O     1 
ATOM   158 C CB    . ASP A 1 38  ? 0.866   0.872   14.163  1.00 18.52 ? 35  ASP A CB    1 
ATOM   159 C CG    . ASP A 1 38  ? 1.594   1.424   12.932  1.00 20.84 ? 35  ASP A CG    1 
ATOM   160 O OD1   . ASP A 1 38  ? 1.028   2.268   12.220  1.00 17.42 ? 35  ASP A OD1   1 
ATOM   161 O OD2   . ASP A 1 38  ? 2.766   1.026   12.717  1.00 21.43 ? 35  ASP A OD2   1 
ATOM   162 N N     . ASP A 1 39  ? -0.397  3.364   14.813  1.00 19.85 ? 36  ASP A N     1 
ATOM   163 C CA    . ASP A 1 39  ? -0.783  4.762   14.883  1.00 20.76 ? 36  ASP A CA    1 
ATOM   164 C C     . ASP A 1 39  ? -0.553  5.503   13.566  1.00 15.39 ? 36  ASP A C     1 
ATOM   165 O O     . ASP A 1 39  ? -1.105  6.581   13.349  1.00 22.57 ? 36  ASP A O     1 
ATOM   166 C CB    . ASP A 1 39  ? -0.017  5.458   16.016  1.00 22.99 ? 36  ASP A CB    1 
ATOM   167 C CG    . ASP A 1 39  ? 1.493   5.412   15.821  1.00 31.80 ? 36  ASP A CG    1 
ATOM   168 O OD1   . ASP A 1 39  ? 2.017   4.365   15.379  1.00 33.48 ? 36  ASP A OD1   1 
ATOM   169 O OD2   . ASP A 1 39  ? 2.165   6.429   16.114  1.00 40.94 ? 36  ASP A OD2   1 
ATOM   170 N N     . ARG A 1 40  ? 0.248   4.911   12.682  1.00 15.73 ? 37  ARG A N     1 
ATOM   171 C CA    . ARG A 1 40  ? 0.650   5.607   11.467  1.00 14.45 ? 37  ARG A CA    1 
ATOM   172 C C     . ARG A 1 40  ? 0.117   5.005   10.177  1.00 10.88 ? 37  ARG A C     1 
ATOM   173 O O     . ARG A 1 40  ? 0.097   5.682   9.161   1.00 13.38 ? 37  ARG A O     1 
ATOM   174 C CB    . ARG A 1 40  ? 2.180   5.670   11.377  1.00 16.87 ? 37  ARG A CB    1 
ATOM   175 C CG    . ARG A 1 40  ? 2.777   6.793   12.207  1.00 20.73 ? 37  ARG A CG    1 
ATOM   176 C CD    . ARG A 1 40  ? 4.258   6.960   11.911  1.00 22.80 ? 37  ARG A CD    1 
ATOM   177 N NE    . ARG A 1 40  ? 5.044   5.818   12.360  1.00 25.04 ? 37  ARG A NE    1 
ATOM   178 C CZ    . ARG A 1 40  ? 6.315   5.615   12.023  1.00 25.36 ? 37  ARG A CZ    1 
ATOM   179 N NH1   . ARG A 1 40  ? 6.940   6.478   11.225  1.00 23.42 ? 37  ARG A NH1   1 
ATOM   180 N NH2   . ARG A 1 40  ? 6.959   4.549   12.477  1.00 29.72 ? 37  ARG A NH2   1 
ATOM   181 N N     . CYS A 1 41  ? -0.315  3.751   10.203  1.00 11.78 ? 38  CYS A N     1 
ATOM   182 C CA    . CYS A 1 41  ? -0.719  3.125   8.945   1.00 10.90 ? 38  CYS A CA    1 
ATOM   183 C C     . CYS A 1 41  ? -1.639  1.930   9.124   1.00 14.12 ? 38  CYS A C     1 
ATOM   184 O O     . CYS A 1 41  ? -1.845  1.452   10.246  1.00 13.62 ? 38  CYS A O     1 
ATOM   185 C CB    . CYS A 1 41  ? 0.520   2.698   8.140   1.00 14.60 ? 38  CYS A CB    1 
ATOM   186 S SG    . CYS A 1 41  ? 1.427   1.262   8.763   1.00 17.01 ? 38  CYS A SG    1 
ATOM   187 N N     . LEU A 1 42  ? -2.196  1.482   7.997   1.00 11.54 ? 39  LEU A N     1 
ATOM   188 C CA    . LEU A 1 42  ? -3.078  0.314   7.914   1.00 12.53 ? 39  LEU A CA    1 
ATOM   189 C C     . LEU A 1 42  ? -2.630  -0.559  6.756   1.00 10.27 ? 39  LEU A C     1 
ATOM   190 O O     . LEU A 1 42  ? -2.158  -0.033  5.749   1.00 12.14 ? 39  LEU A O     1 
ATOM   191 C CB    . LEU A 1 42  ? -4.538  0.726   7.673   1.00 15.61 ? 39  LEU A CB    1 
ATOM   192 C CG    . LEU A 1 42  ? -5.476  1.275   8.734   1.00 25.92 ? 39  LEU A CG    1 
ATOM   193 C CD1   . LEU A 1 42  ? -6.741  1.775   8.059   1.00 28.60 ? 39  LEU A CD1   1 
ATOM   194 C CD2   . LEU A 1 42  ? -5.816  0.180   9.723   1.00 21.43 ? 39  LEU A CD2   1 
ATOM   195 N N     . ALA A 1 43  ? -2.791  -1.871  6.879   1.00 10.14 ? 40  ALA A N     1 
ATOM   196 C CA    . ALA A 1 43  ? -2.613  -2.767  5.736   1.00 12.23 ? 40  ALA A CA    1 
ATOM   197 C C     . ALA A 1 43  ? -3.812  -3.689  5.569   1.00 12.60 ? 40  ALA A C     1 
ATOM   198 O O     . ALA A 1 43  ? -4.401  -4.138  6.554   1.00 11.86 ? 40  ALA A O     1 
ATOM   199 C CB    . ALA A 1 43  ? -1.329  -3.580  5.891   1.00 14.08 ? 40  ALA A CB    1 
ATOM   200 N N     . PHE A 1 44  ? -4.171  -3.971  4.321   1.00 9.69  ? 41  PHE A N     1 
ATOM   201 C CA    . PHE A 1 44  ? -5.326  -4.822  4.014   1.00 11.90 ? 41  PHE A CA    1 
ATOM   202 C C     . PHE A 1 44  ? -5.179  -5.401  2.622   1.00 12.76 ? 41  PHE A C     1 
ATOM   203 O O     . PHE A 1 44  ? -4.465  -4.845  1.800   1.00 10.90 ? 41  PHE A O     1 
ATOM   204 C CB    . PHE A 1 44  ? -6.639  -4.031  4.143   1.00 13.05 ? 41  PHE A CB    1 
ATOM   205 C CG    . PHE A 1 44  ? -6.624  -2.694  3.443   1.00 11.34 ? 41  PHE A CG    1 
ATOM   206 C CD1   . PHE A 1 44  ? -7.057  -2.574  2.131   1.00 13.58 ? 41  PHE A CD1   1 
ATOM   207 C CD2   . PHE A 1 44  ? -6.183  -1.559  4.104   1.00 11.28 ? 41  PHE A CD2   1 
ATOM   208 C CE1   . PHE A 1 44  ? -7.047  -1.343  1.491   1.00 12.97 ? 41  PHE A CE1   1 
ATOM   209 C CE2   . PHE A 1 44  ? -6.169  -0.327  3.477   1.00 14.06 ? 41  PHE A CE2   1 
ATOM   210 C CZ    . PHE A 1 44  ? -6.597  -0.219  2.167   1.00 11.56 ? 41  PHE A CZ    1 
ATOM   211 N N     . HIS A 1 45  ? -5.837  -6.526  2.344   1.00 11.07 ? 42  HIS A N     1 
ATOM   212 C CA    . HIS A 1 45  ? -5.725  -7.148  1.023   1.00 11.52 ? 42  HIS A CA    1 
ATOM   213 C C     . HIS A 1 45  ? -6.454  -6.345  -0.051  1.00 12.64 ? 42  HIS A C     1 
ATOM   214 O O     . HIS A 1 45  ? -7.493  -5.723  0.212   1.00 13.27 ? 42  HIS A O     1 
ATOM   215 C CB    . HIS A 1 45  ? -6.268  -8.584  1.055   1.00 15.91 ? 42  HIS A CB    1 
ATOM   216 C CG    . HIS A 1 45  ? -5.429  -9.521  1.867   1.00 11.83 ? 42  HIS A CG    1 
ATOM   217 N ND1   . HIS A 1 45  ? -4.323  -10.163 1.353   1.00 16.19 ? 42  HIS A ND1   1 
ATOM   218 C CD2   . HIS A 1 45  ? -5.528  -9.915  3.160   1.00 18.77 ? 42  HIS A CD2   1 
ATOM   219 C CE1   . HIS A 1 45  ? -3.780  -10.920 2.291   1.00 17.18 ? 42  HIS A CE1   1 
ATOM   220 N NE2   . HIS A 1 45  ? -4.492  -10.786 3.397   1.00 16.83 ? 42  HIS A NE2   1 
ATOM   221 N N     . ASP A 1 46  ? -5.896  -6.351  -1.256  1.00 13.12 ? 43  ASP A N     1 
ATOM   222 C CA    . ASP A 1 46  ? -6.517  -5.647  -2.372  1.00 14.17 ? 43  ASP A CA    1 
ATOM   223 C C     . ASP A 1 46  ? -7.808  -6.359  -2.798  1.00 14.36 ? 43  ASP A C     1 
ATOM   224 O O     . ASP A 1 46  ? -7.857  -7.586  -2.830  1.00 17.18 ? 43  ASP A O     1 
ATOM   225 C CB    . ASP A 1 46  ? -5.539  -5.552  -3.542  1.00 13.32 ? 43  ASP A CB    1 
ATOM   226 C CG    . ASP A 1 46  ? -5.944  -4.508  -4.554  1.00 15.46 ? 43  ASP A CG    1 
ATOM   227 O OD1   . ASP A 1 46  ? -6.944  -4.721  -5.261  1.00 16.61 ? 43  ASP A OD1   1 
ATOM   228 O OD2   . ASP A 1 46  ? -5.263  -3.465  -4.630  1.00 14.20 ? 43  ASP A OD2   1 
ATOM   229 N N     . ILE A 1 47  ? -8.834  -5.563  -3.103  1.00 14.01 ? 44  ILE A N     1 
ATOM   230 C CA    . ILE A 1 47  ? -10.150 -6.057  -3.534  1.00 16.99 ? 44  ILE A CA    1 
ATOM   231 C C     . ILE A 1 47  ? -10.109 -6.655  -4.939  1.00 18.10 ? 44  ILE A C     1 
ATOM   232 O O     . ILE A 1 47  ? -10.978 -7.445  -5.331  1.00 17.31 ? 44  ILE A O     1 
ATOM   233 C CB    . ILE A 1 47  ? -11.190 -4.899  -3.483  1.00 14.82 ? 44  ILE A CB    1 
ATOM   234 C CG1   . ILE A 1 47  ? -12.620 -5.422  -3.388  1.00 23.72 ? 44  ILE A CG1   1 
ATOM   235 C CG2   . ILE A 1 47  ? -11.022 -3.955  -4.664  1.00 21.39 ? 44  ILE A CG2   1 
ATOM   236 C CD1   . ILE A 1 47  ? -13.623 -4.302  -3.210  1.00 24.91 ? 44  ILE A CD1   1 
ATOM   237 N N     . SER A 1 48  ? -9.094  -6.272  -5.702  1.00 16.78 ? 45  SER A N     1 
ATOM   238 C CA    . SER A 1 48  ? -8.909  -6.764  -7.060  1.00 15.13 ? 45  SER A CA    1 
ATOM   239 C C     . SER A 1 48  ? -7.494  -7.290  -7.202  1.00 16.55 ? 45  SER A C     1 
ATOM   240 O O     . SER A 1 48  ? -6.668  -6.678  -7.881  1.00 16.34 ? 45  SER A O     1 
ATOM   241 C CB    . SER A 1 48  ? -9.165  -5.657  -8.086  1.00 20.60 ? 45  SER A CB    1 
ATOM   242 O OG    . SER A 1 48  ? -10.440 -5.083  -7.892  1.00 26.64 ? 45  SER A OG    1 
ATOM   243 N N     . PRO A 1 49  ? -7.202  -8.423  -6.551  1.00 15.92 ? 46  PRO A N     1 
ATOM   244 C CA    . PRO A 1 49  ? -5.814  -8.886  -6.474  1.00 13.56 ? 46  PRO A CA    1 
ATOM   245 C C     . PRO A 1 49  ? -5.235  -9.267  -7.822  1.00 15.78 ? 46  PRO A C     1 
ATOM   246 O O     . PRO A 1 49  ? -5.913  -9.878  -8.659  1.00 17.05 ? 46  PRO A O     1 
ATOM   247 C CB    . PRO A 1 49  ? -5.899  -10.113 -5.561  1.00 15.62 ? 46  PRO A CB    1 
ATOM   248 C CG    . PRO A 1 49  ? -7.329  -10.562 -5.677  1.00 15.19 ? 46  PRO A CG    1 
ATOM   249 C CD    . PRO A 1 49  ? -8.111  -9.298  -5.791  1.00 16.76 ? 46  PRO A CD    1 
ATOM   250 N N     . GLN A 1 50  ? -3.976  -8.903  -8.021  1.00 10.75 ? 47  GLN A N     1 
ATOM   251 C CA    . GLN A 1 50  ? -3.273  -9.168  -9.268  1.00 10.68 ? 47  GLN A CA    1 
ATOM   252 C C     . GLN A 1 50  ? -2.221  -10.254 -9.126  1.00 13.77 ? 47  GLN A C     1 
ATOM   253 O O     . GLN A 1 50  ? -1.459  -10.525 -10.056 1.00 14.62 ? 47  GLN A O     1 
ATOM   254 C CB    . GLN A 1 50  ? -2.606  -7.886  -9.767  1.00 14.71 ? 47  GLN A CB    1 
ATOM   255 C CG    . GLN A 1 50  ? -3.569  -6.741  -9.973  1.00 14.85 ? 47  GLN A CG    1 
ATOM   256 C CD    . GLN A 1 50  ? -4.565  -7.021  -11.071 1.00 14.94 ? 47  GLN A CD    1 
ATOM   257 O OE1   . GLN A 1 50  ? -4.189  -7.375  -12.194 1.00 18.14 ? 47  GLN A OE1   1 
ATOM   258 N NE2   . GLN A 1 50  ? -5.847  -6.854  -10.759 1.00 18.42 ? 47  GLN A NE2   1 
ATOM   259 N N     . ALA A 1 51  ? -2.179  -10.865 -7.948  1.00 14.04 ? 48  ALA A N     1 
ATOM   260 C CA    . ALA A 1 51  ? -1.239  -11.931 -7.652  1.00 13.01 ? 48  ALA A CA    1 
ATOM   261 C C     . ALA A 1 51  ? -1.851  -12.773 -6.545  1.00 12.40 ? 48  ALA A C     1 
ATOM   262 O O     . ALA A 1 51  ? -2.796  -12.326 -5.913  1.00 12.69 ? 48  ALA A O     1 
ATOM   263 C CB    . ALA A 1 51  ? 0.113   -11.363 -7.234  1.00 12.87 ? 48  ALA A CB    1 
ATOM   264 N N     . PRO A 1 52  ? -1.321  -13.992 -6.314  1.00 11.24 ? 49  PRO A N     1 
ATOM   265 C CA    . PRO A 1 52  ? -1.916  -14.826 -5.263  1.00 13.38 ? 49  PRO A CA    1 
ATOM   266 C C     . PRO A 1 52  ? -1.920  -14.108 -3.908  1.00 14.45 ? 49  PRO A C     1 
ATOM   267 O O     . PRO A 1 52  ? -2.846  -14.291 -3.114  1.00 15.05 ? 49  PRO A O     1 
ATOM   268 C CB    . PRO A 1 52  ? -1.019  -16.066 -5.264  1.00 13.35 ? 49  PRO A CB    1 
ATOM   269 C CG    . PRO A 1 52  ? -0.590  -16.183 -6.689  1.00 15.87 ? 49  PRO A CG    1 
ATOM   270 C CD    . PRO A 1 52  ? -0.373  -14.756 -7.144  1.00 15.51 ? 49  PRO A CD    1 
ATOM   271 N N     . THR A 1 53  ? -0.904  -13.280 -3.667  1.00 11.47 ? 50  THR A N     1 
ATOM   272 C CA    . THR A 1 53  ? -0.910  -12.368 -2.540  1.00 9.81  ? 50  THR A CA    1 
ATOM   273 C C     . THR A 1 53  ? -0.773  -10.951 -3.085  1.00 10.95 ? 50  THR A C     1 
ATOM   274 O O     . THR A 1 53  ? 0.138   -10.662 -3.864  1.00 12.56 ? 50  THR A O     1 
ATOM   275 C CB    . THR A 1 53  ? 0.227   -12.663 -1.545  1.00 13.79 ? 50  THR A CB    1 
ATOM   276 O OG1   . THR A 1 53  ? 0.023   -13.965 -0.980  1.00 15.92 ? 50  THR A OG1   1 
ATOM   277 C CG2   . THR A 1 53  ? 0.248   -11.628 -0.427  1.00 13.84 ? 50  THR A CG2   1 
ATOM   278 N N     . HIS A 1 54  ? -1.706  -10.096 -2.701  1.00 10.30 ? 51  HIS A N     1 
ATOM   279 C CA    . HIS A 1 54  ? -1.706  -8.700  -3.113  1.00 8.74  ? 51  HIS A CA    1 
ATOM   280 C C     . HIS A 1 54  ? -2.380  -7.893  -2.014  1.00 9.65  ? 51  HIS A C     1 
ATOM   281 O O     . HIS A 1 54  ? -3.599  -7.978  -1.825  1.00 11.53 ? 51  HIS A O     1 
ATOM   282 C CB    . HIS A 1 54  ? -2.433  -8.548  -4.457  1.00 8.63  ? 51  HIS A CB    1 
ATOM   283 C CG    . HIS A 1 54  ? -2.429  -7.152  -5.009  1.00 11.75 ? 51  HIS A CG    1 
ATOM   284 N ND1   . HIS A 1 54  ? -3.051  -6.823  -6.193  1.00 11.72 ? 51  HIS A ND1   1 
ATOM   285 C CD2   . HIS A 1 54  ? -1.872  -6.006  -4.546  1.00 11.34 ? 51  HIS A CD2   1 
ATOM   286 C CE1   . HIS A 1 54  ? -2.893  -5.531  -6.432  1.00 11.77 ? 51  HIS A CE1   1 
ATOM   287 N NE2   . HIS A 1 54  ? -2.175  -5.012  -5.452  1.00 11.19 ? 51  HIS A NE2   1 
ATOM   288 N N     . PHE A 1 55  ? -1.591  -7.129  -1.261  1.00 9.33  ? 52  PHE A N     1 
ATOM   289 C CA    . PHE A 1 55  ? -2.166  -6.261  -0.246  1.00 8.24  ? 52  PHE A CA    1 
ATOM   290 C C     . PHE A 1 55  ? -1.629  -4.847  -0.386  1.00 10.32 ? 52  PHE A C     1 
ATOM   291 O O     . PHE A 1 55  ? -0.717  -4.601  -1.184  1.00 10.48 ? 52  PHE A O     1 
ATOM   292 C CB    . PHE A 1 55  ? -1.901  -6.812  1.177   1.00 11.39 ? 52  PHE A CB    1 
ATOM   293 C CG    . PHE A 1 55  ? -0.444  -6.891  1.557   1.00 8.65  ? 52  PHE A CG    1 
ATOM   294 C CD1   . PHE A 1 55  ? 0.160   -5.846  2.238   1.00 10.23 ? 52  PHE A CD1   1 
ATOM   295 C CD2   . PHE A 1 55  ? 0.306   -8.021  1.264   1.00 9.66  ? 52  PHE A CD2   1 
ATOM   296 C CE1   . PHE A 1 55  ? 1.494   -5.913  2.607   1.00 9.52  ? 52  PHE A CE1   1 
ATOM   297 C CE2   . PHE A 1 55  ? 1.654   -8.096  1.620   1.00 11.10 ? 52  PHE A CE2   1 
ATOM   298 C CZ    . PHE A 1 55  ? 2.245   -7.032  2.297   1.00 9.75  ? 52  PHE A CZ    1 
ATOM   299 N N     . LEU A 1 56  ? -2.241  -3.938  0.366   1.00 9.66  ? 53  LEU A N     1 
ATOM   300 C CA    . LEU A 1 56  ? -1.930  -2.518  0.329   1.00 8.45  ? 53  LEU A CA    1 
ATOM   301 C C     . LEU A 1 56  ? -1.493  -2.058  1.709   1.00 10.68 ? 53  LEU A C     1 
ATOM   302 O O     . LEU A 1 56  ? -1.989  -2.571  2.717   1.00 11.46 ? 53  LEU A O     1 
ATOM   303 C CB    . LEU A 1 56  ? -3.149  -1.713  -0.105  1.00 11.00 ? 53  LEU A CB    1 
ATOM   304 C CG    . LEU A 1 56  ? -3.831  -2.177  -1.388  1.00 12.57 ? 53  LEU A CG    1 
ATOM   305 C CD1   . LEU A 1 56  ? -5.026  -1.281  -1.701  1.00 14.16 ? 53  LEU A CD1   1 
ATOM   306 C CD2   . LEU A 1 56  ? -2.812  -2.122  -2.499  1.00 12.50 ? 53  LEU A CD2   1 
ATOM   307 N N     . VAL A 1 57  ? -0.572  -1.096  1.757   1.00 9.60  ? 54  VAL A N     1 
ATOM   308 C CA    . VAL A 1 57  ? -0.213  -0.420  3.008   1.00 12.09 ? 54  VAL A CA    1 
ATOM   309 C C     . VAL A 1 57  ? -0.448  1.059   2.788   1.00 11.76 ? 54  VAL A C     1 
ATOM   310 O O     . VAL A 1 57  ? 0.071   1.628   1.829   1.00 12.79 ? 54  VAL A O     1 
ATOM   311 C CB    . VAL A 1 57  ? 1.257   -0.672  3.427   1.00 9.87  ? 54  VAL A CB    1 
ATOM   312 C CG1   . VAL A 1 57  ? 1.520   -0.148  4.856   1.00 9.55  ? 54  VAL A CG1   1 
ATOM   313 C CG2   . VAL A 1 57  ? 1.576   -2.152  3.353   1.00 9.61  ? 54  VAL A CG2   1 
ATOM   314 N N     . ILE A 1 58  ? -1.247  1.686   3.647   1.00 9.60  ? 55  ILE A N     1 
ATOM   315 C CA    . ILE A 1 58  ? -1.561  3.097   3.480   1.00 9.59  ? 55  ILE A CA    1 
ATOM   316 C C     . ILE A 1 58  ? -1.295  3.880   4.750   1.00 10.48 ? 55  ILE A C     1 
ATOM   317 O O     . ILE A 1 58  ? -1.474  3.361   5.847   1.00 11.38 ? 55  ILE A O     1 
ATOM   318 C CB    . ILE A 1 58  ? -3.041  3.319   3.047   1.00 12.59 ? 55  ILE A CB    1 
ATOM   319 C CG1   . ILE A 1 58  ? -4.029  2.862   4.129   1.00 14.69 ? 55  ILE A CG1   1 
ATOM   320 C CG2   . ILE A 1 58  ? -3.335  2.605   1.734   1.00 13.29 ? 55  ILE A CG2   1 
ATOM   321 C CD1   . ILE A 1 58  ? -5.478  3.243   3.789   1.00 13.67 ? 55  ILE A CD1   1 
ATOM   322 N N     . PRO A 1 59  ? -0.841  5.127   4.608   1.00 11.44 ? 56  PRO A N     1 
ATOM   323 C CA    . PRO A 1 59  ? -0.711  5.987   5.786   1.00 10.51 ? 56  PRO A CA    1 
ATOM   324 C C     . PRO A 1 59  ? -2.087  6.409   6.296   1.00 10.68 ? 56  PRO A C     1 
ATOM   325 O O     . PRO A 1 59  ? -3.012  6.592   5.509   1.00 11.78 ? 56  PRO A O     1 
ATOM   326 C CB    . PRO A 1 59  ? 0.078   7.192   5.256   1.00 12.92 ? 56  PRO A CB    1 
ATOM   327 C CG    . PRO A 1 59  ? -0.314  7.263   3.783   1.00 13.12 ? 56  PRO A CG    1 
ATOM   328 C CD    . PRO A 1 59  ? -0.506  5.826   3.348   1.00 11.98 ? 56  PRO A CD    1 
ATOM   329 N N     . LYS A 1 60  ? -2.222  6.581   7.603   1.00 11.40 ? 57  LYS A N     1 
ATOM   330 C CA    . LYS A 1 60  ? -3.441  7.170   8.141   1.00 10.93 ? 57  LYS A CA    1 
ATOM   331 C C     . LYS A 1 60  ? -3.528  8.663   7.833   1.00 15.20 ? 57  LYS A C     1 
ATOM   332 O O     . LYS A 1 60  ? -4.622  9.214   7.668   1.00 15.60 ? 57  LYS A O     1 
ATOM   333 C CB    . LYS A 1 60  ? -3.520  6.916   9.640   1.00 12.34 ? 57  LYS A CB    1 
ATOM   334 C CG    . LYS A 1 60  ? -3.812  5.462   9.972   1.00 13.64 ? 57  LYS A CG    1 
ATOM   335 C CD    . LYS A 1 60  ? -4.031  5.261   11.462  1.00 15.79 ? 57  LYS A CD    1 
ATOM   336 C CE    . LYS A 1 60  ? -4.618  3.875   11.708  1.00 16.62 ? 57  LYS A CE    1 
ATOM   337 N NZ    . LYS A 1 60  ? -4.737  3.581   13.167  1.00 18.98 ? 57  LYS A NZ    1 
ATOM   338 N N     . LYS A 1 61  ? -2.367  9.311   7.736   1.00 12.04 ? 58  LYS A N     1 
ATOM   339 C CA    . LYS A 1 61  ? -2.294  10.707  7.325   1.00 14.36 ? 58  LYS A CA    1 
ATOM   340 C C     . LYS A 1 61  ? -2.745  10.855  5.886   1.00 16.62 ? 58  LYS A C     1 
ATOM   341 O O     . LYS A 1 61  ? -2.369  10.055  5.024   1.00 15.75 ? 58  LYS A O     1 
ATOM   342 C CB    . LYS A 1 61  ? -0.866  11.228  7.473   1.00 14.11 ? 58  LYS A CB    1 
ATOM   343 C CG    . LYS A 1 61  ? -0.702  12.686  7.056   1.00 15.87 ? 58  LYS A CG    1 
ATOM   344 C CD    . LYS A 1 61  ? 0.737   13.125  7.160   1.00 17.96 ? 58  LYS A CD    1 
ATOM   345 C CE    . LYS A 1 61  ? 0.882   14.586  6.747   1.00 25.62 ? 58  LYS A CE    1 
ATOM   346 N NZ    . LYS A 1 61  ? 2.263   15.093  6.967   1.00 24.59 ? 58  LYS A NZ    1 
ATOM   347 N N     . HIS A 1 62  ? -3.551  11.874  5.619   1.00 17.70 ? 59  HIS A N     1 
ATOM   348 C CA    . HIS A 1 62  ? -3.969  12.134  4.256   1.00 18.81 ? 59  HIS A CA    1 
ATOM   349 C C     . HIS A 1 62  ? -2.841  12.757  3.447   1.00 19.11 ? 59  HIS A C     1 
ATOM   350 O O     . HIS A 1 62  ? -2.450  13.902  3.666   1.00 18.39 ? 59  HIS A O     1 
ATOM   351 C CB    . HIS A 1 62  ? -5.188  13.048  4.203   1.00 23.48 ? 59  HIS A CB    1 
ATOM   352 C CG    . HIS A 1 62  ? -5.588  13.403  2.807   1.00 26.28 ? 59  HIS A CG    1 
ATOM   353 N ND1   . HIS A 1 62  ? -5.826  12.450  1.840   1.00 30.27 ? 59  HIS A ND1   1 
ATOM   354 C CD2   . HIS A 1 62  ? -5.750  14.603  2.202   1.00 29.59 ? 59  HIS A CD2   1 
ATOM   355 C CE1   . HIS A 1 62  ? -6.139  13.048  0.704   1.00 29.26 ? 59  HIS A CE1   1 
ATOM   356 N NE2   . HIS A 1 62  ? -6.100  14.354  0.897   1.00 27.45 ? 59  HIS A NE2   1 
ATOM   357 N N     . ILE A 1 63  ? -2.301  11.967  2.531   1.00 14.48 ? 60  ILE A N     1 
ATOM   358 C CA    . ILE A 1 63  ? -1.401  12.449  1.495   1.00 15.39 ? 60  ILE A CA    1 
ATOM   359 C C     . ILE A 1 63  ? -2.018  11.936  0.212   1.00 13.60 ? 60  ILE A C     1 
ATOM   360 O O     . ILE A 1 63  ? -2.168  10.726  0.057   1.00 14.59 ? 60  ILE A O     1 
ATOM   361 C CB    . ILE A 1 63  ? 0.031   11.913  1.658   1.00 14.17 ? 60  ILE A CB    1 
ATOM   362 C CG1   . ILE A 1 63  ? 0.552   12.166  3.072   1.00 16.61 ? 60  ILE A CG1   1 
ATOM   363 C CG2   . ILE A 1 63  ? 0.963   12.530  0.616   1.00 14.70 ? 60  ILE A CG2   1 
ATOM   364 C CD1   . ILE A 1 63  ? 1.885   11.489  3.350   1.00 15.55 ? 60  ILE A CD1   1 
ATOM   365 N N     . SER A 1 64  ? -2.391  12.828  -0.700  1.00 14.16 ? 61  SER A N     1 
ATOM   366 C CA    . SER A 1 64  ? -3.196  12.399  -1.841  1.00 13.77 ? 61  SER A CA    1 
ATOM   367 C C     . SER A 1 64  ? -2.384  11.611  -2.853  1.00 15.92 ? 61  SER A C     1 
ATOM   368 O O     . SER A 1 64  ? -2.907  10.728  -3.522  1.00 14.11 ? 61  SER A O     1 
ATOM   369 C CB    . SER A 1 64  ? -3.862  13.602  -2.521  1.00 15.56 ? 61  SER A CB    1 
ATOM   370 O OG    . SER A 1 64  ? -2.900  14.480  -3.070  1.00 17.92 ? 61  SER A OG    1 
ATOM   371 N N     . GLN A 1 65  ? -1.100  11.924  -2.961  1.00 13.63 ? 62  GLN A N     1 
ATOM   372 C CA    . GLN A 1 65  ? -0.247  11.230  -3.908  1.00 14.36 ? 62  GLN A CA    1 
ATOM   373 C C     . GLN A 1 65  ? 1.197   11.500  -3.545  1.00 13.98 ? 62  GLN A C     1 
ATOM   374 O O     . GLN A 1 65  ? 1.493   12.492  -2.882  1.00 15.72 ? 62  GLN A O     1 
ATOM   375 C CB    . GLN A 1 65  ? -0.539  11.682  -5.328  1.00 18.13 ? 62  GLN A CB    1 
ATOM   376 C CG    . GLN A 1 65  ? -0.409  13.155  -5.504  1.00 16.34 ? 62  GLN A CG    1 
ATOM   377 C CD    . GLN A 1 65  ? -1.492  13.709  -6.403  1.00 22.02 ? 62  GLN A CD    1 
ATOM   378 O OE1   . GLN A 1 65  ? -2.536  14.169  -5.935  1.00 28.87 ? 62  GLN A OE1   1 
ATOM   379 N NE2   . GLN A 1 65  ? -1.258  13.650  -7.700  1.00 19.71 ? 62  GLN A NE2   1 
ATOM   380 N N     . ILE A 1 66  ? 2.095   10.627  -3.982  1.00 11.57 ? 63  ILE A N     1 
ATOM   381 C CA    . ILE A 1 66  ? 3.467   10.720  -3.517  1.00 11.81 ? 63  ILE A CA    1 
ATOM   382 C C     . ILE A 1 66  ? 4.111   12.031  -3.999  1.00 12.34 ? 63  ILE A C     1 
ATOM   383 O O     . ILE A 1 66  ? 4.989   12.556  -3.327  1.00 13.11 ? 63  ILE A O     1 
ATOM   384 C CB    . ILE A 1 66  ? 4.288   9.475   -3.959  1.00 13.70 ? 63  ILE A CB    1 
ATOM   385 C CG1   . ILE A 1 66  ? 5.650   9.449   -3.262  1.00 20.54 ? 63  ILE A CG1   1 
ATOM   386 C CG2   . ILE A 1 66  ? 4.414   9.404   -5.474  1.00 17.04 ? 63  ILE A CG2   1 
ATOM   387 C CD1   . ILE A 1 66  ? 5.599   8.796   -1.910  1.00 23.47 ? 63  ILE A CD1   1 
ATOM   388 N N     . SER A 1 67  ? 3.646   12.588  -5.115  1.00 12.87 ? 64  SER A N     1 
ATOM   389 C CA    . SER A 1 67  ? 4.252   13.820  -5.621  1.00 11.98 ? 64  SER A CA    1 
ATOM   390 C C     . SER A 1 67  ? 4.031   15.016  -4.706  1.00 15.53 ? 64  SER A C     1 
ATOM   391 O O     . SER A 1 67  ? 4.750   16.002  -4.821  1.00 17.18 ? 64  SER A O     1 
ATOM   392 C CB    . SER A 1 67  ? 3.733   14.150  -7.026  1.00 13.30 ? 64  SER A CB    1 
ATOM   393 O OG    . SER A 1 67  ? 2.356   14.512  -7.007  1.00 14.43 ? 64  SER A OG    1 
ATOM   394 N N     . VAL A 1 68  ? 3.067   14.936  -3.791  1.00 12.32 ? 65  VAL A N     1 
ATOM   395 C CA    . VAL A 1 68  ? 2.853   16.038  -2.854  1.00 12.49 ? 65  VAL A CA    1 
ATOM   396 C C     . VAL A 1 68  ? 3.286   15.710  -1.420  1.00 13.77 ? 65  VAL A C     1 
ATOM   397 O O     . VAL A 1 68  ? 3.037   16.493  -0.489  1.00 16.45 ? 65  VAL A O     1 
ATOM   398 C CB    . VAL A 1 68  ? 1.379   16.497  -2.832  1.00 15.02 ? 65  VAL A CB    1 
ATOM   399 C CG1   . VAL A 1 68  ? 0.939   16.932  -4.223  1.00 19.17 ? 65  VAL A CG1   1 
ATOM   400 C CG2   . VAL A 1 68  ? 0.475   15.407  -2.283  1.00 17.91 ? 65  VAL A CG2   1 
ATOM   401 N N     . ALA A 1 69  ? 3.942   14.566  -1.236  1.00 11.72 ? 66  ALA A N     1 
ATOM   402 C CA    . ALA A 1 69  ? 4.541   14.246  0.052   1.00 12.84 ? 66  ALA A CA    1 
ATOM   403 C C     . ALA A 1 69  ? 5.572   15.308  0.412   1.00 14.18 ? 66  ALA A C     1 
ATOM   404 O O     . ALA A 1 69  ? 6.278   15.823  -0.454  1.00 17.88 ? 66  ALA A O     1 
ATOM   405 C CB    . ALA A 1 69  ? 5.182   12.875  0.017   1.00 14.50 ? 66  ALA A CB    1 
ATOM   406 N N     . GLU A 1 70  ? 5.641   15.641  1.694   1.00 15.27 ? 67  GLU A N     1 
ATOM   407 C CA    . GLU A 1 70  ? 6.591   16.644  2.173   1.00 16.70 ? 67  GLU A CA    1 
ATOM   408 C C     . GLU A 1 70  ? 7.864   15.971  2.667   1.00 15.57 ? 67  GLU A C     1 
ATOM   409 O O     . GLU A 1 70  ? 7.891   14.764  2.884   1.00 14.07 ? 67  GLU A O     1 
ATOM   410 C CB    . GLU A 1 70  ? 5.950   17.491  3.275   1.00 19.13 ? 67  GLU A CB    1 
ATOM   411 C CG    . GLU A 1 70  ? 4.789   18.347  2.763   1.00 24.83 ? 67  GLU A CG    1 
ATOM   412 C CD    . GLU A 1 70  ? 3.994   19.034  3.868   1.00 28.58 ? 67  GLU A CD    1 
ATOM   413 O OE1   . GLU A 1 70  ? 4.187   18.708  5.059   1.00 32.22 ? 67  GLU A OE1   1 
ATOM   414 O OE2   . GLU A 1 70  ? 3.162   19.909  3.535   1.00 45.11 ? 67  GLU A OE2   1 
ATOM   415 N N     . ASP A 1 71  ? 8.928   16.752  2.838   1.00 13.77 ? 68  ASP A N     1 
ATOM   416 C CA    . ASP A 1 71  ? 10.199  16.205  3.266   1.00 13.46 ? 68  ASP A CA    1 
ATOM   417 C C     . ASP A 1 71  ? 10.076  15.468  4.593   1.00 13.83 ? 68  ASP A C     1 
ATOM   418 O O     . ASP A 1 71  ? 10.705  14.436  4.800   1.00 15.47 ? 68  ASP A O     1 
ATOM   419 C CB    . ASP A 1 71  ? 11.251  17.317  3.398   1.00 16.59 ? 68  ASP A CB    1 
ATOM   420 C CG    . ASP A 1 71  ? 11.691  17.862  2.061   1.00 22.78 ? 68  ASP A CG    1 
ATOM   421 O OD1   . ASP A 1 71  ? 11.515  17.158  1.041   1.00 22.37 ? 68  ASP A OD1   1 
ATOM   422 O OD2   . ASP A 1 71  ? 12.212  19.000  2.032   1.00 20.13 ? 68  ASP A OD2   1 
ATOM   423 N N     . ASP A 1 72  ? 9.250   15.994  5.484   1.00 13.56 ? 69  ASP A N     1 
ATOM   424 C CA    . ASP A 1 72  ? 9.125   15.413  6.811   1.00 15.43 ? 69  ASP A CA    1 
ATOM   425 C C     . ASP A 1 72  ? 8.233   14.177  6.825   1.00 15.60 ? 69  ASP A C     1 
ATOM   426 O O     . ASP A 1 72  ? 8.035   13.577  7.883   1.00 17.14 ? 69  ASP A O     1 
ATOM   427 C CB    . ASP A 1 72  ? 8.601   16.452  7.791   1.00 19.69 ? 69  ASP A CB    1 
ATOM   428 C CG    . ASP A 1 72  ? 9.653   17.492  8.146   1.00 30.11 ? 69  ASP A CG    1 
ATOM   429 O OD1   . ASP A 1 72  ? 10.753  17.097  8.596   1.00 37.71 ? 69  ASP A OD1   1 
ATOM   430 O OD2   . ASP A 1 72  ? 9.387   18.699  7.962   1.00 37.34 ? 69  ASP A OD2   1 
ATOM   431 N N     . ASP A 1 73  ? 7.715   13.796  5.658   1.00 12.96 ? 70  ASP A N     1 
ATOM   432 C CA    . ASP A 1 73  ? 7.001   12.526  5.511   1.00 12.92 ? 70  ASP A CA    1 
ATOM   433 C C     . ASP A 1 73  ? 7.944   11.354  5.235   1.00 16.15 ? 70  ASP A C     1 
ATOM   434 O O     . ASP A 1 73  ? 7.478   10.222  5.031   1.00 13.35 ? 70  ASP A O     1 
ATOM   435 C CB    . ASP A 1 73  ? 5.970   12.610  4.372   1.00 12.68 ? 70  ASP A CB    1 
ATOM   436 C CG    . ASP A 1 73  ? 4.801   13.523  4.700   1.00 17.62 ? 70  ASP A CG    1 
ATOM   437 O OD1   . ASP A 1 73  ? 4.356   13.522  5.868   1.00 17.42 ? 70  ASP A OD1   1 
ATOM   438 O OD2   . ASP A 1 73  ? 4.325   14.239  3.788   1.00 19.48 ? 70  ASP A OD2   1 
ATOM   439 N N     . GLU A 1 74  ? 9.255   11.604  5.225   1.00 12.48 ? 71  GLU A N     1 
ATOM   440 C CA    . GLU A 1 74  ? 10.236  10.561  4.899   1.00 13.83 ? 71  GLU A CA    1 
ATOM   441 C C     . GLU A 1 74  ? 10.081  9.327   5.765   1.00 14.25 ? 71  GLU A C     1 
ATOM   442 O O     . GLU A 1 74  ? 10.016  8.214   5.258   1.00 14.65 ? 71  GLU A O     1 
ATOM   443 C CB    . GLU A 1 74  ? 11.681  11.080  5.042   1.00 19.55 ? 71  GLU A CB    1 
ATOM   444 C CG    . GLU A 1 74  ? 12.243  11.707  3.788   1.00 26.58 ? 71  GLU A CG    1 
ATOM   445 C CD    . GLU A 1 74  ? 13.732  12.031  3.885   1.00 22.54 ? 71  GLU A CD    1 
ATOM   446 O OE1   . GLU A 1 74  ? 14.385  11.630  4.875   1.00 27.50 ? 71  GLU A OE1   1 
ATOM   447 O OE2   . GLU A 1 74  ? 14.241  12.692  2.950   1.00 33.48 ? 71  GLU A OE2   1 
ATOM   448 N N     . SER A 1 75  ? 10.008  9.523   7.074   1.00 12.10 ? 72  SER A N     1 
ATOM   449 C CA    A SER A 1 75  ? 9.929   8.394   7.995   0.38 13.40 ? 72  SER A CA    1 
ATOM   450 C CA    B SER A 1 75  ? 9.931   8.391   7.988   0.62 13.35 ? 72  SER A CA    1 
ATOM   451 C C     . SER A 1 75  ? 8.636   7.617   7.795   1.00 14.94 ? 72  SER A C     1 
ATOM   452 O O     . SER A 1 75  ? 8.626   6.389   7.876   1.00 14.75 ? 72  SER A O     1 
ATOM   453 C CB    A SER A 1 75  ? 10.039  8.872   9.442   0.38 17.41 ? 72  SER A CB    1 
ATOM   454 C CB    B SER A 1 75  ? 10.063  8.867   9.434   0.62 17.42 ? 72  SER A CB    1 
ATOM   455 O OG    A SER A 1 75  ? 8.986   9.758   9.761   0.38 20.62 ? 72  SER A OG    1 
ATOM   456 O OG    B SER A 1 75  ? 11.356  9.410   9.653   0.62 19.31 ? 72  SER A OG    1 
ATOM   457 N N     . LEU A 1 76  ? 7.553   8.339   7.533   1.00 13.37 ? 73  LEU A N     1 
ATOM   458 C CA    . LEU A 1 76  ? 6.262   7.694   7.312   1.00 11.71 ? 73  LEU A CA    1 
ATOM   459 C C     . LEU A 1 76  ? 6.300   6.815   6.068   1.00 11.68 ? 73  LEU A C     1 
ATOM   460 O O     . LEU A 1 76  ? 5.822   5.676   6.079   1.00 11.87 ? 73  LEU A O     1 
ATOM   461 C CB    . LEU A 1 76  ? 5.163   8.741   7.183   1.00 14.04 ? 73  LEU A CB    1 
ATOM   462 C CG    . LEU A 1 76  ? 3.764   8.236   6.812   1.00 14.81 ? 73  LEU A CG    1 
ATOM   463 C CD1   . LEU A 1 76  ? 3.287   7.217   7.835   1.00 15.73 ? 73  LEU A CD1   1 
ATOM   464 C CD2   . LEU A 1 76  ? 2.827   9.409   6.764   1.00 15.99 ? 73  LEU A CD2   1 
ATOM   465 N N     . LEU A 1 77  ? 6.847   7.358   4.979   1.00 11.84 ? 74  LEU A N     1 
ATOM   466 C CA    . LEU A 1 77  ? 6.930   6.612   3.730   1.00 10.84 ? 74  LEU A CA    1 
ATOM   467 C C     . LEU A 1 77  ? 7.800   5.370   3.914   1.00 9.28  ? 74  LEU A C     1 
ATOM   468 O O     . LEU A 1 77  ? 7.454   4.280   3.451   1.00 11.71 ? 74  LEU A O     1 
ATOM   469 C CB    . LEU A 1 77  ? 7.480   7.510   2.622   1.00 9.93  ? 74  LEU A CB    1 
ATOM   470 C CG    . LEU A 1 77  ? 6.573   8.674   2.244   1.00 11.98 ? 74  LEU A CG    1 
ATOM   471 C CD1   . LEU A 1 77  ? 7.286   9.575   1.228   1.00 13.71 ? 74  LEU A CD1   1 
ATOM   472 C CD2   . LEU A 1 77  ? 5.251   8.185   1.686   1.00 13.56 ? 74  LEU A CD2   1 
ATOM   473 N N     . GLY A 1 78  ? 8.907   5.514   4.636   1.00 10.71 ? 75  GLY A N     1 
ATOM   474 C CA    . GLY A 1 78  ? 9.760   4.371   4.911   1.00 10.11 ? 75  GLY A CA    1 
ATOM   475 C C     . GLY A 1 78  ? 9.050   3.336   5.761   1.00 11.67 ? 75  GLY A C     1 
ATOM   476 O O     . GLY A 1 78  ? 9.222   2.134   5.568   1.00 12.43 ? 75  GLY A O     1 
ATOM   477 N N     . HIS A 1 79  ? 8.247   3.822   6.699   1.00 10.45 ? 76  HIS A N     1 
ATOM   478 C CA    . HIS A 1 79  ? 7.453   2.948   7.558   1.00 11.11 ? 76  HIS A CA    1 
ATOM   479 C C     . HIS A 1 79  ? 6.505   2.079   6.734   1.00 11.72 ? 76  HIS A C     1 
ATOM   480 O O     . HIS A 1 79  ? 6.318   0.899   7.037   1.00 11.23 ? 76  HIS A O     1 
ATOM   481 C CB    . HIS A 1 79  ? 6.660   3.776   8.567   1.00 12.54 ? 76  HIS A CB    1 
ATOM   482 C CG    . HIS A 1 79  ? 5.962   2.953   9.606   1.00 13.47 ? 76  HIS A CG    1 
ATOM   483 N ND1   . HIS A 1 79  ? 6.635   2.089   10.441  1.00 19.40 ? 76  HIS A ND1   1 
ATOM   484 C CD2   . HIS A 1 79  ? 4.657   2.876   9.953   1.00 15.81 ? 76  HIS A CD2   1 
ATOM   485 C CE1   . HIS A 1 79  ? 5.770   1.507   11.255  1.00 19.69 ? 76  HIS A CE1   1 
ATOM   486 N NE2   . HIS A 1 79  ? 4.564   1.968   10.981  1.00 15.99 ? 76  HIS A NE2   1 
ATOM   487 N N     . LEU A 1 80  ? 5.895   2.658   5.703   1.00 11.12 ? 77  LEU A N     1 
ATOM   488 C CA    . LEU A 1 80  ? 5.033   1.873   4.826   1.00 10.27 ? 77  LEU A CA    1 
ATOM   489 C C     . LEU A 1 80  ? 5.797   0.681   4.233   1.00 10.40 ? 77  LEU A C     1 
ATOM   490 O O     . LEU A 1 80  ? 5.277   -0.444  4.178   1.00 12.01 ? 77  LEU A O     1 
ATOM   491 C CB    . LEU A 1 80  ? 4.463   2.732   3.696   1.00 11.48 ? 77  LEU A CB    1 
ATOM   492 C CG    . LEU A 1 80  ? 3.650   3.966   4.093   1.00 11.20 ? 77  LEU A CG    1 
ATOM   493 C CD1   . LEU A 1 80  ? 3.174   4.653   2.823   1.00 13.60 ? 77  LEU A CD1   1 
ATOM   494 C CD2   . LEU A 1 80  ? 2.469   3.590   4.959   1.00 14.45 ? 77  LEU A CD2   1 
ATOM   495 N N     . MET A 1 81  ? 7.028   0.918   3.779   1.00 11.05 ? 78  MET A N     1 
ATOM   496 C CA    . MET A 1 81  ? 7.818   -0.168  3.224   1.00 12.19 ? 78  MET A CA    1 
ATOM   497 C C     . MET A 1 81  ? 8.237   -1.200  4.273   1.00 9.99  ? 78  MET A C     1 
ATOM   498 O O     . MET A 1 81  ? 8.237   -2.381  3.989   1.00 11.58 ? 78  MET A O     1 
ATOM   499 C CB    . MET A 1 81  ? 9.050   0.379   2.500   1.00 14.12 ? 78  MET A CB    1 
ATOM   500 C CG    . MET A 1 81  ? 8.739   0.784   1.083   1.00 22.47 ? 78  MET A CG    1 
ATOM   501 S SD    . MET A 1 81  ? 10.240  1.290   0.242   1.00 27.66 ? 78  MET A SD    1 
ATOM   502 C CE    . MET A 1 81  ? 10.515  2.779   1.120   1.00 21.46 ? 78  MET A CE    1 
ATOM   503 N N     . ILE A 1 82  ? 8.606   -0.753  5.472   1.00 9.83  ? 79  ILE A N     1 
ATOM   504 C CA    . ILE A 1 82  ? 8.969   -1.691  6.529   1.00 10.90 ? 79  ILE A CA    1 
ATOM   505 C C     . ILE A 1 82  ? 7.751   -2.522  6.940   1.00 11.86 ? 79  ILE A C     1 
ATOM   506 O O     . ILE A 1 82  ? 7.859   -3.726  7.148   1.00 11.80 ? 79  ILE A O     1 
ATOM   507 C CB    . ILE A 1 82  ? 9.549   -0.953  7.740   1.00 11.69 ? 79  ILE A CB    1 
ATOM   508 C CG1   . ILE A 1 82  ? 10.925  -0.353  7.408   1.00 12.40 ? 79  ILE A CG1   1 
ATOM   509 C CG2   . ILE A 1 82  ? 9.649   -1.882  8.945   1.00 14.92 ? 79  ILE A CG2   1 
ATOM   510 C CD1   . ILE A 1 82  ? 11.994  -1.358  7.056   1.00 16.35 ? 79  ILE A CD1   1 
ATOM   511 N N     . VAL A 1 83  ? 6.588   -1.884  7.039   1.00 9.23  ? 80  VAL A N     1 
ATOM   512 C CA    . VAL A 1 83  ? 5.366   -2.629  7.331   1.00 9.89  ? 80  VAL A CA    1 
ATOM   513 C C     . VAL A 1 83  ? 5.027   -3.602  6.182   1.00 11.72 ? 80  VAL A C     1 
ATOM   514 O O     . VAL A 1 83  ? 4.670   -4.755  6.423   1.00 11.40 ? 80  VAL A O     1 
ATOM   515 C CB    . VAL A 1 83  ? 4.184   -1.672  7.613   1.00 9.24  ? 80  VAL A CB    1 
ATOM   516 C CG1   . VAL A 1 83  ? 2.845   -2.437  7.622   1.00 11.03 ? 80  VAL A CG1   1 
ATOM   517 C CG2   . VAL A 1 83  ? 4.400   -0.983  8.956   1.00 12.80 ? 80  VAL A CG2   1 
ATOM   518 N N     . GLY A 1 84  ? 5.182   -3.158  4.939   1.00 9.49  ? 81  GLY A N     1 
ATOM   519 C CA    . GLY A 1 84  ? 4.997   -4.050  3.804   1.00 9.73  ? 81  GLY A CA    1 
ATOM   520 C C     . GLY A 1 84  ? 5.896   -5.267  3.861   1.00 10.98 ? 81  GLY A C     1 
ATOM   521 O O     . GLY A 1 84  ? 5.448   -6.384  3.620   1.00 11.19 ? 81  GLY A O     1 
ATOM   522 N N     . LYS A 1 85  ? 7.164   -5.053  4.211   1.00 9.77  ? 82  LYS A N     1 
ATOM   523 C CA    . LYS A 1 85  ? 8.145   -6.123  4.334   1.00 12.51 ? 82  LYS A CA    1 
ATOM   524 C C     . LYS A 1 85  ? 7.720   -7.143  5.392   1.00 12.17 ? 82  LYS A C     1 
ATOM   525 O O     . LYS A 1 85  ? 7.788   -8.359  5.181   1.00 12.08 ? 82  LYS A O     1 
ATOM   526 C CB    . LYS A 1 85  ? 9.519   -5.525  4.697   1.00 17.10 ? 82  LYS A CB    1 
ATOM   527 C CG    . LYS A 1 85  ? 10.465  -6.478  5.414   1.00 19.71 ? 82  LYS A CG    1 
ATOM   528 C CD    . LYS A 1 85  ? 11.719  -5.771  5.861   1.00 23.06 ? 82  LYS A CD    1 
ATOM   529 C CE    . LYS A 1 85  ? 11.572  -5.270  7.273   1.00 21.62 ? 82  LYS A CE    1 
ATOM   530 N NZ    . LYS A 1 85  ? 11.750  -6.393  8.243   1.00 24.63 ? 82  LYS A NZ    1 
ATOM   531 N N     . LYS A 1 86  ? 7.267   -6.629  6.525   1.00 12.83 ? 83  LYS A N     1 
ATOM   532 C CA    . LYS A 1 86  ? 6.871   -7.486  7.635   1.00 12.44 ? 83  LYS A CA    1 
ATOM   533 C C     . LYS A 1 86  ? 5.608   -8.263  7.307   1.00 13.42 ? 83  LYS A C     1 
ATOM   534 O O     . LYS A 1 86  ? 5.518   -9.467  7.578   1.00 13.88 ? 83  LYS A O     1 
ATOM   535 C CB    . LYS A 1 86  ? 6.676   -6.653  8.892   1.00 13.21 ? 83  LYS A CB    1 
ATOM   536 C CG    . LYS A 1 86  ? 7.990   -6.180  9.456   1.00 18.68 ? 83  LYS A CG    1 
ATOM   537 C CD    . LYS A 1 86  ? 7.781   -5.200  10.576  1.00 19.85 ? 83  LYS A CD    1 
ATOM   538 C CE    . LYS A 1 86  ? 9.121   -4.701  11.077  1.00 24.32 ? 83  LYS A CE    1 
ATOM   539 N NZ    . LYS A 1 86  ? 8.927   -3.655  12.119  1.00 28.85 ? 83  LYS A NZ    1 
ATOM   540 N N     . CYS A 1 87  ? 4.638   -7.593  6.685   1.00 11.08 ? 84  CYS A N     1 
ATOM   541 C CA    . CYS A 1 87  ? 3.415   -8.298  6.303   1.00 11.77 ? 84  CYS A CA    1 
ATOM   542 C C     . CYS A 1 87  ? 3.690   -9.372  5.259   1.00 14.27 ? 84  CYS A C     1 
ATOM   543 O O     . CYS A 1 87  ? 3.095   -10.455 5.298   1.00 13.33 ? 84  CYS A O     1 
ATOM   544 C CB    . CYS A 1 87  ? 2.366   -7.322  5.780   1.00 12.70 ? 84  CYS A CB    1 
ATOM   545 S SG    . CYS A 1 87  ? 1.683   -6.232  7.034   1.00 14.90 ? 84  CYS A SG    1 
ATOM   546 N N     . ALA A 1 88  ? 4.578   -9.070  4.314   1.00 11.15 ? 85  ALA A N     1 
ATOM   547 C CA    . ALA A 1 88  ? 4.968   -10.042 3.302   1.00 11.90 ? 85  ALA A CA    1 
ATOM   548 C C     . ALA A 1 88  ? 5.565   -11.290 3.946   1.00 12.15 ? 85  ALA A C     1 
ATOM   549 O O     . ALA A 1 88  ? 5.277   -12.407 3.524   1.00 14.43 ? 85  ALA A O     1 
ATOM   550 C CB    . ALA A 1 88  ? 5.960   -9.420  2.309   1.00 11.70 ? 85  ALA A CB    1 
ATOM   551 N N     . ALA A 1 89  ? 6.402   -11.094 4.962   1.00 13.67 ? 86  ALA A N     1 
ATOM   552 C CA    . ALA A 1 89  ? 7.002   -12.226 5.653   1.00 14.41 ? 86  ALA A CA    1 
ATOM   553 C C     . ALA A 1 89  ? 5.919   -13.023 6.362   1.00 15.72 ? 86  ALA A C     1 
ATOM   554 O O     . ALA A 1 89  ? 5.917   -14.258 6.332   1.00 18.01 ? 86  ALA A O     1 
ATOM   555 C CB    . ALA A 1 89  ? 8.053   -11.755 6.632   1.00 15.60 ? 86  ALA A CB    1 
ATOM   556 N N     . ASP A 1 90  ? 4.989   -12.325 6.994   1.00 14.26 ? 87  ASP A N     1 
ATOM   557 C CA    . ASP A 1 90  ? 3.928   -13.019 7.721   1.00 17.00 ? 87  ASP A CA    1 
ATOM   558 C C     . ASP A 1 90  ? 3.050   -13.837 6.784   1.00 17.45 ? 87  ASP A C     1 
ATOM   559 O O     . ASP A 1 90  ? 2.532   -14.891 7.157   1.00 20.14 ? 87  ASP A O     1 
ATOM   560 C CB    . ASP A 1 90  ? 3.060   -12.038 8.497   1.00 18.90 ? 87  ASP A CB    1 
ATOM   561 C CG    . ASP A 1 90  ? 1.955   -12.744 9.260   1.00 34.11 ? 87  ASP A CG    1 
ATOM   562 O OD1   . ASP A 1 90  ? 2.281   -13.514 10.191  1.00 43.34 ? 87  ASP A OD1   1 
ATOM   563 O OD2   . ASP A 1 90  ? 0.768   -12.552 8.916   1.00 35.21 ? 87  ASP A OD2   1 
ATOM   564 N N     . LEU A 1 91  ? 2.887   -13.353 5.557   1.00 13.43 ? 88  LEU A N     1 
ATOM   565 C CA    . LEU A 1 91  ? 2.051   -14.021 4.575   1.00 13.29 ? 88  LEU A CA    1 
ATOM   566 C C     . LEU A 1 91  ? 2.802   -15.089 3.781   1.00 16.71 ? 88  LEU A C     1 
ATOM   567 O O     . LEU A 1 91  ? 2.244   -15.701 2.861   1.00 17.38 ? 88  LEU A O     1 
ATOM   568 C CB    . LEU A 1 91  ? 1.447   -12.987 3.629   1.00 12.93 ? 88  LEU A CB    1 
ATOM   569 C CG    . LEU A 1 91  ? 0.384   -12.111 4.283   1.00 14.94 ? 88  LEU A CG    1 
ATOM   570 C CD1   . LEU A 1 91  ? 0.015   -10.963 3.383   1.00 16.05 ? 88  LEU A CD1   1 
ATOM   571 C CD2   . LEU A 1 91  ? -0.852  -12.928 4.607   1.00 18.45 ? 88  LEU A CD2   1 
ATOM   572 N N     . GLY A 1 92  ? 4.060   -15.312 4.139   1.00 16.17 ? 89  GLY A N     1 
ATOM   573 C CA    . GLY A 1 92  ? 4.830   -16.420 3.599   1.00 15.74 ? 89  GLY A CA    1 
ATOM   574 C C     . GLY A 1 92  ? 5.434   -16.179 2.234   1.00 20.38 ? 89  GLY A C     1 
ATOM   575 O O     . GLY A 1 92  ? 5.673   -17.124 1.479   1.00 20.03 ? 89  GLY A O     1 
ATOM   576 N N     . LEU A 1 93  ? 5.697   -14.918 1.913   1.00 14.32 ? 90  LEU A N     1 
ATOM   577 C CA    . LEU A 1 93  ? 6.261   -14.596 0.606   1.00 12.94 ? 90  LEU A CA    1 
ATOM   578 C C     . LEU A 1 93  ? 7.780   -14.764 0.571   1.00 17.12 ? 90  LEU A C     1 
ATOM   579 O O     . LEU A 1 93  ? 8.520   -13.814 0.296   1.00 19.41 ? 90  LEU A O     1 
ATOM   580 C CB    . LEU A 1 93  ? 5.877   -13.177 0.203   1.00 14.46 ? 90  LEU A CB    1 
ATOM   581 C CG    . LEU A 1 93  ? 4.373   -12.928 0.063   1.00 13.76 ? 90  LEU A CG    1 
ATOM   582 C CD1   . LEU A 1 93  ? 4.106   -11.550 -0.521  1.00 15.09 ? 90  LEU A CD1   1 
ATOM   583 C CD2   . LEU A 1 93  ? 3.722   -14.012 -0.795  1.00 17.86 ? 90  LEU A CD2   1 
ATOM   584 N N     . ASN A 1 94  ? 8.244   -15.984 0.823   1.00 16.73 ? 91  ASN A N     1 
ATOM   585 C CA    . ASN A 1 94  ? 9.675   -16.222 0.975   1.00 20.34 ? 91  ASN A CA    1 
ATOM   586 C C     . ASN A 1 94  ? 10.431  -16.308 -0.347  1.00 16.14 ? 91  ASN A C     1 
ATOM   587 O O     . ASN A 1 94  ? 11.659  -16.378 -0.351  1.00 19.91 ? 91  ASN A O     1 
ATOM   588 C CB    . ASN A 1 94  ? 9.914   -17.503 1.780   1.00 20.88 ? 91  ASN A CB    1 
ATOM   589 C CG    . ASN A 1 94  ? 9.024   -18.639 1.329   1.00 26.28 ? 91  ASN A CG    1 
ATOM   590 O OD1   . ASN A 1 94  ? 9.157   -19.147 0.213   1.00 30.74 ? 91  ASN A OD1   1 
ATOM   591 N ND2   . ASN A 1 94  ? 8.112   -19.054 2.203   1.00 38.47 ? 91  ASN A ND2   1 
ATOM   592 N N     . LYS A 1 95  ? 9.708   -16.298 -1.463  1.00 12.54 ? 92  LYS A N     1 
ATOM   593 C CA    . LYS A 1 95  ? 10.335  -16.389 -2.768  1.00 13.65 ? 92  LYS A CA    1 
ATOM   594 C C     . LYS A 1 95  ? 10.475  -15.005 -3.375  1.00 15.69 ? 92  LYS A C     1 
ATOM   595 O O     . LYS A 1 95  ? 11.078  -14.841 -4.435  1.00 16.30 ? 92  LYS A O     1 
ATOM   596 C CB    . LYS A 1 95  ? 9.521   -17.293 -3.690  1.00 19.15 ? 92  LYS A CB    1 
ATOM   597 C CG    . LYS A 1 95  ? 10.334  -18.108 -4.663  1.00 30.27 ? 92  LYS A CG    1 
ATOM   598 C CD    . LYS A 1 95  ? 9.485   -19.218 -5.268  1.00 29.93 ? 92  LYS A CD    1 
ATOM   599 C CE    . LYS A 1 95  ? 9.866   -19.472 -6.720  1.00 37.70 ? 92  LYS A CE    1 
ATOM   600 N NZ    . LYS A 1 95  ? 11.345  -19.486 -6.914  1.00 39.48 ? 92  LYS A NZ    1 
ATOM   601 N N     . GLY A 1 96  ? 9.916   -14.014 -2.693  1.00 13.44 ? 93  GLY A N     1 
ATOM   602 C CA    . GLY A 1 96  ? 10.039  -12.631 -3.119  1.00 13.23 ? 93  GLY A CA    1 
ATOM   603 C C     . GLY A 1 96  ? 8.717   -11.942 -3.377  1.00 13.05 ? 93  GLY A C     1 
ATOM   604 O O     . GLY A 1 96  ? 7.639   -12.526 -3.230  1.00 11.85 ? 93  GLY A O     1 
ATOM   605 N N     . TYR A 1 97  ? 8.800   -10.669 -3.759  1.00 11.51 ? 94  TYR A N     1 
ATOM   606 C CA    . TYR A 1 97  ? 7.612   -9.872  -3.985  1.00 10.17 ? 94  TYR A CA    1 
ATOM   607 C C     . TYR A 1 97  ? 8.000   -8.579  -4.647  1.00 10.57 ? 94  TYR A C     1 
ATOM   608 O O     . TYR A 1 97  ? 9.186   -8.289  -4.801  1.00 10.63 ? 94  TYR A O     1 
ATOM   609 C CB    . TYR A 1 97  ? 6.862   -9.574  -2.672  1.00 9.74  ? 94  TYR A CB    1 
ATOM   610 C CG    . TYR A 1 97  ? 7.732   -9.133  -1.521  1.00 9.64  ? 94  TYR A CG    1 
ATOM   611 C CD1   . TYR A 1 97  ? 8.057   -7.794  -1.340  1.00 10.86 ? 94  TYR A CD1   1 
ATOM   612 C CD2   . TYR A 1 97  ? 8.226   -10.057 -0.603  1.00 10.44 ? 94  TYR A CD2   1 
ATOM   613 C CE1   . TYR A 1 97  ? 8.843   -7.385  -0.275  1.00 11.59 ? 94  TYR A CE1   1 
ATOM   614 C CE2   . TYR A 1 97  ? 9.017   -9.650  0.462   1.00 11.13 ? 94  TYR A CE2   1 
ATOM   615 C CZ    . TYR A 1 97  ? 9.320   -8.311  0.612   1.00 11.20 ? 94  TYR A CZ    1 
ATOM   616 O OH    . TYR A 1 97  ? 10.096  -7.893  1.663   1.00 14.54 ? 94  TYR A OH    1 
ATOM   617 N N     . ARG A 1 98  ? 6.994   -7.810  -5.032  1.00 8.63  ? 95  ARG A N     1 
ATOM   618 C CA    . ARG A 1 98  ? 7.222   -6.514  -5.654  1.00 8.90  ? 95  ARG A CA    1 
ATOM   619 C C     . ARG A 1 98  ? 6.418   -5.472  -4.908  1.00 10.45 ? 95  ARG A C     1 
ATOM   620 O O     . ARG A 1 98  ? 5.259   -5.721  -4.551  1.00 10.47 ? 95  ARG A O     1 
ATOM   621 C CB    . ARG A 1 98  ? 6.836   -6.553  -7.128  1.00 10.09 ? 95  ARG A CB    1 
ATOM   622 C CG    . ARG A 1 98  ? 6.969   -5.191  -7.829  1.00 8.86  ? 95  ARG A CG    1 
ATOM   623 C CD    . ARG A 1 98  ? 6.850   -5.369  -9.337  1.00 8.28  ? 95  ARG A CD    1 
ATOM   624 N NE    . ARG A 1 98  ? 7.990   -6.112  -9.866  1.00 9.68  ? 95  ARG A NE    1 
ATOM   625 C CZ    . ARG A 1 98  ? 8.050   -6.648  -11.080 1.00 10.90 ? 95  ARG A CZ    1 
ATOM   626 N NH1   . ARG A 1 98  ? 7.022   -6.534  -11.912 1.00 10.26 ? 95  ARG A NH1   1 
ATOM   627 N NH2   . ARG A 1 98  ? 9.148   -7.298  -11.467 1.00 9.46  ? 95  ARG A NH2   1 
ATOM   628 N N     . MET A 1 99  ? 7.040   -4.320  -4.656  1.00 8.59  ? 96  MET A N     1 
ATOM   629 C CA    . MET A 1 99  ? 6.370   -3.168  -4.059  1.00 7.97  ? 96  MET A CA    1 
ATOM   630 C C     . MET A 1 99  ? 6.155   -2.108  -5.129  1.00 9.21  ? 96  MET A C     1 
ATOM   631 O O     . MET A 1 99  ? 7.049   -1.837  -5.913  1.00 10.63 ? 96  MET A O     1 
ATOM   632 C CB    . MET A 1 99  ? 7.192   -2.592  -2.906  1.00 9.45  ? 96  MET A CB    1 
ATOM   633 C CG    . MET A 1 99  ? 7.274   -3.537  -1.743  1.00 11.28 ? 96  MET A CG    1 
ATOM   634 S SD    . MET A 1 99  ? 8.319   -2.815  -0.478  1.00 16.16 ? 96  MET A SD    1 
ATOM   635 C CE    . MET A 1 99  ? 7.798   -3.779  0.941   1.00 15.45 ? 96  MET A CE    1 
ATOM   636 N N     . VAL A 1 100 ? 4.974   -1.501  -5.147  1.00 8.33  ? 97  VAL A N     1 
ATOM   637 C CA    . VAL A 1 100 ? 4.626   -0.540  -6.193  1.00 8.18  ? 97  VAL A CA    1 
ATOM   638 C C     . VAL A 1 100 ? 3.905   0.656   -5.598  1.00 9.69  ? 97  VAL A C     1 
ATOM   639 O O     . VAL A 1 100 ? 3.008   0.476   -4.795  1.00 9.02  ? 97  VAL A O     1 
ATOM   640 C CB    . VAL A 1 100 ? 3.699   -1.180  -7.248  1.00 8.77  ? 97  VAL A CB    1 
ATOM   641 C CG1   . VAL A 1 100 ? 3.324   -0.154  -8.313  1.00 10.97 ? 97  VAL A CG1   1 
ATOM   642 C CG2   . VAL A 1 100 ? 4.364   -2.389  -7.881  1.00 9.05  ? 97  VAL A CG2   1 
ATOM   643 N N     . VAL A 1 101 ? 4.277   1.871   -6.001  1.00 7.54  ? 98  VAL A N     1 
ATOM   644 C CA    . VAL A 1 101 ? 3.479   3.054   -5.676  1.00 7.61  ? 98  VAL A CA    1 
ATOM   645 C C     . VAL A 1 101 ? 3.186   3.769   -6.972  1.00 9.17  ? 98  VAL A C     1 
ATOM   646 O O     . VAL A 1 101 ? 4.097   4.025   -7.745  1.00 9.45  ? 98  VAL A O     1 
ATOM   647 C CB    . VAL A 1 101 ? 4.196   4.026   -4.718  1.00 8.71  ? 98  VAL A CB    1 
ATOM   648 C CG1   . VAL A 1 101 ? 3.338   5.301   -4.477  1.00 11.16 ? 98  VAL A CG1   1 
ATOM   649 C CG2   . VAL A 1 101 ? 4.512   3.335   -3.412  1.00 9.85  ? 98  VAL A CG2   1 
ATOM   650 N N     . ASN A 1 102 ? 1.916   4.062   -7.209  1.00 8.72  ? 99  ASN A N     1 
ATOM   651 C CA    . ASN A 1 102 ? 1.497   4.749   -8.427  1.00 9.96  ? 99  ASN A CA    1 
ATOM   652 C C     . ASN A 1 102 ? 1.224   6.232   -8.211  1.00 12.46 ? 99  ASN A C     1 
ATOM   653 O O     . ASN A 1 102 ? 0.566   6.618   -7.242  1.00 13.53 ? 99  ASN A O     1 
ATOM   654 C CB    . ASN A 1 102 ? 0.255   4.075   -8.984  1.00 9.48  ? 99  ASN A CB    1 
ATOM   655 C CG    . ASN A 1 102 ? 0.498   2.635   -9.323  1.00 11.96 ? 99  ASN A CG    1 
ATOM   656 O OD1   . ASN A 1 102 ? 1.565   2.273   -9.818  1.00 11.79 ? 99  ASN A OD1   1 
ATOM   657 N ND2   . ASN A 1 102 ? -0.498  1.795   -9.066  1.00 11.22 ? 99  ASN A ND2   1 
ATOM   658 N N     . GLU A 1 103 ? 1.743   7.060   -9.116  1.00 10.38 ? 100 GLU A N     1 
ATOM   659 C CA    . GLU A 1 103 ? 1.508   8.502   -9.087  1.00 11.51 ? 100 GLU A CA    1 
ATOM   660 C C     . GLU A 1 103 ? 0.754   8.972   -10.320 1.00 11.15 ? 100 GLU A C     1 
ATOM   661 O O     . GLU A 1 103 ? 1.205   8.759   -11.456 1.00 11.01 ? 100 GLU A O     1 
ATOM   662 C CB    . GLU A 1 103 ? 2.841   9.259   -8.984  1.00 11.63 ? 100 GLU A CB    1 
ATOM   663 C CG    . GLU A 1 103 ? 2.749   10.740  -9.336  1.00 13.77 ? 100 GLU A CG    1 
ATOM   664 C CD    . GLU A 1 103 ? 2.037   11.543  -8.287  1.00 17.06 ? 100 GLU A CD    1 
ATOM   665 O OE1   . GLU A 1 103 ? 2.056   11.114  -7.117  1.00 15.78 ? 100 GLU A OE1   1 
ATOM   666 O OE2   . GLU A 1 103 ? 1.471   12.609  -8.632  1.00 19.18 ? 100 GLU A OE2   1 
ATOM   667 N N     . GLY A 1 104 ? -0.411  9.579   -10.103 1.00 10.48 ? 101 GLY A N     1 
ATOM   668 C CA    . GLY A 1 104 ? -1.136  10.255  -11.170 1.00 11.02 ? 101 GLY A CA    1 
ATOM   669 C C     . GLY A 1 104 ? -1.649  9.359   -12.277 1.00 12.39 ? 101 GLY A C     1 
ATOM   670 O O     . GLY A 1 104 ? -1.694  8.132   -12.143 1.00 11.89 ? 101 GLY A O     1 
ATOM   671 N N     . SER A 1 105 ? -2.022  9.982   -13.391 1.00 12.34 ? 102 SER A N     1 
ATOM   672 C CA    . SER A 1 105 ? -2.674  9.277   -14.477 1.00 13.00 ? 102 SER A CA    1 
ATOM   673 C C     . SER A 1 105 ? -1.759  8.236   -15.115 1.00 14.27 ? 102 SER A C     1 
ATOM   674 O O     . SER A 1 105 ? -2.165  7.099   -15.325 1.00 13.64 ? 102 SER A O     1 
ATOM   675 C CB    . SER A 1 105 ? -3.150  10.276  -15.536 1.00 17.52 ? 102 SER A CB    1 
ATOM   676 O OG    . SER A 1 105 ? -3.894  9.609   -16.530 1.00 22.93 ? 102 SER A OG    1 
ATOM   677 N N     . ASP A 1 106 ? -0.521  8.619   -15.417 1.00 12.13 ? 103 ASP A N     1 
ATOM   678 C CA    . ASP A 1 106 ? 0.399   7.685   -16.054 1.00 11.16 ? 103 ASP A CA    1 
ATOM   679 C C     . ASP A 1 106 ? 0.797   6.554   -15.118 1.00 13.27 ? 103 ASP A C     1 
ATOM   680 O O     . ASP A 1 106 ? 1.168   5.479   -15.568 1.00 11.73 ? 103 ASP A O     1 
ATOM   681 C CB    . ASP A 1 106 ? 1.653   8.397   -16.563 1.00 12.55 ? 103 ASP A CB    1 
ATOM   682 C CG    . ASP A 1 106 ? 1.477   8.993   -17.961 1.00 16.46 ? 103 ASP A CG    1 
ATOM   683 O OD1   . ASP A 1 106 ? 0.411   8.804   -18.594 1.00 17.28 ? 103 ASP A OD1   1 
ATOM   684 O OD2   . ASP A 1 106 ? 2.425   9.660   -18.428 1.00 16.49 ? 103 ASP A OD2   1 
ATOM   685 N N     . GLY A 1 107 ? 0.723   6.786   -13.813 1.00 10.54 ? 104 GLY A N     1 
ATOM   686 C CA    . GLY A 1 107 ? 1.044   5.720   -12.887 1.00 10.48 ? 104 GLY A CA    1 
ATOM   687 C C     . GLY A 1 107 ? -0.135  4.787   -12.706 1.00 11.76 ? 104 GLY A C     1 
ATOM   688 O O     . GLY A 1 107 ? 0.022   3.688   -12.180 1.00 12.30 ? 104 GLY A O     1 
ATOM   689 N N     . GLY A 1 108 ? -1.317  5.229   -13.134 1.00 10.14 ? 105 GLY A N     1 
ATOM   690 C CA    . GLY A 1 108 ? -2.528  4.447   -12.946 1.00 11.70 ? 105 GLY A CA    1 
ATOM   691 C C     . GLY A 1 108 ? -3.162  4.656   -11.580 1.00 12.16 ? 105 GLY A C     1 
ATOM   692 O O     . GLY A 1 108 ? -3.970  3.848   -11.128 1.00 10.76 ? 105 GLY A O     1 
ATOM   693 N N     . GLN A 1 109 ? -2.824  5.746   -10.906 1.00 11.32 ? 106 GLN A N     1 
ATOM   694 C CA    . GLN A 1 109 ? -3.471  6.011   -9.626  1.00 11.29 ? 106 GLN A CA    1 
ATOM   695 C C     . GLN A 1 109 ? -4.989  6.100   -9.812  1.00 10.55 ? 106 GLN A C     1 
ATOM   696 O O     . GLN A 1 109 ? -5.465  6.719   -10.775 1.00 11.47 ? 106 GLN A O     1 
ATOM   697 C CB    . GLN A 1 109 ? -2.922  7.292   -8.997  1.00 12.67 ? 106 GLN A CB    1 
ATOM   698 C CG    . GLN A 1 109 ? -3.184  7.356   -7.530  1.00 15.44 ? 106 GLN A CG    1 
ATOM   699 C CD    . GLN A 1 109 ? -2.419  8.459   -6.826  1.00 14.25 ? 106 GLN A CD    1 
ATOM   700 O OE1   . GLN A 1 109 ? -1.710  9.265   -7.449  1.00 14.09 ? 106 GLN A OE1   1 
ATOM   701 N NE2   . GLN A 1 109 ? -2.585  8.514   -5.517  1.00 12.40 ? 106 GLN A NE2   1 
ATOM   702 N N     . SER A 1 110 ? -5.744  5.448   -8.922  1.00 10.82 ? 107 SER A N     1 
ATOM   703 C CA    . SER A 1 110 ? -7.208  5.427   -9.029  1.00 12.25 ? 107 SER A CA    1 
ATOM   704 C C     . SER A 1 110 ? -7.847  5.879   -7.724  1.00 11.76 ? 107 SER A C     1 
ATOM   705 O O     . SER A 1 110 ? -8.907  6.495   -7.730  1.00 11.59 ? 107 SER A O     1 
ATOM   706 C CB    . SER A 1 110 ? -7.717  4.026   -9.424  1.00 12.54 ? 107 SER A CB    1 
ATOM   707 O OG    . SER A 1 110 ? -7.356  3.008   -8.500  1.00 12.37 ? 107 SER A OG    1 
ATOM   708 N N     . VAL A 1 111 ? -7.182  5.584   -6.612  1.00 13.06 ? 108 VAL A N     1 
ATOM   709 C CA    . VAL A 1 111 ? -7.575  6.088   -5.304  1.00 13.27 ? 108 VAL A CA    1 
ATOM   710 C C     . VAL A 1 111 ? -6.521  7.108   -4.897  1.00 12.90 ? 108 VAL A C     1 
ATOM   711 O O     . VAL A 1 111 ? -5.352  6.758   -4.725  1.00 16.50 ? 108 VAL A O     1 
ATOM   712 C CB    . VAL A 1 111 ? -7.660  4.971   -4.245  1.00 12.56 ? 108 VAL A CB    1 
ATOM   713 C CG1   . VAL A 1 111 ? -8.171  5.543   -2.923  1.00 14.76 ? 108 VAL A CG1   1 
ATOM   714 C CG2   . VAL A 1 111 ? -8.556  3.832   -4.732  1.00 13.48 ? 108 VAL A CG2   1 
ATOM   715 N N     . TYR A 1 112 ? -6.927  8.360   -4.757  1.00 16.13 ? 109 TYR A N     1 
ATOM   716 C CA    . TYR A 1 112 ? -5.958  9.426   -4.558  1.00 14.27 ? 109 TYR A CA    1 
ATOM   717 C C     . TYR A 1 112 ? -5.673  9.617   -3.075  1.00 13.09 ? 109 TYR A C     1 
ATOM   718 O O     . TYR A 1 112 ? -6.026  10.611  -2.437  1.00 15.81 ? 109 TYR A O     1 
ATOM   719 C CB    . TYR A 1 112 ? -6.433  10.698  -5.258  1.00 16.77 ? 109 TYR A CB    1 
ATOM   720 C CG    . TYR A 1 112 ? -5.977  10.715  -6.713  1.00 18.30 ? 109 TYR A CG    1 
ATOM   721 C CD1   . TYR A 1 112 ? -6.586  9.902   -7.671  1.00 16.88 ? 109 TYR A CD1   1 
ATOM   722 C CD2   . TYR A 1 112 ? -4.905  11.499  -7.111  1.00 19.54 ? 109 TYR A CD2   1 
ATOM   723 C CE1   . TYR A 1 112 ? -6.150  9.896   -8.996  1.00 19.39 ? 109 TYR A CE1   1 
ATOM   724 C CE2   . TYR A 1 112 ? -4.465  11.499  -8.429  1.00 17.08 ? 109 TYR A CE2   1 
ATOM   725 C CZ    . TYR A 1 112 ? -5.092  10.707  -9.365  1.00 19.46 ? 109 TYR A CZ    1 
ATOM   726 O OH    . TYR A 1 112 ? -4.636  10.718  -10.672 1.00 19.79 ? 109 TYR A OH    1 
ATOM   727 N N     . HIS A 1 113 ? -5.012  8.586   -2.567  1.00 12.47 ? 110 HIS A N     1 
ATOM   728 C CA    . HIS A 1 113 ? -4.476  8.502   -1.235  1.00 10.95 ? 110 HIS A CA    1 
ATOM   729 C C     . HIS A 1 113 ? -3.265  7.615   -1.424  1.00 13.65 ? 110 HIS A C     1 
ATOM   730 O O     . HIS A 1 113 ? -3.383  6.554   -2.033  1.00 16.81 ? 110 HIS A O     1 
ATOM   731 C CB    . HIS A 1 113 ? -5.485  7.889   -0.268  1.00 12.22 ? 110 HIS A CB    1 
ATOM   732 C CG    . HIS A 1 113 ? -5.034  7.893   1.155   1.00 12.83 ? 110 HIS A CG    1 
ATOM   733 N ND1   . HIS A 1 113 ? -5.561  8.749   2.095   1.00 15.46 ? 110 HIS A ND1   1 
ATOM   734 C CD2   . HIS A 1 113 ? -4.122  7.133   1.807   1.00 11.95 ? 110 HIS A CD2   1 
ATOM   735 C CE1   . HIS A 1 113 ? -4.980  8.531   3.260   1.00 14.18 ? 110 HIS A CE1   1 
ATOM   736 N NE2   . HIS A 1 113 ? -4.108  7.549   3.115   1.00 14.28 ? 110 HIS A NE2   1 
ATOM   737 N N     . VAL A 1 114 ? -2.106  8.058   -0.943  1.00 10.42 ? 111 VAL A N     1 
ATOM   738 C CA    . VAL A 1 114 ? -0.877  7.281   -1.101  1.00 9.93  ? 111 VAL A CA    1 
ATOM   739 C C     . VAL A 1 114 ? -1.078  5.833   -0.667  1.00 12.63 ? 111 VAL A C     1 
ATOM   740 O O     . VAL A 1 114 ? -1.571  5.556   0.434   1.00 11.85 ? 111 VAL A O     1 
ATOM   741 C CB    . VAL A 1 114 ? 0.275   7.889   -0.290  1.00 12.41 ? 111 VAL A CB    1 
ATOM   742 C CG1   . VAL A 1 114 ? 1.430   6.908   -0.197  1.00 17.20 ? 111 VAL A CG1   1 
ATOM   743 C CG2   . VAL A 1 114 ? 0.744   9.187   -0.924  1.00 17.08 ? 111 VAL A CG2   1 
ATOM   744 N N     . ASN A 1 115 ? -0.716  4.906   -1.546  1.00 10.13 ? 112 ASN A N     1 
ATOM   745 C CA    . ASN A 1 115 ? -0.834  3.493   -1.200  1.00 8.59  ? 112 ASN A CA    1 
ATOM   746 C C     . ASN A 1 115 ? 0.270   2.648   -1.825  1.00 9.23  ? 112 ASN A C     1 
ATOM   747 O O     . ASN A 1 115 ? 0.609   2.779   -3.019  1.00 12.27 ? 112 ASN A O     1 
ATOM   748 C CB    . ASN A 1 115 ? -2.245  2.953   -1.566  1.00 15.18 ? 112 ASN A CB    1 
ATOM   749 C CG    . ASN A 1 115 ? -2.558  2.959   -3.055  1.00 17.61 ? 112 ASN A CG    1 
ATOM   750 O OD1   . ASN A 1 115 ? -2.892  3.993   -3.638  1.00 22.68 ? 112 ASN A OD1   1 
ATOM   751 N ND2   . ASN A 1 115 ? -2.574  1.773   -3.649  1.00 15.83 ? 112 ASN A ND2   1 
ATOM   752 N N     . LEU A 1 116 ? 0.867   1.817   -0.974  1.00 9.11  ? 113 LEU A N     1 
ATOM   753 C CA    . LEU A 1 116 ? 1.922   0.904   -1.379  1.00 8.11  ? 113 LEU A CA    1 
ATOM   754 C C     . LEU A 1 116 ? 1.338   -0.473  -1.667  1.00 9.42  ? 113 LEU A C     1 
ATOM   755 O O     . LEU A 1 116 ? 0.770   -1.107  -0.772  1.00 10.54 ? 113 LEU A O     1 
ATOM   756 C CB    . LEU A 1 116 ? 2.992   0.809   -0.280  1.00 9.59  ? 113 LEU A CB    1 
ATOM   757 C CG    . LEU A 1 116 ? 4.091   -0.229  -0.494  1.00 9.51  ? 113 LEU A CG    1 
ATOM   758 C CD1   . LEU A 1 116 ? 5.081   0.290   -1.523  1.00 14.40 ? 113 LEU A CD1   1 
ATOM   759 C CD2   . LEU A 1 116 ? 4.789   -0.547  0.826   1.00 12.55 ? 113 LEU A CD2   1 
ATOM   760 N N     . HIS A 1 117 ? 1.471   -0.938  -2.909  1.00 6.73  ? 114 HIS A N     1 
ATOM   761 C CA    . HIS A 1 117 ? 1.107   -2.314  -3.245  1.00 8.62  ? 114 HIS A CA    1 
ATOM   762 C C     . HIS A 1 117 ? 2.232   -3.284  -2.927  1.00 10.42 ? 114 HIS A C     1 
ATOM   763 O O     . HIS A 1 117 ? 3.395   -2.992  -3.197  1.00 9.93  ? 114 HIS A O     1 
ATOM   764 C CB    . HIS A 1 117 ? 0.783   -2.473  -4.732  1.00 8.82  ? 114 HIS A CB    1 
ATOM   765 C CG    . HIS A 1 117 ? -0.340  -1.613  -5.208  1.00 8.54  ? 114 HIS A CG    1 
ATOM   766 N ND1   . HIS A 1 117 ? -1.575  -2.128  -5.538  1.00 9.49  ? 114 HIS A ND1   1 
ATOM   767 C CD2   . HIS A 1 117 ? -0.405  -0.283  -5.459  1.00 9.80  ? 114 HIS A CD2   1 
ATOM   768 C CE1   . HIS A 1 117 ? -2.361  -1.148  -5.948  1.00 9.89  ? 114 HIS A CE1   1 
ATOM   769 N NE2   . HIS A 1 117 ? -1.675  -0.016  -5.905  1.00 11.15 ? 114 HIS A NE2   1 
ATOM   770 N N     . VAL A 1 118 ? 1.885   -4.446  -2.380  1.00 8.46  ? 115 VAL A N     1 
ATOM   771 C CA    . VAL A 1 118 ? 2.842   -5.534  -2.242  1.00 8.33  ? 115 VAL A CA    1 
ATOM   772 C C     . VAL A 1 118 ? 2.234   -6.761  -2.904  1.00 9.68  ? 115 VAL A C     1 
ATOM   773 O O     . VAL A 1 118 ? 1.132   -7.188  -2.533  1.00 10.11 ? 115 VAL A O     1 
ATOM   774 C CB    . VAL A 1 118 ? 3.189   -5.833  -0.775  1.00 8.23  ? 115 VAL A CB    1 
ATOM   775 C CG1   . VAL A 1 118 ? 4.305   -6.876  -0.718  1.00 11.79 ? 115 VAL A CG1   1 
ATOM   776 C CG2   . VAL A 1 118 ? 3.619   -4.558  -0.061  1.00 9.84  ? 115 VAL A CG2   1 
ATOM   777 N N     . LEU A 1 119 ? 2.939   -7.310  -3.893  1.00 8.90  ? 116 LEU A N     1 
ATOM   778 C CA    . LEU A 1 119 ? 2.439   -8.427  -4.703  1.00 8.54  ? 116 LEU A CA    1 
ATOM   779 C C     . LEU A 1 119 ? 3.420   -9.582  -4.691  1.00 10.88 ? 116 LEU A C     1 
ATOM   780 O O     . LEU A 1 119 ? 4.623   -9.373  -4.830  1.00 12.03 ? 116 LEU A O     1 
ATOM   781 C CB    . LEU A 1 119 ? 2.207   -7.980  -6.156  1.00 9.59  ? 116 LEU A CB    1 
ATOM   782 C CG    . LEU A 1 119 ? 1.295   -6.779  -6.386  1.00 10.97 ? 116 LEU A CG    1 
ATOM   783 C CD1   . LEU A 1 119 ? 2.107   -5.523  -6.653  1.00 10.98 ? 116 LEU A CD1   1 
ATOM   784 C CD2   . LEU A 1 119 ? 0.392   -7.053  -7.574  1.00 12.63 ? 116 LEU A CD2   1 
ATOM   785 N N     . GLY A 1 120 ? 2.918   -10.808 -4.554  1.00 9.47  ? 117 GLY A N     1 
ATOM   786 C CA    . GLY A 1 120 ? 3.790   -11.965 -4.581  1.00 10.49 ? 117 GLY A CA    1 
ATOM   787 C C     . GLY A 1 120 ? 3.034   -13.264 -4.737  1.00 12.64 ? 117 GLY A C     1 
ATOM   788 O O     . GLY A 1 120 ? 1.825   -13.252 -4.941  1.00 11.57 ? 117 GLY A O     1 
ATOM   789 N N     . GLY A 1 121 ? 3.755   -14.377 -4.645  1.00 10.98 ? 118 GLY A N     1 
ATOM   790 C CA    . GLY A 1 121 ? 3.137   -15.682 -4.842  1.00 10.99 ? 118 GLY A CA    1 
ATOM   791 C C     . GLY A 1 121 ? 3.140   -16.125 -6.295  1.00 11.89 ? 118 GLY A C     1 
ATOM   792 O O     . GLY A 1 121 ? 2.618   -17.198 -6.636  1.00 13.33 ? 118 GLY A O     1 
ATOM   793 N N     . ARG A 1 122 ? 3.719   -15.302 -7.155  1.00 11.61 ? 119 ARG A N     1 
ATOM   794 C CA    . ARG A 1 122 ? 3.964   -15.665 -8.541  1.00 11.32 ? 119 ARG A CA    1 
ATOM   795 C C     . ARG A 1 122 ? 5.166   -14.895 -9.034  1.00 12.86 ? 119 ARG A C     1 
ATOM   796 O O     . ARG A 1 122 ? 5.574   -13.914 -8.405  1.00 12.92 ? 119 ARG A O     1 
ATOM   797 C CB    . ARG A 1 122 ? 2.749   -15.379 -9.435  1.00 12.60 ? 119 ARG A CB    1 
ATOM   798 C CG    . ARG A 1 122 ? 2.401   -13.900 -9.590  1.00 13.73 ? 119 ARG A CG    1 
ATOM   799 C CD    . ARG A 1 122 ? 1.387   -13.713 -10.719 1.00 14.81 ? 119 ARG A CD    1 
ATOM   800 N NE    . ARG A 1 122 ? 0.893   -12.344 -10.825 1.00 14.81 ? 119 ARG A NE    1 
ATOM   801 C CZ    . ARG A 1 122 ? 1.488   -11.391 -11.538 1.00 12.82 ? 119 ARG A CZ    1 
ATOM   802 N NH1   . ARG A 1 122 ? 2.627   -11.646 -12.165 1.00 13.21 ? 119 ARG A NH1   1 
ATOM   803 N NH2   . ARG A 1 122 ? 0.962   -10.176 -11.589 1.00 16.37 ? 119 ARG A NH2   1 
ATOM   804 N N     . GLN A 1 123 ? 5.737   -15.341 -10.145 1.00 13.54 ? 120 GLN A N     1 
ATOM   805 C CA    . GLN A 1 123 ? 6.785   -14.567 -10.793 1.00 13.04 ? 120 GLN A CA    1 
ATOM   806 C C     . GLN A 1 123 ? 6.210   -13.240 -11.235 1.00 12.72 ? 120 GLN A C     1 
ATOM   807 O O     . GLN A 1 123 ? 5.194   -13.196 -11.935 1.00 15.68 ? 120 GLN A O     1 
ATOM   808 C CB    . GLN A 1 123 ? 7.365   -15.308 -11.996 1.00 13.49 ? 120 GLN A CB    1 
ATOM   809 C CG    . GLN A 1 123 ? 8.455   -14.523 -12.701 1.00 14.98 ? 120 GLN A CG    1 
ATOM   810 C CD    . GLN A 1 123 ? 9.686   -14.395 -11.835 1.00 15.07 ? 120 GLN A CD    1 
ATOM   811 O OE1   . GLN A 1 123 ? 10.308  -15.394 -11.485 1.00 17.22 ? 120 GLN A OE1   1 
ATOM   812 N NE2   . GLN A 1 123 ? 10.038  -13.158 -11.473 1.00 13.09 ? 120 GLN A NE2   1 
ATOM   813 N N     . MET A 1 124 ? 6.853   -12.152 -10.818 1.00 11.59 ? 121 MET A N     1 
ATOM   814 C CA    . MET A 1 124 ? 6.487   -10.836 -11.324 1.00 15.09 ? 121 MET A CA    1 
ATOM   815 C C     . MET A 1 124 ? 7.347   -10.525 -12.547 1.00 14.48 ? 121 MET A C     1 
ATOM   816 O O     . MET A 1 124 ? 8.533   -10.831 -12.570 1.00 15.10 ? 121 MET A O     1 
ATOM   817 C CB    . MET A 1 124 ? 6.657   -9.773  -10.238 1.00 11.63 ? 121 MET A CB    1 
ATOM   818 C CG    . MET A 1 124 ? 5.894   -10.076 -8.952  1.00 12.64 ? 121 MET A CG    1 
ATOM   819 S SD    . MET A 1 124 ? 4.110   -10.185 -9.184  1.00 15.32 ? 121 MET A SD    1 
ATOM   820 C CE    . MET A 1 124 ? 3.701   -8.521  -9.705  1.00 16.87 ? 121 MET A CE    1 
ATOM   821 N N     . HIS A 1 125 ? 6.739   -9.947  -13.578 1.00 11.99 ? 122 HIS A N     1 
ATOM   822 C CA    . HIS A 1 125 ? 7.410   -9.840  -14.865 1.00 12.69 ? 122 HIS A CA    1 
ATOM   823 C C     . HIS A 1 125 ? 7.964   -8.442  -15.135 1.00 13.95 ? 122 HIS A C     1 
ATOM   824 O O     . HIS A 1 125 ? 7.905   -7.555  -14.289 1.00 12.19 ? 122 HIS A O     1 
ATOM   825 C CB    . HIS A 1 125 ? 6.447   -10.286 -15.971 1.00 16.00 ? 122 HIS A CB    1 
ATOM   826 C CG    . HIS A 1 125 ? 6.043   -11.722 -15.850 1.00 20.41 ? 122 HIS A CG    1 
ATOM   827 N ND1   . HIS A 1 125 ? 6.904   -12.761 -16.134 1.00 30.44 ? 122 HIS A ND1   1 
ATOM   828 C CD2   . HIS A 1 125 ? 4.889   -12.295 -15.433 1.00 25.25 ? 122 HIS A CD2   1 
ATOM   829 C CE1   . HIS A 1 125 ? 6.291   -13.912 -15.916 1.00 24.45 ? 122 HIS A CE1   1 
ATOM   830 N NE2   . HIS A 1 125 ? 5.066   -13.655 -15.492 1.00 27.52 ? 122 HIS A NE2   1 
ATOM   831 N N     . TRP A 1 126 ? 8.540   -8.261  -16.311 1.00 11.48 ? 123 TRP A N     1 
ATOM   832 C CA    . TRP A 1 126 ? 9.185   -6.996  -16.646 1.00 12.19 ? 123 TRP A CA    1 
ATOM   833 C C     . TRP A 1 126 ? 8.848   -6.680  -18.082 1.00 13.13 ? 123 TRP A C     1 
ATOM   834 O O     . TRP A 1 126 ? 8.882   -7.583  -18.919 1.00 14.91 ? 123 TRP A O     1 
ATOM   835 C CB    . TRP A 1 126 ? 10.694  -7.103  -16.446 1.00 12.07 ? 123 TRP A CB    1 
ATOM   836 C CG    . TRP A 1 126 ? 11.407  -5.812  -16.146 1.00 11.62 ? 123 TRP A CG    1 
ATOM   837 C CD1   . TRP A 1 126 ? 12.327  -5.191  -16.933 1.00 13.55 ? 123 TRP A CD1   1 
ATOM   838 C CD2   . TRP A 1 126 ? 11.297  -5.025  -14.953 1.00 10.35 ? 123 TRP A CD2   1 
ATOM   839 N NE1   . TRP A 1 126 ? 12.790  -4.052  -16.315 1.00 12.00 ? 123 TRP A NE1   1 
ATOM   840 C CE2   . TRP A 1 126 ? 12.166  -3.921  -15.103 1.00 10.66 ? 123 TRP A CE2   1 
ATOM   841 C CE3   . TRP A 1 126 ? 10.537  -5.135  -13.779 1.00 10.99 ? 123 TRP A CE3   1 
ATOM   842 C CZ2   . TRP A 1 126 ? 12.315  -2.948  -14.117 1.00 12.32 ? 123 TRP A CZ2   1 
ATOM   843 C CZ3   . TRP A 1 126 ? 10.683  -4.155  -12.798 1.00 12.80 ? 123 TRP A CZ3   1 
ATOM   844 C CH2   . TRP A 1 126 ? 11.557  -3.072  -12.982 1.00 12.03 ? 123 TRP A CH2   1 
ATOM   845 N N     . PRO A 1 127 ? 8.503   -5.421  -18.387 1.00 12.74 ? 124 PRO A N     1 
ATOM   846 C CA    . PRO A 1 127 ? 8.433   -4.238  -17.516 1.00 13.38 ? 124 PRO A CA    1 
ATOM   847 C C     . PRO A 1 127 ? 7.337   -4.347  -16.462 1.00 12.32 ? 124 PRO A C     1 
ATOM   848 O O     . PRO A 1 127 ? 6.435   -5.182  -16.584 1.00 12.89 ? 124 PRO A O     1 
ATOM   849 C CB    . PRO A 1 127 ? 8.126   -3.101  -18.504 1.00 14.54 ? 124 PRO A CB    1 
ATOM   850 C CG    . PRO A 1 127 ? 7.394   -3.770  -19.600 1.00 17.40 ? 124 PRO A CG    1 
ATOM   851 C CD    . PRO A 1 127 ? 8.080   -5.097  -19.762 1.00 15.84 ? 124 PRO A CD    1 
ATOM   852 N N     . PRO A 1 128 ? 7.427   -3.526  -15.410 1.00 12.17 ? 125 PRO A N     1 
ATOM   853 C CA    . PRO A 1 128 ? 6.425   -3.580  -14.344 1.00 11.56 ? 125 PRO A CA    1 
ATOM   854 C C     . PRO A 1 128 ? 5.185   -2.793  -14.730 1.00 12.88 ? 125 PRO A C     1 
ATOM   855 O O     . PRO A 1 128 ? 4.843   -1.801  -14.083 1.00 12.62 ? 125 PRO A O     1 
ATOM   856 C CB    . PRO A 1 128 ? 7.154   -2.940  -13.158 1.00 10.02 ? 125 PRO A CB    1 
ATOM   857 C CG    . PRO A 1 128 ? 8.061   -1.917  -13.815 1.00 10.58 ? 125 PRO A CG    1 
ATOM   858 C CD    . PRO A 1 128 ? 8.486   -2.539  -15.134 1.00 11.39 ? 125 PRO A CD    1 
ATOM   859 N N     . GLY A 1 129 ? 4.515   -3.237  -15.786 1.00 12.81 ? 126 GLY A N     1 
ATOM   860 C CA    . GLY A 1 129 ? 3.454   -2.442  -16.373 1.00 14.49 ? 126 GLY A CA    1 
ATOM   861 C C     . GLY A 1 129 ? 4.035   -1.567  -17.465 1.00 16.37 ? 126 GLY A C     1 
ATOM   862 O O     . GLY A 1 129 ? 3.339   -0.738  -18.049 1.00 17.21 ? 126 GLY A O     1 
ATOM   863 O OXT   . GLY A 1 129 ? 5.218   -1.687  -17.798 1.00 16.97 ? 126 GLY A OXT   1 
HETATM 864 C C1    . 6US B 2 .   ? -3.956  0.878   -9.364  1.00 10.67 ? 201 6US A C1    1 
HETATM 865 C C5    . 6US B 2 .   ? -10.649 -1.049  -2.200  1.00 11.78 ? 201 6US A C5    1 
HETATM 866 C C6    . 6US B 2 .   ? -11.160 -1.611  -0.945  1.00 14.04 ? 201 6US A C6    1 
HETATM 867 C C7    . 6US B 2 .   ? -5.417  0.726   -11.449 1.00 9.70  ? 201 6US A C7    1 
HETATM 868 C C8    . 6US B 2 .   ? -10.122 -0.073  -4.061  1.00 12.47 ? 201 6US A C8    1 
HETATM 869 C C16   . 6US B 2 .   ? -3.276  0.814   -13.010 1.00 12.08 ? 201 6US A C16   1 
HETATM 870 C C2    . 6US B 2 .   ? -9.218  -2.977  -0.812  1.00 13.68 ? 201 6US A C2    1 
HETATM 871 C C3    . 6US B 2 .   ? -5.021  0.097   -10.123 1.00 11.51 ? 201 6US A C3    1 
HETATM 872 C C12   . 6US B 2 .   ? -4.608  1.002   -12.667 1.00 10.78 ? 201 6US A C12   1 
HETATM 873 C C14   . 6US B 2 .   ? -3.726  1.754   -15.200 1.00 12.51 ? 201 6US A C14   1 
HETATM 874 O O3P   . 6US B 2 .   ? -4.616  3.898   -6.920  1.00 9.49  ? 201 6US A O3P   1 
HETATM 875 P P     . 6US B 2 .   ? -3.961  2.601   -7.267  1.00 10.55 ? 201 6US A P     1 
HETATM 876 N N1P   . 6US B 2 .   ? -4.490  2.123   -8.846  1.00 11.09 ? 201 6US A N1P   1 
HETATM 877 O O2P   . 6US B 2 .   ? -2.460  2.503   -7.224  1.00 10.36 ? 201 6US A O2P   1 
HETATM 878 O "O5'" . 6US B 2 .   ? -4.491  1.416   -6.317  1.00 10.53 ? 201 6US A "O5'" 1 
HETATM 879 C "C5'" . 6US B 2 .   ? -5.803  1.448   -5.774  1.00 11.93 ? 201 6US A "C5'" 1 
HETATM 880 C "C4'" . 6US B 2 .   ? -6.104  0.019   -5.353  1.00 9.92  ? 201 6US A "C4'" 1 
HETATM 881 C "C3'" . 6US B 2 .   ? -6.571  -0.875  -6.498  1.00 10.30 ? 201 6US A "C3'" 1 
HETATM 882 O "O3'" . 6US B 2 .   ? -5.626  -1.938  -6.650  1.00 11.60 ? 201 6US A "O3'" 1 
HETATM 883 C "C2'" . 6US B 2 .   ? -7.924  -1.429  -6.054  1.00 12.09 ? 201 6US A "C2'" 1 
HETATM 884 O "O2'" . 6US B 2 .   ? -8.978  -0.705  -6.697  1.00 13.78 ? 201 6US A "O2'" 1 
HETATM 885 C "C1'" . 6US B 2 .   ? -7.874  -1.150  -4.565  1.00 11.43 ? 201 6US A "C1'" 1 
HETATM 886 O "O4'" . 6US B 2 .   ? -7.186  0.093   -4.442  1.00 11.31 ? 201 6US A "O4'" 1 
HETATM 887 N N9    . 6US B 2 .   ? -9.126  -0.946  -3.819  1.00 10.90 ? 201 6US A N9    1 
HETATM 888 C C4    . 6US B 2 .   ? -9.363  -1.569  -2.664  1.00 11.60 ? 201 6US A C4    1 
HETATM 889 N N7    . 6US B 2 .   ? -11.070 -0.132  -3.092  1.00 12.94 ? 201 6US A N7    1 
HETATM 890 N N3    . 6US B 2 .   ? -8.699  -2.520  -1.962  1.00 12.01 ? 201 6US A N3    1 
HETATM 891 N N1    . 6US B 2 .   ? -10.391 -2.534  -0.332  1.00 12.93 ? 201 6US A N1    1 
HETATM 892 N N6    . 6US B 2 .   ? -12.338 -1.198  -0.422  1.00 14.45 ? 201 6US A N6    1 
HETATM 893 C C9    . 6US B 2 .   ? -6.697  1.157   -11.756 1.00 11.42 ? 201 6US A C9    1 
HETATM 894 N N10   . 6US B 2 .   ? -6.751  1.662   -13.024 1.00 11.73 ? 201 6US A N10   1 
HETATM 895 C C11   . 6US B 2 .   ? -5.552  1.594   -13.629 1.00 10.66 ? 201 6US A C11   1 
HETATM 896 C C13   . 6US B 2 .   ? -5.073  1.960   -14.883 1.00 13.34 ? 201 6US A C13   1 
HETATM 897 C C15   . 6US B 2 .   ? -2.839  1.186   -14.282 1.00 12.43 ? 201 6US A C15   1 
HETATM 898 O O     . HOH C 3 .   ? 13.115  10.971  9.386   1.00 31.27 ? 301 HOH A O     1 
HETATM 899 O O     . HOH C 3 .   ? -7.891  -7.744  3.926   1.00 20.73 ? 302 HOH A O     1 
HETATM 900 O O     . HOH C 3 .   ? 7.251   11.043  8.713   1.00 18.27 ? 303 HOH A O     1 
HETATM 901 O O     . HOH C 3 .   ? -15.497 6.940   12.385  1.00 22.47 ? 304 HOH A O     1 
HETATM 902 O O     . HOH C 3 .   ? -7.997  10.286  1.295   1.00 26.39 ? 305 HOH A O     1 
HETATM 903 O O     . HOH C 3 .   ? 4.243   -0.252  14.327  1.00 31.68 ? 306 HOH A O     1 
HETATM 904 O O     . HOH C 3 .   ? -13.459 -2.585  1.818   1.00 25.25 ? 307 HOH A O     1 
HETATM 905 O O     . HOH C 3 .   ? 8.526   18.947  5.538   1.00 13.99 ? 308 HOH A O     1 
HETATM 906 O O     . HOH C 3 .   ? 4.581   10.371  -17.162 1.00 13.69 ? 309 HOH A O     1 
HETATM 907 O O     . HOH C 3 .   ? 3.217   10.426  -20.792 1.00 17.67 ? 310 HOH A O     1 
HETATM 908 O O     . HOH C 3 .   ? 14.686  19.661  1.517   1.00 22.84 ? 311 HOH A O     1 
HETATM 909 O O     . HOH C 3 .   ? 2.149   15.689  3.805   1.00 25.38 ? 312 HOH A O     1 
HETATM 910 O O     . HOH C 3 .   ? -2.302  8.657   -18.383 1.00 20.28 ? 313 HOH A O     1 
HETATM 911 O O     . HOH C 3 .   ? -8.751  0.630   -8.967  1.00 16.18 ? 314 HOH A O     1 
HETATM 912 O O     . HOH C 3 .   ? 6.999   -1.831  12.068  1.00 35.89 ? 315 HOH A O     1 
HETATM 913 O O     . HOH C 3 .   ? 10.491  20.810  9.146   1.00 29.74 ? 316 HOH A O     1 
HETATM 914 O O     . HOH C 3 .   ? -12.501 0.512   7.817   1.00 13.94 ? 317 HOH A O     1 
HETATM 915 O O     . HOH C 3 .   ? 13.544  -14.806 -1.453  1.00 28.98 ? 318 HOH A O     1 
HETATM 916 O O     . HOH C 3 .   ? -5.459  8.794   -12.489 1.00 19.69 ? 319 HOH A O     1 
HETATM 917 O O     . HOH C 3 .   ? -4.002  13.104  -11.760 1.00 25.21 ? 320 HOH A O     1 
HETATM 918 O O     . HOH C 3 .   ? -5.464  -7.677  -14.554 1.00 30.66 ? 321 HOH A O     1 
HETATM 919 O O     . HOH C 3 .   ? -11.449 -3.599  1.915   1.00 27.60 ? 322 HOH A O     1 
HETATM 920 O O     . HOH C 3 .   ? 0.844   8.287   -5.133  1.00 14.98 ? 323 HOH A O     1 
HETATM 921 O O     . HOH C 3 .   ? -2.749  -3.897  14.884  1.00 15.99 ? 324 HOH A O     1 
HETATM 922 O O     . HOH C 3 .   ? -6.674  -9.218  11.265  1.00 18.05 ? 325 HOH A O     1 
HETATM 923 O O     . HOH C 3 .   ? 5.241   -6.910  -18.290 1.00 23.69 ? 326 HOH A O     1 
HETATM 924 O O     . HOH C 3 .   ? 0.998   -16.192 -2.205  1.00 19.09 ? 327 HOH A O     1 
HETATM 925 O O     . HOH C 3 .   ? 2.039   17.068  -7.898  1.00 25.99 ? 328 HOH A O     1 
HETATM 926 O O     . HOH C 3 .   ? 12.818  -4.633  10.028  1.00 24.95 ? 329 HOH A O     1 
HETATM 927 O O     . HOH C 3 .   ? -3.865  -11.173 -1.148  1.00 17.79 ? 330 HOH A O     1 
HETATM 928 O O     . HOH C 3 .   ? 10.356  -17.592 -13.123 1.00 24.09 ? 331 HOH A O     1 
HETATM 929 O O     . HOH C 3 .   ? -8.586  -9.811  -9.284  1.00 27.19 ? 332 HOH A O     1 
HETATM 930 O O     . HOH C 3 .   ? 3.671   -15.029 -13.301 1.00 21.44 ? 333 HOH A O     1 
HETATM 931 O O     . HOH C 3 .   ? -0.289  3.384   -5.546  1.00 11.89 ? 334 HOH A O     1 
HETATM 932 O O     . HOH C 3 .   ? -6.096  -9.657  -2.350  1.00 23.95 ? 335 HOH A O     1 
HETATM 933 O O     . HOH C 3 .   ? 9.836   -9.643  3.782   1.00 16.04 ? 336 HOH A O     1 
HETATM 934 O O     . HOH C 3 .   ? -5.736  -4.050  -8.431  1.00 14.75 ? 337 HOH A O     1 
HETATM 935 O O     . HOH C 3 .   ? 1.880   -18.782 -8.788  1.00 17.36 ? 338 HOH A O     1 
HETATM 936 O O     . HOH C 3 .   ? -7.425  13.029  -2.407  1.00 25.92 ? 339 HOH A O     1 
HETATM 937 O O     . HOH C 3 .   ? -18.819 4.798   10.134  1.00 19.81 ? 340 HOH A O     1 
HETATM 938 O O     . HOH C 3 .   ? 4.648   12.301  8.375   1.00 21.67 ? 341 HOH A O     1 
HETATM 939 O O     . HOH C 3 .   ? 0.085   8.486   9.090   1.00 15.55 ? 342 HOH A O     1 
HETATM 940 O O     . HOH C 3 .   ? -0.450  -7.619  12.216  1.00 19.36 ? 343 HOH A O     1 
HETATM 941 O O     . HOH C 3 .   ? 2.459   13.737  -11.003 1.00 30.64 ? 344 HOH A O     1 
HETATM 942 O O     . HOH C 3 .   ? 10.228  -8.761  8.068   1.00 29.48 ? 345 HOH A O     1 
HETATM 943 O O     . HOH C 3 .   ? 6.369   9.290   10.753  1.00 28.69 ? 346 HOH A O     1 
HETATM 944 O O     . HOH C 3 .   ? 6.010   18.245  -1.917  1.00 33.24 ? 347 HOH A O     1 
HETATM 945 O O     . HOH C 3 .   ? 11.809  20.168  -0.529  1.00 18.13 ? 348 HOH A O     1 
HETATM 946 O O     . HOH C 3 .   ? 7.929   -15.964 5.250   1.00 35.53 ? 349 HOH A O     1 
HETATM 947 O O     . HOH C 3 .   ? -9.278  2.162   10.139  1.00 17.34 ? 350 HOH A O     1 
HETATM 948 O O     . HOH C 3 .   ? -6.145  10.104  9.923   1.00 32.70 ? 351 HOH A O     1 
HETATM 949 O O     . HOH C 3 .   ? -6.502  4.729   -12.554 1.00 15.21 ? 352 HOH A O     1 
HETATM 950 O O     . HOH C 3 .   ? -2.697  15.881  5.726   1.00 33.19 ? 353 HOH A O     1 
HETATM 951 O O     . HOH C 3 .   ? -14.826 7.773   -2.119  1.00 23.53 ? 354 HOH A O     1 
HETATM 952 O O     . HOH C 3 .   ? -4.092  4.180   15.912  1.00 26.35 ? 355 HOH A O     1 
HETATM 953 O O     . HOH C 3 .   ? -2.007  12.868  -13.494 1.00 20.52 ? 356 HOH A O     1 
HETATM 954 O O     . HOH C 3 .   ? -5.283  -13.439 -4.938  1.00 29.04 ? 357 HOH A O     1 
HETATM 955 O O     . HOH C 3 .   ? -20.609 2.837   4.498   1.00 29.95 ? 358 HOH A O     1 
HETATM 956 O O     . HOH C 3 .   ? 6.406   -8.830  -19.757 1.00 27.83 ? 359 HOH A O     1 
HETATM 957 O O     . HOH C 3 .   ? 6.598   16.600  -6.969  1.00 17.42 ? 360 HOH A O     1 
HETATM 958 O O     . HOH C 3 .   ? 11.974  18.956  6.668   1.00 27.05 ? 361 HOH A O     1 
HETATM 959 O O     . HOH C 3 .   ? -7.880  -12.674 2.883   1.00 32.97 ? 362 HOH A O     1 
HETATM 960 O O     . HOH C 3 .   ? -9.682  8.640   -5.646  1.00 20.90 ? 363 HOH A O     1 
HETATM 961 O O     . HOH C 3 .   ? -4.356  13.764  7.680   1.00 24.89 ? 364 HOH A O     1 
HETATM 962 O O     . HOH C 3 .   ? -6.751  10.168  -16.740 1.00 33.47 ? 365 HOH A O     1 
HETATM 963 O O     . HOH C 3 .   ? -0.556  5.955   -4.267  1.00 13.17 ? 366 HOH A O     1 
HETATM 964 O O     . HOH C 3 .   ? 10.484  12.085  8.531   1.00 20.22 ? 367 HOH A O     1 
HETATM 965 O O     . HOH C 3 .   ? -10.964 -1.527  8.690   1.00 18.56 ? 368 HOH A O     1 
HETATM 966 O O     . HOH C 3 .   ? -4.105  -12.265 5.915   1.00 25.44 ? 369 HOH A O     1 
HETATM 967 O O     . HOH C 3 .   ? -2.237  15.655  0.160   1.00 22.69 ? 370 HOH A O     1 
HETATM 968 O O     . HOH C 3 .   ? -10.130 5.308   13.696  1.00 31.11 ? 371 HOH A O     1 
HETATM 969 O O     . HOH C 3 .   ? 6.796   -16.745 -2.029  1.00 18.65 ? 372 HOH A O     1 
HETATM 970 O O     . HOH C 3 .   ? -4.267  -13.633 -0.510  1.00 33.13 ? 373 HOH A O     1 
HETATM 971 O O     . HOH C 3 .   ? -7.012  10.301  6.082   1.00 30.85 ? 374 HOH A O     1 
HETATM 972 O O     . HOH C 3 .   ? 9.149   -12.387 3.008   1.00 23.78 ? 375 HOH A O     1 
HETATM 973 O O     . HOH C 3 .   ? 5.262   16.187  7.271   1.00 29.04 ? 376 HOH A O     1 
HETATM 974 O O     . HOH C 3 .   ? -7.595  5.698   12.198  1.00 33.84 ? 377 HOH A O     1 
HETATM 975 O O     . HOH C 3 .   ? -2.645  -11.619 -12.842 1.00 37.81 ? 378 HOH A O     1 
HETATM 976 O O     . HOH C 3 .   ? -2.064  -13.823 -10.498 1.00 27.89 ? 379 HOH A O     1 
HETATM 977 O O     . HOH C 3 .   ? 0.644   -9.212  9.087   1.00 32.23 ? 380 HOH A O     1 
HETATM 978 O O     . HOH C 3 .   ? 0.248   9.652   13.114  1.00 34.17 ? 381 HOH A O     1 
HETATM 979 O O     . HOH C 3 .   ? -0.890  -5.216  13.667  1.00 18.57 ? 382 HOH A O     1 
HETATM 980 O O     . HOH C 3 .   ? 9.262   -6.895  13.285  1.00 35.86 ? 383 HOH A O     1 
HETATM 981 O O     . HOH C 3 .   ? -3.986  -13.946 -8.747  1.00 32.78 ? 384 HOH A O     1 
HETATM 982 O O     . HOH C 3 .   ? 6.102   19.991  8.373   1.00 30.85 ? 385 HOH A O     1 
HETATM 983 O O     . HOH C 3 .   ? -9.256  -0.382  10.457  1.00 21.37 ? 386 HOH A O     1 
HETATM 984 O O     . HOH C 3 .   ? 3.513   19.021  -6.819  1.00 33.19 ? 387 HOH A O     1 
HETATM 985 O O     . HOH C 3 .   ? -15.131 -6.359  4.706   1.00 31.17 ? 388 HOH A O     1 
HETATM 986 O O     . HOH C 3 .   ? 1.390   -4.391  15.362  1.00 30.94 ? 389 HOH A O     1 
HETATM 987 O O     . HOH C 3 .   ? -8.887  -13.970 8.196   1.00 39.45 ? 390 HOH A O     1 
HETATM 988 O O     . HOH C 3 .   ? -7.747  14.144  -8.812  1.00 39.29 ? 391 HOH A O     1 
HETATM 989 O O     . HOH C 3 .   ? 2.212   10.340  10.044  1.00 32.12 ? 392 HOH A O     1 
# 
loop_
_pdbx_poly_seq_scheme.asym_id 
_pdbx_poly_seq_scheme.entity_id 
_pdbx_poly_seq_scheme.seq_id 
_pdbx_poly_seq_scheme.mon_id 
_pdbx_poly_seq_scheme.ndb_seq_num 
_pdbx_poly_seq_scheme.pdb_seq_num 
_pdbx_poly_seq_scheme.auth_seq_num 
_pdbx_poly_seq_scheme.pdb_mon_id 
_pdbx_poly_seq_scheme.auth_mon_id 
_pdbx_poly_seq_scheme.pdb_strand_id 
_pdbx_poly_seq_scheme.pdb_ins_code 
_pdbx_poly_seq_scheme.hetero 
A 1 1   SER 1   -2  ?   ?   ?   A . n 
A 1 2   ASN 2   -1  ?   ?   ?   A . n 
A 1 3   ALA 3   0   ?   ?   ?   A . n 
A 1 4   MET 4   1   ?   ?   ?   A . n 
A 1 5   ALA 5   2   ?   ?   ?   A . n 
A 1 6   ASP 6   3   ?   ?   ?   A . n 
A 1 7   GLU 7   4   ?   ?   ?   A . n 
A 1 8   ILE 8   5   ?   ?   ?   A . n 
A 1 9   ALA 9   6   ?   ?   ?   A . n 
A 1 10  LYS 10  7   ?   ?   ?   A . n 
A 1 11  ALA 11  8   ?   ?   ?   A . n 
A 1 12  GLN 12  9   ?   ?   ?   A . n 
A 1 13  VAL 13  10  ?   ?   ?   A . n 
A 1 14  ALA 14  11  ?   ?   ?   A . n 
A 1 15  ARG 15  12  ?   ?   ?   A . n 
A 1 16  PRO 16  13  ?   ?   ?   A . n 
A 1 17  GLY 17  14  ?   ?   ?   A . n 
A 1 18  GLY 18  15  ?   ?   ?   A . n 
A 1 19  ASP 19  16  16  ASP ASP A . n 
A 1 20  THR 20  17  17  THR THR A . n 
A 1 21  ILE 21  18  18  ILE ILE A . n 
A 1 22  PHE 22  19  19  PHE PHE A . n 
A 1 23  GLY 23  20  20  GLY GLY A . n 
A 1 24  LYS 24  21  21  LYS LYS A . n 
A 1 25  ILE 25  22  22  ILE ILE A . n 
A 1 26  ILE 26  23  23  ILE ILE A . n 
A 1 27  ARG 27  24  24  ARG ARG A . n 
A 1 28  LYS 28  25  25  LYS LYS A . n 
A 1 29  GLU 29  26  26  GLU GLU A . n 
A 1 30  ILE 30  27  27  ILE ILE A . n 
A 1 31  PRO 31  28  28  PRO PRO A . n 
A 1 32  ALA 32  29  29  ALA ALA A . n 
A 1 33  LYS 33  30  30  LYS LYS A . n 
A 1 34  ILE 34  31  31  ILE ILE A . n 
A 1 35  ILE 35  32  32  ILE ILE A . n 
A 1 36  PHE 36  33  33  PHE PHE A . n 
A 1 37  GLU 37  34  34  GLU GLU A . n 
A 1 38  ASP 38  35  35  ASP ASP A . n 
A 1 39  ASP 39  36  36  ASP ASP A . n 
A 1 40  ARG 40  37  37  ARG ARG A . n 
A 1 41  CYS 41  38  38  CYS CYS A . n 
A 1 42  LEU 42  39  39  LEU LEU A . n 
A 1 43  ALA 43  40  40  ALA ALA A . n 
A 1 44  PHE 44  41  41  PHE PHE A . n 
A 1 45  HIS 45  42  42  HIS HIS A . n 
A 1 46  ASP 46  43  43  ASP ASP A . n 
A 1 47  ILE 47  44  44  ILE ILE A . n 
A 1 48  SER 48  45  45  SER SER A . n 
A 1 49  PRO 49  46  46  PRO PRO A . n 
A 1 50  GLN 50  47  47  GLN GLN A . n 
A 1 51  ALA 51  48  48  ALA ALA A . n 
A 1 52  PRO 52  49  49  PRO PRO A . n 
A 1 53  THR 53  50  50  THR THR A . n 
A 1 54  HIS 54  51  51  HIS HIS A . n 
A 1 55  PHE 55  52  52  PHE PHE A . n 
A 1 56  LEU 56  53  53  LEU LEU A . n 
A 1 57  VAL 57  54  54  VAL VAL A . n 
A 1 58  ILE 58  55  55  ILE ILE A . n 
A 1 59  PRO 59  56  56  PRO PRO A . n 
A 1 60  LYS 60  57  57  LYS LYS A . n 
A 1 61  LYS 61  58  58  LYS LYS A . n 
A 1 62  HIS 62  59  59  HIS HIS A . n 
A 1 63  ILE 63  60  60  ILE ILE A . n 
A 1 64  SER 64  61  61  SER SER A . n 
A 1 65  GLN 65  62  62  GLN GLN A . n 
A 1 66  ILE 66  63  63  ILE ILE A . n 
A 1 67  SER 67  64  64  SER SER A . n 
A 1 68  VAL 68  65  65  VAL VAL A . n 
A 1 69  ALA 69  66  66  ALA ALA A . n 
A 1 70  GLU 70  67  67  GLU GLU A . n 
A 1 71  ASP 71  68  68  ASP ASP A . n 
A 1 72  ASP 72  69  69  ASP ASP A . n 
A 1 73  ASP 73  70  70  ASP ASP A . n 
A 1 74  GLU 74  71  71  GLU GLU A . n 
A 1 75  SER 75  72  72  SER SER A . n 
A 1 76  LEU 76  73  73  LEU LEU A . n 
A 1 77  LEU 77  74  74  LEU LEU A . n 
A 1 78  GLY 78  75  75  GLY GLY A . n 
A 1 79  HIS 79  76  76  HIS HIS A . n 
A 1 80  LEU 80  77  77  LEU LEU A . n 
A 1 81  MET 81  78  78  MET MET A . n 
A 1 82  ILE 82  79  79  ILE ILE A . n 
A 1 83  VAL 83  80  80  VAL VAL A . n 
A 1 84  GLY 84  81  81  GLY GLY A . n 
A 1 85  LYS 85  82  82  LYS LYS A . n 
A 1 86  LYS 86  83  83  LYS LYS A . n 
A 1 87  CYS 87  84  84  CYS CYS A . n 
A 1 88  ALA 88  85  85  ALA ALA A . n 
A 1 89  ALA 89  86  86  ALA ALA A . n 
A 1 90  ASP 90  87  87  ASP ASP A . n 
A 1 91  LEU 91  88  88  LEU LEU A . n 
A 1 92  GLY 92  89  89  GLY GLY A . n 
A 1 93  LEU 93  90  90  LEU LEU A . n 
A 1 94  ASN 94  91  91  ASN ASN A . n 
A 1 95  LYS 95  92  92  LYS LYS A . n 
A 1 96  GLY 96  93  93  GLY GLY A . n 
A 1 97  TYR 97  94  94  TYR TYR A . n 
A 1 98  ARG 98  95  95  ARG ARG A . n 
A 1 99  MET 99  96  96  MET MET A . n 
A 1 100 VAL 100 97  97  VAL VAL A . n 
A 1 101 VAL 101 98  98  VAL VAL A . n 
A 1 102 ASN 102 99  99  ASN ASN A . n 
A 1 103 GLU 103 100 100 GLU GLU A . n 
A 1 104 GLY 104 101 101 GLY GLY A . n 
A 1 105 SER 105 102 102 SER SER A . n 
A 1 106 ASP 106 103 103 ASP ASP A . n 
A 1 107 GLY 107 104 104 GLY GLY A . n 
A 1 108 GLY 108 105 105 GLY GLY A . n 
A 1 109 GLN 109 106 106 GLN GLN A . n 
A 1 110 SER 110 107 107 SER SER A . n 
A 1 111 VAL 111 108 108 VAL VAL A . n 
A 1 112 TYR 112 109 109 TYR TYR A . n 
A 1 113 HIS 113 110 110 HIS HIS A . n 
A 1 114 VAL 114 111 111 VAL VAL A . n 
A 1 115 ASN 115 112 112 ASN ASN A . n 
A 1 116 LEU 116 113 113 LEU LEU A . n 
A 1 117 HIS 117 114 114 HIS HIS A . n 
A 1 118 VAL 118 115 115 VAL VAL A . n 
A 1 119 LEU 119 116 116 LEU LEU A . n 
A 1 120 GLY 120 117 117 GLY GLY A . n 
A 1 121 GLY 121 118 118 GLY GLY A . n 
A 1 122 ARG 122 119 119 ARG ARG A . n 
A 1 123 GLN 123 120 120 GLN GLN A . n 
A 1 124 MET 124 121 121 MET MET A . n 
A 1 125 HIS 125 122 122 HIS HIS A . n 
A 1 126 TRP 126 123 123 TRP TRP A . n 
A 1 127 PRO 127 124 124 PRO PRO A . n 
A 1 128 PRO 128 125 125 PRO PRO A . n 
A 1 129 GLY 129 126 126 GLY GLY A . n 
# 
loop_
_pdbx_nonpoly_scheme.asym_id 
_pdbx_nonpoly_scheme.entity_id 
_pdbx_nonpoly_scheme.mon_id 
_pdbx_nonpoly_scheme.ndb_seq_num 
_pdbx_nonpoly_scheme.pdb_seq_num 
_pdbx_nonpoly_scheme.auth_seq_num 
_pdbx_nonpoly_scheme.pdb_mon_id 
_pdbx_nonpoly_scheme.auth_mon_id 
_pdbx_nonpoly_scheme.pdb_strand_id 
_pdbx_nonpoly_scheme.pdb_ins_code 
B 2 6US 1  201 1  6US 064 A . 
C 3 HOH 1  301 82 HOH HOH A . 
C 3 HOH 2  302 62 HOH HOH A . 
C 3 HOH 3  303 2  HOH HOH A . 
C 3 HOH 4  304 49 HOH HOH A . 
C 3 HOH 5  305 32 HOH HOH A . 
C 3 HOH 6  306 53 HOH HOH A . 
C 3 HOH 7  307 28 HOH HOH A . 
C 3 HOH 8  308 58 HOH HOH A . 
C 3 HOH 9  309 8  HOH HOH A . 
C 3 HOH 10 310 59 HOH HOH A . 
C 3 HOH 11 311 11 HOH HOH A . 
C 3 HOH 12 312 36 HOH HOH A . 
C 3 HOH 13 313 15 HOH HOH A . 
C 3 HOH 14 314 26 HOH HOH A . 
C 3 HOH 15 315 71 HOH HOH A . 
C 3 HOH 16 316 87 HOH HOH A . 
C 3 HOH 17 317 24 HOH HOH A . 
C 3 HOH 18 318 83 HOH HOH A . 
C 3 HOH 19 319 17 HOH HOH A . 
C 3 HOH 20 320 64 HOH HOH A . 
C 3 HOH 21 321 50 HOH HOH A . 
C 3 HOH 22 322 66 HOH HOH A . 
C 3 HOH 23 323 14 HOH HOH A . 
C 3 HOH 24 324 13 HOH HOH A . 
C 3 HOH 25 325 23 HOH HOH A . 
C 3 HOH 26 326 30 HOH HOH A . 
C 3 HOH 27 327 38 HOH HOH A . 
C 3 HOH 28 328 45 HOH HOH A . 
C 3 HOH 29 329 27 HOH HOH A . 
C 3 HOH 30 330 25 HOH HOH A . 
C 3 HOH 31 331 39 HOH HOH A . 
C 3 HOH 32 332 10 HOH HOH A . 
C 3 HOH 33 333 5  HOH HOH A . 
C 3 HOH 34 334 7  HOH HOH A . 
C 3 HOH 35 335 52 HOH HOH A . 
C 3 HOH 36 336 9  HOH HOH A . 
C 3 HOH 37 337 3  HOH HOH A . 
C 3 HOH 38 338 12 HOH HOH A . 
C 3 HOH 39 339 46 HOH HOH A . 
C 3 HOH 40 340 19 HOH HOH A . 
C 3 HOH 41 341 44 HOH HOH A . 
C 3 HOH 42 342 4  HOH HOH A . 
C 3 HOH 43 343 35 HOH HOH A . 
C 3 HOH 44 344 89 HOH HOH A . 
C 3 HOH 45 345 40 HOH HOH A . 
C 3 HOH 46 346 84 HOH HOH A . 
C 3 HOH 47 347 76 HOH HOH A . 
C 3 HOH 48 348 18 HOH HOH A . 
C 3 HOH 49 349 81 HOH HOH A . 
C 3 HOH 50 350 16 HOH HOH A . 
C 3 HOH 51 351 85 HOH HOH A . 
C 3 HOH 52 352 6  HOH HOH A . 
C 3 HOH 53 353 21 HOH HOH A . 
C 3 HOH 54 354 54 HOH HOH A . 
C 3 HOH 55 355 73 HOH HOH A . 
C 3 HOH 56 356 61 HOH HOH A . 
C 3 HOH 57 357 88 HOH HOH A . 
C 3 HOH 58 358 79 HOH HOH A . 
C 3 HOH 59 359 70 HOH HOH A . 
C 3 HOH 60 360 22 HOH HOH A . 
C 3 HOH 61 361 37 HOH HOH A . 
C 3 HOH 62 362 80 HOH HOH A . 
C 3 HOH 63 363 20 HOH HOH A . 
C 3 HOH 64 364 43 HOH HOH A . 
C 3 HOH 65 365 91 HOH HOH A . 
C 3 HOH 66 366 1  HOH HOH A . 
C 3 HOH 67 367 34 HOH HOH A . 
C 3 HOH 68 368 31 HOH HOH A . 
C 3 HOH 69 369 33 HOH HOH A . 
C 3 HOH 70 370 42 HOH HOH A . 
C 3 HOH 71 371 41 HOH HOH A . 
C 3 HOH 72 372 60 HOH HOH A . 
C 3 HOH 73 373 90 HOH HOH A . 
C 3 HOH 74 374 48 HOH HOH A . 
C 3 HOH 75 375 63 HOH HOH A . 
C 3 HOH 76 376 29 HOH HOH A . 
C 3 HOH 77 377 47 HOH HOH A . 
C 3 HOH 78 378 75 HOH HOH A . 
C 3 HOH 79 379 65 HOH HOH A . 
C 3 HOH 80 380 92 HOH HOH A . 
C 3 HOH 81 381 67 HOH HOH A . 
C 3 HOH 82 382 57 HOH HOH A . 
C 3 HOH 83 383 69 HOH HOH A . 
C 3 HOH 84 384 86 HOH HOH A . 
C 3 HOH 85 385 55 HOH HOH A . 
C 3 HOH 86 386 56 HOH HOH A . 
C 3 HOH 87 387 51 HOH HOH A . 
C 3 HOH 88 388 72 HOH HOH A . 
C 3 HOH 89 389 77 HOH HOH A . 
C 3 HOH 90 390 78 HOH HOH A . 
C 3 HOH 91 391 74 HOH HOH A . 
C 3 HOH 92 392 68 HOH HOH A . 
# 
_pdbx_struct_assembly.id                   1 
_pdbx_struct_assembly.details              author_and_software_defined_assembly 
_pdbx_struct_assembly.method_details       PISA 
_pdbx_struct_assembly.oligomeric_details   dimeric 
_pdbx_struct_assembly.oligomeric_count     2 
# 
_pdbx_struct_assembly_gen.assembly_id       1 
_pdbx_struct_assembly_gen.oper_expression   1,2 
_pdbx_struct_assembly_gen.asym_id_list      A,B,C 
# 
loop_
_pdbx_struct_assembly_prop.biol_id 
_pdbx_struct_assembly_prop.type 
_pdbx_struct_assembly_prop.value 
_pdbx_struct_assembly_prop.details 
1 'ABSA (A^2)' 4040 ? 
1 MORE         -14  ? 
1 'SSA (A^2)'  9250 ? 
# 
loop_
_pdbx_struct_oper_list.id 
_pdbx_struct_oper_list.type 
_pdbx_struct_oper_list.name 
_pdbx_struct_oper_list.symmetry_operation 
_pdbx_struct_oper_list.matrix[1][1] 
_pdbx_struct_oper_list.matrix[1][2] 
_pdbx_struct_oper_list.matrix[1][3] 
_pdbx_struct_oper_list.vector[1] 
_pdbx_struct_oper_list.matrix[2][1] 
_pdbx_struct_oper_list.matrix[2][2] 
_pdbx_struct_oper_list.matrix[2][3] 
_pdbx_struct_oper_list.vector[2] 
_pdbx_struct_oper_list.matrix[3][1] 
_pdbx_struct_oper_list.matrix[3][2] 
_pdbx_struct_oper_list.matrix[3][3] 
_pdbx_struct_oper_list.vector[3] 
1 'identity operation'         1_555 x,y,z  1.0000000000  0.0000000000 0.0000000000 0.0000000000  0.0000000000 1.0000000000  0.0000000000 0.0000000000 0.0000000000 0.0000000000 1.0000000000 0.0000000000  
2 'crystal symmetry operation' 7_555 y,x,-z -0.8221534520 0.2744679647 0.4987294234 15.9308492232 0.2744679647 -0.5764176225 0.7696817919 3.1016338574 0.4987294234 0.7696817919 0.3985710745 -7.3878650441 
# 
loop_
_pdbx_audit_revision_history.ordinal 
_pdbx_audit_revision_history.data_content_type 
_pdbx_audit_revision_history.major_revision 
_pdbx_audit_revision_history.minor_revision 
_pdbx_audit_revision_history.revision_date 
1 'Structure model' 1 0 2017-06-28 
2 'Structure model' 1 1 2017-07-26 
3 'Structure model' 1 2 2017-10-18 
4 'Structure model' 1 3 2017-11-15 
5 'Structure model' 1 4 2023-09-27 
# 
_pdbx_audit_revision_details.ordinal             1 
_pdbx_audit_revision_details.revision_ordinal    1 
_pdbx_audit_revision_details.data_content_type   'Structure model' 
_pdbx_audit_revision_details.provider            repository 
_pdbx_audit_revision_details.type                'Initial release' 
_pdbx_audit_revision_details.description         ? 
_pdbx_audit_revision_details.details             ? 
# 
loop_
_pdbx_audit_revision_group.ordinal 
_pdbx_audit_revision_group.revision_ordinal 
_pdbx_audit_revision_group.data_content_type 
_pdbx_audit_revision_group.group 
1 2 'Structure model' 'Database references'    
2 3 'Structure model' 'Database references'    
3 4 'Structure model' 'Database references'    
4 5 'Structure model' 'Data collection'        
5 5 'Structure model' 'Database references'    
6 5 'Structure model' 'Refinement description' 
# 
loop_
_pdbx_audit_revision_category.ordinal 
_pdbx_audit_revision_category.revision_ordinal 
_pdbx_audit_revision_category.data_content_type 
_pdbx_audit_revision_category.category 
1  2 'Structure model' citation_author               
2  3 'Structure model' citation                      
3  3 'Structure model' citation_author               
4  4 'Structure model' citation                      
5  4 'Structure model' citation_author               
6  5 'Structure model' chem_comp_atom                
7  5 'Structure model' chem_comp_bond                
8  5 'Structure model' citation                      
9  5 'Structure model' database_2                    
10 5 'Structure model' pdbx_initial_refinement_model 
# 
loop_
_pdbx_audit_revision_item.ordinal 
_pdbx_audit_revision_item.revision_ordinal 
_pdbx_audit_revision_item.data_content_type 
_pdbx_audit_revision_item.item 
1  3 'Structure model' '_citation.journal_abbrev'            
2  3 'Structure model' '_citation.journal_id_ISSN'           
3  3 'Structure model' '_citation.pdbx_database_id_DOI'      
4  3 'Structure model' '_citation.pdbx_database_id_PubMed'   
5  3 'Structure model' '_citation.title'                     
6  3 'Structure model' '_citation.year'                      
7  4 'Structure model' '_citation.journal_volume'            
8  4 'Structure model' '_citation.page_first'                
9  4 'Structure model' '_citation.page_last'                 
10 4 'Structure model' '_citation.title'                     
11 4 'Structure model' '_citation_author.name'               
12 5 'Structure model' '_citation.country'                   
13 5 'Structure model' '_database_2.pdbx_DOI'                
14 5 'Structure model' '_database_2.pdbx_database_accession' 
# 
_pdbx_phasing_MR.entry_id                     5KM6 
_pdbx_phasing_MR.method_rotation              ? 
_pdbx_phasing_MR.method_translation           ? 
_pdbx_phasing_MR.model_details                ? 
_pdbx_phasing_MR.R_factor                     ? 
_pdbx_phasing_MR.R_rigid_body                 ? 
_pdbx_phasing_MR.correlation_coeff_Fo_to_Fc   ? 
_pdbx_phasing_MR.correlation_coeff_Io_to_Ic   ? 
_pdbx_phasing_MR.d_res_high_rotation          5.170 
_pdbx_phasing_MR.d_res_low_rotation           38.690 
_pdbx_phasing_MR.d_res_high_translation       5.170 
_pdbx_phasing_MR.d_res_low_translation        38.690 
_pdbx_phasing_MR.packing                      ? 
_pdbx_phasing_MR.reflns_percent_rotation      ? 
_pdbx_phasing_MR.reflns_percent_translation   ? 
_pdbx_phasing_MR.sigma_F_rotation             ? 
_pdbx_phasing_MR.sigma_F_translation          ? 
_pdbx_phasing_MR.sigma_I_rotation             ? 
_pdbx_phasing_MR.sigma_I_translation          ? 
# 
_phasing.method   MR 
# 
loop_
_software.citation_id 
_software.classification 
_software.compiler_name 
_software.compiler_version 
_software.contact_author 
_software.contact_author_email 
_software.date 
_software.description 
_software.dependencies 
_software.hardware 
_software.language 
_software.location 
_software.mods 
_software.name 
_software.os 
_software.os_version 
_software.type 
_software.version 
_software.pdbx_ordinal 
? 'data scaling'    ? ? ? ? ? ? ? ? ? ? ? Aimless     ? ? ? .     1 
? phasing           ? ? ? ? ? ? ? ? ? ? ? PHASER      ? ? ? 2.5.6 2 
? refinement        ? ? ? ? ? ? ? ? ? ? ? PHENIX      ? ? ? .     3 
? 'data extraction' ? ? ? ? ? ? ? ? ? ? ? PDB_EXTRACT ? ? ? 3.20  4 
? 'data reduction'  ? ? ? ? ? ? ? ? ? ? ? XDS         ? ? ? .     5 
# 
loop_
_pdbx_unobs_or_zero_occ_atoms.id 
_pdbx_unobs_or_zero_occ_atoms.PDB_model_num 
_pdbx_unobs_or_zero_occ_atoms.polymer_flag 
_pdbx_unobs_or_zero_occ_atoms.occupancy_flag 
_pdbx_unobs_or_zero_occ_atoms.auth_asym_id 
_pdbx_unobs_or_zero_occ_atoms.auth_comp_id 
_pdbx_unobs_or_zero_occ_atoms.auth_seq_id 
_pdbx_unobs_or_zero_occ_atoms.PDB_ins_code 
_pdbx_unobs_or_zero_occ_atoms.auth_atom_id 
_pdbx_unobs_or_zero_occ_atoms.label_alt_id 
_pdbx_unobs_or_zero_occ_atoms.label_asym_id 
_pdbx_unobs_or_zero_occ_atoms.label_comp_id 
_pdbx_unobs_or_zero_occ_atoms.label_seq_id 
_pdbx_unobs_or_zero_occ_atoms.label_atom_id 
1 1 Y 1 A GLU 26 ? CG  ? A GLU 29 CG  
2 1 Y 1 A GLU 26 ? CD  ? A GLU 29 CD  
3 1 Y 1 A GLU 26 ? OE1 ? A GLU 29 OE1 
4 1 Y 1 A GLU 26 ? OE2 ? A GLU 29 OE2 
# 
loop_
_pdbx_unobs_or_zero_occ_residues.id 
_pdbx_unobs_or_zero_occ_residues.PDB_model_num 
_pdbx_unobs_or_zero_occ_residues.polymer_flag 
_pdbx_unobs_or_zero_occ_residues.occupancy_flag 
_pdbx_unobs_or_zero_occ_residues.auth_asym_id 
_pdbx_unobs_or_zero_occ_residues.auth_comp_id 
_pdbx_unobs_or_zero_occ_residues.auth_seq_id 
_pdbx_unobs_or_zero_occ_residues.PDB_ins_code 
_pdbx_unobs_or_zero_occ_residues.label_asym_id 
_pdbx_unobs_or_zero_occ_residues.label_comp_id 
_pdbx_unobs_or_zero_occ_residues.label_seq_id 
1  1 Y 1 A SER -2 ? A SER 1  
2  1 Y 1 A ASN -1 ? A ASN 2  
3  1 Y 1 A ALA 0  ? A ALA 3  
4  1 Y 1 A MET 1  ? A MET 4  
5  1 Y 1 A ALA 2  ? A ALA 5  
6  1 Y 1 A ASP 3  ? A ASP 6  
7  1 Y 1 A GLU 4  ? A GLU 7  
8  1 Y 1 A ILE 5  ? A ILE 8  
9  1 Y 1 A ALA 6  ? A ALA 9  
10 1 Y 1 A LYS 7  ? A LYS 10 
11 1 Y 1 A ALA 8  ? A ALA 11 
12 1 Y 1 A GLN 9  ? A GLN 12 
13 1 Y 1 A VAL 10 ? A VAL 13 
14 1 Y 1 A ALA 11 ? A ALA 14 
15 1 Y 1 A ARG 12 ? A ARG 15 
16 1 Y 1 A PRO 13 ? A PRO 16 
17 1 Y 1 A GLY 14 ? A GLY 17 
18 1 Y 1 A GLY 15 ? A GLY 18 
# 
loop_
_chem_comp_atom.comp_id 
_chem_comp_atom.atom_id 
_chem_comp_atom.type_symbol 
_chem_comp_atom.pdbx_aromatic_flag 
_chem_comp_atom.pdbx_stereo_config 
_chem_comp_atom.pdbx_ordinal 
6US C1    C N N 1   
6US C5    C Y N 2   
6US C6    C Y N 3   
6US C7    C Y N 4   
6US C8    C Y N 5   
6US C16   C Y N 6   
6US C2    C Y N 7   
6US C3    C N N 8   
6US C12   C Y N 9   
6US C14   C Y N 10  
6US O3P   O N N 11  
6US P     P N N 12  
6US N1P   N N N 13  
6US O2P   O N N 14  
6US "O5'" O N N 15  
6US "C5'" C N N 16  
6US "C4'" C N R 17  
6US "C3'" C N S 18  
6US "O3'" O N N 19  
6US "C2'" C N S 20  
6US "O2'" O N N 21  
6US "C1'" C N R 22  
6US "O4'" O N N 23  
6US N9    N Y N 24  
6US C4    C Y N 25  
6US N7    N Y N 26  
6US N3    N Y N 27  
6US N1    N Y N 28  
6US N6    N N N 29  
6US C9    C Y N 30  
6US N10   N Y N 31  
6US C11   C Y N 32  
6US C13   C Y N 33  
6US C15   C Y N 34  
6US H1    H N N 35  
6US H2    H N N 36  
6US H3    H N N 37  
6US H4    H N N 38  
6US H5    H N N 39  
6US H6    H N N 40  
6US H7    H N N 41  
6US H8    H N N 42  
6US H9    H N N 43  
6US H10   H N N 44  
6US H11   H N N 45  
6US H12   H N N 46  
6US H13   H N N 47  
6US H14   H N N 48  
6US H15   H N N 49  
6US H16   H N N 50  
6US H17   H N N 51  
6US H18   H N N 52  
6US H19   H N N 53  
6US H20   H N N 54  
6US H21   H N N 55  
6US H22   H N N 56  
6US H23   H N N 57  
6US H24   H N N 58  
ALA N     N N N 59  
ALA CA    C N S 60  
ALA C     C N N 61  
ALA O     O N N 62  
ALA CB    C N N 63  
ALA OXT   O N N 64  
ALA H     H N N 65  
ALA H2    H N N 66  
ALA HA    H N N 67  
ALA HB1   H N N 68  
ALA HB2   H N N 69  
ALA HB3   H N N 70  
ALA HXT   H N N 71  
ARG N     N N N 72  
ARG CA    C N S 73  
ARG C     C N N 74  
ARG O     O N N 75  
ARG CB    C N N 76  
ARG CG    C N N 77  
ARG CD    C N N 78  
ARG NE    N N N 79  
ARG CZ    C N N 80  
ARG NH1   N N N 81  
ARG NH2   N N N 82  
ARG OXT   O N N 83  
ARG H     H N N 84  
ARG H2    H N N 85  
ARG HA    H N N 86  
ARG HB2   H N N 87  
ARG HB3   H N N 88  
ARG HG2   H N N 89  
ARG HG3   H N N 90  
ARG HD2   H N N 91  
ARG HD3   H N N 92  
ARG HE    H N N 93  
ARG HH11  H N N 94  
ARG HH12  H N N 95  
ARG HH21  H N N 96  
ARG HH22  H N N 97  
ARG HXT   H N N 98  
ASN N     N N N 99  
ASN CA    C N S 100 
ASN C     C N N 101 
ASN O     O N N 102 
ASN CB    C N N 103 
ASN CG    C N N 104 
ASN OD1   O N N 105 
ASN ND2   N N N 106 
ASN OXT   O N N 107 
ASN H     H N N 108 
ASN H2    H N N 109 
ASN HA    H N N 110 
ASN HB2   H N N 111 
ASN HB3   H N N 112 
ASN HD21  H N N 113 
ASN HD22  H N N 114 
ASN HXT   H N N 115 
ASP N     N N N 116 
ASP CA    C N S 117 
ASP C     C N N 118 
ASP O     O N N 119 
ASP CB    C N N 120 
ASP CG    C N N 121 
ASP OD1   O N N 122 
ASP OD2   O N N 123 
ASP OXT   O N N 124 
ASP H     H N N 125 
ASP H2    H N N 126 
ASP HA    H N N 127 
ASP HB2   H N N 128 
ASP HB3   H N N 129 
ASP HD2   H N N 130 
ASP HXT   H N N 131 
CYS N     N N N 132 
CYS CA    C N R 133 
CYS C     C N N 134 
CYS O     O N N 135 
CYS CB    C N N 136 
CYS SG    S N N 137 
CYS OXT   O N N 138 
CYS H     H N N 139 
CYS H2    H N N 140 
CYS HA    H N N 141 
CYS HB2   H N N 142 
CYS HB3   H N N 143 
CYS HG    H N N 144 
CYS HXT   H N N 145 
GLN N     N N N 146 
GLN CA    C N S 147 
GLN C     C N N 148 
GLN O     O N N 149 
GLN CB    C N N 150 
GLN CG    C N N 151 
GLN CD    C N N 152 
GLN OE1   O N N 153 
GLN NE2   N N N 154 
GLN OXT   O N N 155 
GLN H     H N N 156 
GLN H2    H N N 157 
GLN HA    H N N 158 
GLN HB2   H N N 159 
GLN HB3   H N N 160 
GLN HG2   H N N 161 
GLN HG3   H N N 162 
GLN HE21  H N N 163 
GLN HE22  H N N 164 
GLN HXT   H N N 165 
GLU N     N N N 166 
GLU CA    C N S 167 
GLU C     C N N 168 
GLU O     O N N 169 
GLU CB    C N N 170 
GLU CG    C N N 171 
GLU CD    C N N 172 
GLU OE1   O N N 173 
GLU OE2   O N N 174 
GLU OXT   O N N 175 
GLU H     H N N 176 
GLU H2    H N N 177 
GLU HA    H N N 178 
GLU HB2   H N N 179 
GLU HB3   H N N 180 
GLU HG2   H N N 181 
GLU HG3   H N N 182 
GLU HE2   H N N 183 
GLU HXT   H N N 184 
GLY N     N N N 185 
GLY CA    C N N 186 
GLY C     C N N 187 
GLY O     O N N 188 
GLY OXT   O N N 189 
GLY H     H N N 190 
GLY H2    H N N 191 
GLY HA2   H N N 192 
GLY HA3   H N N 193 
GLY HXT   H N N 194 
HIS N     N N N 195 
HIS CA    C N S 196 
HIS C     C N N 197 
HIS O     O N N 198 
HIS CB    C N N 199 
HIS CG    C Y N 200 
HIS ND1   N Y N 201 
HIS CD2   C Y N 202 
HIS CE1   C Y N 203 
HIS NE2   N Y N 204 
HIS OXT   O N N 205 
HIS H     H N N 206 
HIS H2    H N N 207 
HIS HA    H N N 208 
HIS HB2   H N N 209 
HIS HB3   H N N 210 
HIS HD1   H N N 211 
HIS HD2   H N N 212 
HIS HE1   H N N 213 
HIS HE2   H N N 214 
HIS HXT   H N N 215 
HOH O     O N N 216 
HOH H1    H N N 217 
HOH H2    H N N 218 
ILE N     N N N 219 
ILE CA    C N S 220 
ILE C     C N N 221 
ILE O     O N N 222 
ILE CB    C N S 223 
ILE CG1   C N N 224 
ILE CG2   C N N 225 
ILE CD1   C N N 226 
ILE OXT   O N N 227 
ILE H     H N N 228 
ILE H2    H N N 229 
ILE HA    H N N 230 
ILE HB    H N N 231 
ILE HG12  H N N 232 
ILE HG13  H N N 233 
ILE HG21  H N N 234 
ILE HG22  H N N 235 
ILE HG23  H N N 236 
ILE HD11  H N N 237 
ILE HD12  H N N 238 
ILE HD13  H N N 239 
ILE HXT   H N N 240 
LEU N     N N N 241 
LEU CA    C N S 242 
LEU C     C N N 243 
LEU O     O N N 244 
LEU CB    C N N 245 
LEU CG    C N N 246 
LEU CD1   C N N 247 
LEU CD2   C N N 248 
LEU OXT   O N N 249 
LEU H     H N N 250 
LEU H2    H N N 251 
LEU HA    H N N 252 
LEU HB2   H N N 253 
LEU HB3   H N N 254 
LEU HG    H N N 255 
LEU HD11  H N N 256 
LEU HD12  H N N 257 
LEU HD13  H N N 258 
LEU HD21  H N N 259 
LEU HD22  H N N 260 
LEU HD23  H N N 261 
LEU HXT   H N N 262 
LYS N     N N N 263 
LYS CA    C N S 264 
LYS C     C N N 265 
LYS O     O N N 266 
LYS CB    C N N 267 
LYS CG    C N N 268 
LYS CD    C N N 269 
LYS CE    C N N 270 
LYS NZ    N N N 271 
LYS OXT   O N N 272 
LYS H     H N N 273 
LYS H2    H N N 274 
LYS HA    H N N 275 
LYS HB2   H N N 276 
LYS HB3   H N N 277 
LYS HG2   H N N 278 
LYS HG3   H N N 279 
LYS HD2   H N N 280 
LYS HD3   H N N 281 
LYS HE2   H N N 282 
LYS HE3   H N N 283 
LYS HZ1   H N N 284 
LYS HZ2   H N N 285 
LYS HZ3   H N N 286 
LYS HXT   H N N 287 
MET N     N N N 288 
MET CA    C N S 289 
MET C     C N N 290 
MET O     O N N 291 
MET CB    C N N 292 
MET CG    C N N 293 
MET SD    S N N 294 
MET CE    C N N 295 
MET OXT   O N N 296 
MET H     H N N 297 
MET H2    H N N 298 
MET HA    H N N 299 
MET HB2   H N N 300 
MET HB3   H N N 301 
MET HG2   H N N 302 
MET HG3   H N N 303 
MET HE1   H N N 304 
MET HE2   H N N 305 
MET HE3   H N N 306 
MET HXT   H N N 307 
PHE N     N N N 308 
PHE CA    C N S 309 
PHE C     C N N 310 
PHE O     O N N 311 
PHE CB    C N N 312 
PHE CG    C Y N 313 
PHE CD1   C Y N 314 
PHE CD2   C Y N 315 
PHE CE1   C Y N 316 
PHE CE2   C Y N 317 
PHE CZ    C Y N 318 
PHE OXT   O N N 319 
PHE H     H N N 320 
PHE H2    H N N 321 
PHE HA    H N N 322 
PHE HB2   H N N 323 
PHE HB3   H N N 324 
PHE HD1   H N N 325 
PHE HD2   H N N 326 
PHE HE1   H N N 327 
PHE HE2   H N N 328 
PHE HZ    H N N 329 
PHE HXT   H N N 330 
PRO N     N N N 331 
PRO CA    C N S 332 
PRO C     C N N 333 
PRO O     O N N 334 
PRO CB    C N N 335 
PRO CG    C N N 336 
PRO CD    C N N 337 
PRO OXT   O N N 338 
PRO H     H N N 339 
PRO HA    H N N 340 
PRO HB2   H N N 341 
PRO HB3   H N N 342 
PRO HG2   H N N 343 
PRO HG3   H N N 344 
PRO HD2   H N N 345 
PRO HD3   H N N 346 
PRO HXT   H N N 347 
SER N     N N N 348 
SER CA    C N S 349 
SER C     C N N 350 
SER O     O N N 351 
SER CB    C N N 352 
SER OG    O N N 353 
SER OXT   O N N 354 
SER H     H N N 355 
SER H2    H N N 356 
SER HA    H N N 357 
SER HB2   H N N 358 
SER HB3   H N N 359 
SER HG    H N N 360 
SER HXT   H N N 361 
THR N     N N N 362 
THR CA    C N S 363 
THR C     C N N 364 
THR O     O N N 365 
THR CB    C N R 366 
THR OG1   O N N 367 
THR CG2   C N N 368 
THR OXT   O N N 369 
THR H     H N N 370 
THR H2    H N N 371 
THR HA    H N N 372 
THR HB    H N N 373 
THR HG1   H N N 374 
THR HG21  H N N 375 
THR HG22  H N N 376 
THR HG23  H N N 377 
THR HXT   H N N 378 
TRP N     N N N 379 
TRP CA    C N S 380 
TRP C     C N N 381 
TRP O     O N N 382 
TRP CB    C N N 383 
TRP CG    C Y N 384 
TRP CD1   C Y N 385 
TRP CD2   C Y N 386 
TRP NE1   N Y N 387 
TRP CE2   C Y N 388 
TRP CE3   C Y N 389 
TRP CZ2   C Y N 390 
TRP CZ3   C Y N 391 
TRP CH2   C Y N 392 
TRP OXT   O N N 393 
TRP H     H N N 394 
TRP H2    H N N 395 
TRP HA    H N N 396 
TRP HB2   H N N 397 
TRP HB3   H N N 398 
TRP HD1   H N N 399 
TRP HE1   H N N 400 
TRP HE3   H N N 401 
TRP HZ2   H N N 402 
TRP HZ3   H N N 403 
TRP HH2   H N N 404 
TRP HXT   H N N 405 
TYR N     N N N 406 
TYR CA    C N S 407 
TYR C     C N N 408 
TYR O     O N N 409 
TYR CB    C N N 410 
TYR CG    C Y N 411 
TYR CD1   C Y N 412 
TYR CD2   C Y N 413 
TYR CE1   C Y N 414 
TYR CE2   C Y N 415 
TYR CZ    C Y N 416 
TYR OH    O N N 417 
TYR OXT   O N N 418 
TYR H     H N N 419 
TYR H2    H N N 420 
TYR HA    H N N 421 
TYR HB2   H N N 422 
TYR HB3   H N N 423 
TYR HD1   H N N 424 
TYR HD2   H N N 425 
TYR HE1   H N N 426 
TYR HE2   H N N 427 
TYR HH    H N N 428 
TYR HXT   H N N 429 
VAL N     N N N 430 
VAL CA    C N S 431 
VAL C     C N N 432 
VAL O     O N N 433 
VAL CB    C N N 434 
VAL CG1   C N N 435 
VAL CG2   C N N 436 
VAL OXT   O N N 437 
VAL H     H N N 438 
VAL H2    H N N 439 
VAL HA    H N N 440 
VAL HB    H N N 441 
VAL HG11  H N N 442 
VAL HG12  H N N 443 
VAL HG13  H N N 444 
VAL HG21  H N N 445 
VAL HG22  H N N 446 
VAL HG23  H N N 447 
VAL HXT   H N N 448 
# 
loop_
_chem_comp_bond.comp_id 
_chem_comp_bond.atom_id_1 
_chem_comp_bond.atom_id_2 
_chem_comp_bond.value_order 
_chem_comp_bond.pdbx_aromatic_flag 
_chem_comp_bond.pdbx_stereo_config 
_chem_comp_bond.pdbx_ordinal 
6US C15   C14   doub Y N 1   
6US C15   C16   sing Y N 2   
6US C14   C13   sing Y N 3   
6US C16   C12   doub Y N 4   
6US O2P   P     doub N N 5   
6US C13   C11   doub Y N 6   
6US C12   C11   sing Y N 7   
6US C12   C7    sing Y N 8   
6US C1    C3    sing N N 9   
6US C1    N1P   sing N N 10  
6US C11   N10   sing Y N 11  
6US C3    C7    sing N N 12  
6US P     N1P   sing N N 13  
6US P     "O5'" sing N N 14  
6US P     O3P   sing N N 15  
6US C7    C9    doub Y N 16  
6US "O5'" "C5'" sing N N 17  
6US N10   C9    sing Y N 18  
6US "O3'" "C3'" sing N N 19  
6US "C5'" "C4'" sing N N 20  
6US "C4'" "C3'" sing N N 21  
6US "C4'" "O4'" sing N N 22  
6US "C3'" "C2'" sing N N 23  
6US "O4'" "C1'" sing N N 24  
6US "C2'" "C1'" sing N N 25  
6US "C2'" "O2'" sing N N 26  
6US "C1'" N9    sing N N 27  
6US N3    C4    doub Y N 28  
6US N3    C2    sing Y N 29  
6US N9    C4    sing Y N 30  
6US N9    C8    sing Y N 31  
6US C4    C5    sing Y N 32  
6US C2    N1    doub Y N 33  
6US C8    N7    doub Y N 34  
6US C5    N7    sing Y N 35  
6US C5    C6    doub Y N 36  
6US N1    C6    sing Y N 37  
6US C6    N6    sing N N 38  
6US C1    H1    sing N N 39  
6US C1    H2    sing N N 40  
6US C8    H3    sing N N 41  
6US C16   H4    sing N N 42  
6US C2    H5    sing N N 43  
6US C3    H6    sing N N 44  
6US C3    H7    sing N N 45  
6US C14   H8    sing N N 46  
6US O3P   H9    sing N N 47  
6US N1P   H10   sing N N 48  
6US "C5'" H11   sing N N 49  
6US "C5'" H12   sing N N 50  
6US "C4'" H13   sing N N 51  
6US "C3'" H14   sing N N 52  
6US "O3'" H15   sing N N 53  
6US "C2'" H16   sing N N 54  
6US "O2'" H17   sing N N 55  
6US "C1'" H18   sing N N 56  
6US N6    H19   sing N N 57  
6US N6    H20   sing N N 58  
6US C9    H21   sing N N 59  
6US N10   H22   sing N N 60  
6US C13   H23   sing N N 61  
6US C15   H24   sing N N 62  
ALA N     CA    sing N N 63  
ALA N     H     sing N N 64  
ALA N     H2    sing N N 65  
ALA CA    C     sing N N 66  
ALA CA    CB    sing N N 67  
ALA CA    HA    sing N N 68  
ALA C     O     doub N N 69  
ALA C     OXT   sing N N 70  
ALA CB    HB1   sing N N 71  
ALA CB    HB2   sing N N 72  
ALA CB    HB3   sing N N 73  
ALA OXT   HXT   sing N N 74  
ARG N     CA    sing N N 75  
ARG N     H     sing N N 76  
ARG N     H2    sing N N 77  
ARG CA    C     sing N N 78  
ARG CA    CB    sing N N 79  
ARG CA    HA    sing N N 80  
ARG C     O     doub N N 81  
ARG C     OXT   sing N N 82  
ARG CB    CG    sing N N 83  
ARG CB    HB2   sing N N 84  
ARG CB    HB3   sing N N 85  
ARG CG    CD    sing N N 86  
ARG CG    HG2   sing N N 87  
ARG CG    HG3   sing N N 88  
ARG CD    NE    sing N N 89  
ARG CD    HD2   sing N N 90  
ARG CD    HD3   sing N N 91  
ARG NE    CZ    sing N N 92  
ARG NE    HE    sing N N 93  
ARG CZ    NH1   sing N N 94  
ARG CZ    NH2   doub N N 95  
ARG NH1   HH11  sing N N 96  
ARG NH1   HH12  sing N N 97  
ARG NH2   HH21  sing N N 98  
ARG NH2   HH22  sing N N 99  
ARG OXT   HXT   sing N N 100 
ASN N     CA    sing N N 101 
ASN N     H     sing N N 102 
ASN N     H2    sing N N 103 
ASN CA    C     sing N N 104 
ASN CA    CB    sing N N 105 
ASN CA    HA    sing N N 106 
ASN C     O     doub N N 107 
ASN C     OXT   sing N N 108 
ASN CB    CG    sing N N 109 
ASN CB    HB2   sing N N 110 
ASN CB    HB3   sing N N 111 
ASN CG    OD1   doub N N 112 
ASN CG    ND2   sing N N 113 
ASN ND2   HD21  sing N N 114 
ASN ND2   HD22  sing N N 115 
ASN OXT   HXT   sing N N 116 
ASP N     CA    sing N N 117 
ASP N     H     sing N N 118 
ASP N     H2    sing N N 119 
ASP CA    C     sing N N 120 
ASP CA    CB    sing N N 121 
ASP CA    HA    sing N N 122 
ASP C     O     doub N N 123 
ASP C     OXT   sing N N 124 
ASP CB    CG    sing N N 125 
ASP CB    HB2   sing N N 126 
ASP CB    HB3   sing N N 127 
ASP CG    OD1   doub N N 128 
ASP CG    OD2   sing N N 129 
ASP OD2   HD2   sing N N 130 
ASP OXT   HXT   sing N N 131 
CYS N     CA    sing N N 132 
CYS N     H     sing N N 133 
CYS N     H2    sing N N 134 
CYS CA    C     sing N N 135 
CYS CA    CB    sing N N 136 
CYS CA    HA    sing N N 137 
CYS C     O     doub N N 138 
CYS C     OXT   sing N N 139 
CYS CB    SG    sing N N 140 
CYS CB    HB2   sing N N 141 
CYS CB    HB3   sing N N 142 
CYS SG    HG    sing N N 143 
CYS OXT   HXT   sing N N 144 
GLN N     CA    sing N N 145 
GLN N     H     sing N N 146 
GLN N     H2    sing N N 147 
GLN CA    C     sing N N 148 
GLN CA    CB    sing N N 149 
GLN CA    HA    sing N N 150 
GLN C     O     doub N N 151 
GLN C     OXT   sing N N 152 
GLN CB    CG    sing N N 153 
GLN CB    HB2   sing N N 154 
GLN CB    HB3   sing N N 155 
GLN CG    CD    sing N N 156 
GLN CG    HG2   sing N N 157 
GLN CG    HG3   sing N N 158 
GLN CD    OE1   doub N N 159 
GLN CD    NE2   sing N N 160 
GLN NE2   HE21  sing N N 161 
GLN NE2   HE22  sing N N 162 
GLN OXT   HXT   sing N N 163 
GLU N     CA    sing N N 164 
GLU N     H     sing N N 165 
GLU N     H2    sing N N 166 
GLU CA    C     sing N N 167 
GLU CA    CB    sing N N 168 
GLU CA    HA    sing N N 169 
GLU C     O     doub N N 170 
GLU C     OXT   sing N N 171 
GLU CB    CG    sing N N 172 
GLU CB    HB2   sing N N 173 
GLU CB    HB3   sing N N 174 
GLU CG    CD    sing N N 175 
GLU CG    HG2   sing N N 176 
GLU CG    HG3   sing N N 177 
GLU CD    OE1   doub N N 178 
GLU CD    OE2   sing N N 179 
GLU OE2   HE2   sing N N 180 
GLU OXT   HXT   sing N N 181 
GLY N     CA    sing N N 182 
GLY N     H     sing N N 183 
GLY N     H2    sing N N 184 
GLY CA    C     sing N N 185 
GLY CA    HA2   sing N N 186 
GLY CA    HA3   sing N N 187 
GLY C     O     doub N N 188 
GLY C     OXT   sing N N 189 
GLY OXT   HXT   sing N N 190 
HIS N     CA    sing N N 191 
HIS N     H     sing N N 192 
HIS N     H2    sing N N 193 
HIS CA    C     sing N N 194 
HIS CA    CB    sing N N 195 
HIS CA    HA    sing N N 196 
HIS C     O     doub N N 197 
HIS C     OXT   sing N N 198 
HIS CB    CG    sing N N 199 
HIS CB    HB2   sing N N 200 
HIS CB    HB3   sing N N 201 
HIS CG    ND1   sing Y N 202 
HIS CG    CD2   doub Y N 203 
HIS ND1   CE1   doub Y N 204 
HIS ND1   HD1   sing N N 205 
HIS CD2   NE2   sing Y N 206 
HIS CD2   HD2   sing N N 207 
HIS CE1   NE2   sing Y N 208 
HIS CE1   HE1   sing N N 209 
HIS NE2   HE2   sing N N 210 
HIS OXT   HXT   sing N N 211 
HOH O     H1    sing N N 212 
HOH O     H2    sing N N 213 
ILE N     CA    sing N N 214 
ILE N     H     sing N N 215 
ILE N     H2    sing N N 216 
ILE CA    C     sing N N 217 
ILE CA    CB    sing N N 218 
ILE CA    HA    sing N N 219 
ILE C     O     doub N N 220 
ILE C     OXT   sing N N 221 
ILE CB    CG1   sing N N 222 
ILE CB    CG2   sing N N 223 
ILE CB    HB    sing N N 224 
ILE CG1   CD1   sing N N 225 
ILE CG1   HG12  sing N N 226 
ILE CG1   HG13  sing N N 227 
ILE CG2   HG21  sing N N 228 
ILE CG2   HG22  sing N N 229 
ILE CG2   HG23  sing N N 230 
ILE CD1   HD11  sing N N 231 
ILE CD1   HD12  sing N N 232 
ILE CD1   HD13  sing N N 233 
ILE OXT   HXT   sing N N 234 
LEU N     CA    sing N N 235 
LEU N     H     sing N N 236 
LEU N     H2    sing N N 237 
LEU CA    C     sing N N 238 
LEU CA    CB    sing N N 239 
LEU CA    HA    sing N N 240 
LEU C     O     doub N N 241 
LEU C     OXT   sing N N 242 
LEU CB    CG    sing N N 243 
LEU CB    HB2   sing N N 244 
LEU CB    HB3   sing N N 245 
LEU CG    CD1   sing N N 246 
LEU CG    CD2   sing N N 247 
LEU CG    HG    sing N N 248 
LEU CD1   HD11  sing N N 249 
LEU CD1   HD12  sing N N 250 
LEU CD1   HD13  sing N N 251 
LEU CD2   HD21  sing N N 252 
LEU CD2   HD22  sing N N 253 
LEU CD2   HD23  sing N N 254 
LEU OXT   HXT   sing N N 255 
LYS N     CA    sing N N 256 
LYS N     H     sing N N 257 
LYS N     H2    sing N N 258 
LYS CA    C     sing N N 259 
LYS CA    CB    sing N N 260 
LYS CA    HA    sing N N 261 
LYS C     O     doub N N 262 
LYS C     OXT   sing N N 263 
LYS CB    CG    sing N N 264 
LYS CB    HB2   sing N N 265 
LYS CB    HB3   sing N N 266 
LYS CG    CD    sing N N 267 
LYS CG    HG2   sing N N 268 
LYS CG    HG3   sing N N 269 
LYS CD    CE    sing N N 270 
LYS CD    HD2   sing N N 271 
LYS CD    HD3   sing N N 272 
LYS CE    NZ    sing N N 273 
LYS CE    HE2   sing N N 274 
LYS CE    HE3   sing N N 275 
LYS NZ    HZ1   sing N N 276 
LYS NZ    HZ2   sing N N 277 
LYS NZ    HZ3   sing N N 278 
LYS OXT   HXT   sing N N 279 
MET N     CA    sing N N 280 
MET N     H     sing N N 281 
MET N     H2    sing N N 282 
MET CA    C     sing N N 283 
MET CA    CB    sing N N 284 
MET CA    HA    sing N N 285 
MET C     O     doub N N 286 
MET C     OXT   sing N N 287 
MET CB    CG    sing N N 288 
MET CB    HB2   sing N N 289 
MET CB    HB3   sing N N 290 
MET CG    SD    sing N N 291 
MET CG    HG2   sing N N 292 
MET CG    HG3   sing N N 293 
MET SD    CE    sing N N 294 
MET CE    HE1   sing N N 295 
MET CE    HE2   sing N N 296 
MET CE    HE3   sing N N 297 
MET OXT   HXT   sing N N 298 
PHE N     CA    sing N N 299 
PHE N     H     sing N N 300 
PHE N     H2    sing N N 301 
PHE CA    C     sing N N 302 
PHE CA    CB    sing N N 303 
PHE CA    HA    sing N N 304 
PHE C     O     doub N N 305 
PHE C     OXT   sing N N 306 
PHE CB    CG    sing N N 307 
PHE CB    HB2   sing N N 308 
PHE CB    HB3   sing N N 309 
PHE CG    CD1   doub Y N 310 
PHE CG    CD2   sing Y N 311 
PHE CD1   CE1   sing Y N 312 
PHE CD1   HD1   sing N N 313 
PHE CD2   CE2   doub Y N 314 
PHE CD2   HD2   sing N N 315 
PHE CE1   CZ    doub Y N 316 
PHE CE1   HE1   sing N N 317 
PHE CE2   CZ    sing Y N 318 
PHE CE2   HE2   sing N N 319 
PHE CZ    HZ    sing N N 320 
PHE OXT   HXT   sing N N 321 
PRO N     CA    sing N N 322 
PRO N     CD    sing N N 323 
PRO N     H     sing N N 324 
PRO CA    C     sing N N 325 
PRO CA    CB    sing N N 326 
PRO CA    HA    sing N N 327 
PRO C     O     doub N N 328 
PRO C     OXT   sing N N 329 
PRO CB    CG    sing N N 330 
PRO CB    HB2   sing N N 331 
PRO CB    HB3   sing N N 332 
PRO CG    CD    sing N N 333 
PRO CG    HG2   sing N N 334 
PRO CG    HG3   sing N N 335 
PRO CD    HD2   sing N N 336 
PRO CD    HD3   sing N N 337 
PRO OXT   HXT   sing N N 338 
SER N     CA    sing N N 339 
SER N     H     sing N N 340 
SER N     H2    sing N N 341 
SER CA    C     sing N N 342 
SER CA    CB    sing N N 343 
SER CA    HA    sing N N 344 
SER C     O     doub N N 345 
SER C     OXT   sing N N 346 
SER CB    OG    sing N N 347 
SER CB    HB2   sing N N 348 
SER CB    HB3   sing N N 349 
SER OG    HG    sing N N 350 
SER OXT   HXT   sing N N 351 
THR N     CA    sing N N 352 
THR N     H     sing N N 353 
THR N     H2    sing N N 354 
THR CA    C     sing N N 355 
THR CA    CB    sing N N 356 
THR CA    HA    sing N N 357 
THR C     O     doub N N 358 
THR C     OXT   sing N N 359 
THR CB    OG1   sing N N 360 
THR CB    CG2   sing N N 361 
THR CB    HB    sing N N 362 
THR OG1   HG1   sing N N 363 
THR CG2   HG21  sing N N 364 
THR CG2   HG22  sing N N 365 
THR CG2   HG23  sing N N 366 
THR OXT   HXT   sing N N 367 
TRP N     CA    sing N N 368 
TRP N     H     sing N N 369 
TRP N     H2    sing N N 370 
TRP CA    C     sing N N 371 
TRP CA    CB    sing N N 372 
TRP CA    HA    sing N N 373 
TRP C     O     doub N N 374 
TRP C     OXT   sing N N 375 
TRP CB    CG    sing N N 376 
TRP CB    HB2   sing N N 377 
TRP CB    HB3   sing N N 378 
TRP CG    CD1   doub Y N 379 
TRP CG    CD2   sing Y N 380 
TRP CD1   NE1   sing Y N 381 
TRP CD1   HD1   sing N N 382 
TRP CD2   CE2   doub Y N 383 
TRP CD2   CE3   sing Y N 384 
TRP NE1   CE2   sing Y N 385 
TRP NE1   HE1   sing N N 386 
TRP CE2   CZ2   sing Y N 387 
TRP CE3   CZ3   doub Y N 388 
TRP CE3   HE3   sing N N 389 
TRP CZ2   CH2   doub Y N 390 
TRP CZ2   HZ2   sing N N 391 
TRP CZ3   CH2   sing Y N 392 
TRP CZ3   HZ3   sing N N 393 
TRP CH2   HH2   sing N N 394 
TRP OXT   HXT   sing N N 395 
TYR N     CA    sing N N 396 
TYR N     H     sing N N 397 
TYR N     H2    sing N N 398 
TYR CA    C     sing N N 399 
TYR CA    CB    sing N N 400 
TYR CA    HA    sing N N 401 
TYR C     O     doub N N 402 
TYR C     OXT   sing N N 403 
TYR CB    CG    sing N N 404 
TYR CB    HB2   sing N N 405 
TYR CB    HB3   sing N N 406 
TYR CG    CD1   doub Y N 407 
TYR CG    CD2   sing Y N 408 
TYR CD1   CE1   sing Y N 409 
TYR CD1   HD1   sing N N 410 
TYR CD2   CE2   doub Y N 411 
TYR CD2   HD2   sing N N 412 
TYR CE1   CZ    doub Y N 413 
TYR CE1   HE1   sing N N 414 
TYR CE2   CZ    sing Y N 415 
TYR CE2   HE2   sing N N 416 
TYR CZ    OH    sing N N 417 
TYR OH    HH    sing N N 418 
TYR OXT   HXT   sing N N 419 
VAL N     CA    sing N N 420 
VAL N     H     sing N N 421 
VAL N     H2    sing N N 422 
VAL CA    C     sing N N 423 
VAL CA    CB    sing N N 424 
VAL CA    HA    sing N N 425 
VAL C     O     doub N N 426 
VAL C     OXT   sing N N 427 
VAL CB    CG1   sing N N 428 
VAL CB    CG2   sing N N 429 
VAL CB    HB    sing N N 430 
VAL CG1   HG11  sing N N 431 
VAL CG1   HG12  sing N N 432 
VAL CG1   HG13  sing N N 433 
VAL CG2   HG21  sing N N 434 
VAL CG2   HG22  sing N N 435 
VAL CG2   HG23  sing N N 436 
VAL OXT   HXT   sing N N 437 
# 
loop_
_pdbx_entity_nonpoly.entity_id 
_pdbx_entity_nonpoly.name 
_pdbx_entity_nonpoly.comp_id 
2 
;[(2~{R},3~{S},4~{S},5~{R})-5-(6-aminopurin-9-yl)-3,4-bis(oxidanyl)oxolan-2-yl]methoxy-~{N}-[2-(1~{H}-indol-3-yl)ethyl]phosphonamidic acid
;
6US 
3 water HOH 
# 
_pdbx_initial_refinement_model.id               1 
_pdbx_initial_refinement_model.entity_id_list   ? 
_pdbx_initial_refinement_model.type             'experimental model' 
_pdbx_initial_refinement_model.source_name      PDB 
_pdbx_initial_refinement_model.accession_code   1KPF 
_pdbx_initial_refinement_model.details          ? 
# 
